data_5T03
#
_entry.id   5T03
#
_cell.length_a   75.778
_cell.length_b   128.396
_cell.length_c   179.722
_cell.angle_alpha   90.00
_cell.angle_beta   90.00
_cell.angle_gamma   90.00
#
_symmetry.space_group_name_H-M   'P 21 21 21'
#
loop_
_entity.id
_entity.type
_entity.pdbx_description
1 polymer 'maltose binding protein - heparan sulfate 6-O-sulfotransferase isoform 3 fusion protein'
2 branched '2-deoxy-2-(sulfoamino)-alpha-D-glucopyranose-(1-4)-beta-D-glucopyranuronic acid-(1-4)-2-deoxy-2-(sulfoamino)-alpha-D-glucopyranose-(1-4)-beta-D-glucopyranuronic acid-(1-4)-2-deoxy-2-(sulfoamino)-alpha-D-glucopyranose-(1-4)-beta-D-glucopyranuronic acid'
3 branched alpha-D-glucopyranose-(1-4)-alpha-D-glucopyranose-(1-4)-alpha-D-glucopyranose-(1-4)-alpha-D-glucopyranose
4 non-polymer "ADENOSINE-3'-5'-DIPHOSPHATE"
5 non-polymer P-NITROPHENOL
6 non-polymer 1,2-ETHANEDIOL
7 non-polymer 'CHLORIDE ION'
8 non-polymer 'SODIUM ION'
9 non-polymer 'L(+)-TARTARIC ACID'
10 water water
#
_entity_poly.entity_id   1
_entity_poly.type   'polypeptide(L)'
_entity_poly.pdbx_seq_one_letter_code
;MKIEEGKLVIWINGDKGYNGLAEVGKKFEKDTGIKVTVEHPDKLEEKFPQVAATGDGPDIIFWAHDRFGGYAQSGLLAEI
TPAAAFQDKLYPFTWDAVRYNGKLIAYPIAVEALSLIYNKDLLPNPPKTWEEIPALDKELKAKGKSALMFNLQEPYFTWP
LIAADGGYAFKYAAGKYDIKDVGVDNAGAKAGLTFLVDLIKNKHMNADTDYSIAEAAFNKGETAMTINGPWAWSNIDTSA
VNYGVTVLPTFKGQPSKPFVGVLSAGINAASPNKELAKEFLENYLLTDEGLEAVNKDKPLGAVALKSYEEELAKDPRIAA
TMENAQKGEIMPNIPQMSAFWYAVRTAVINAASGRQTVDAALAAAQTNAAAKFNFTERDLTRDVDFNIKGDDVIVFLHIQ
KTGGTTFGRHLVRNIRLEQPCDCKAGQKKCTCHRPGKQESWLFSRFSTGWSCGLHADWTELTNCVPVIMDKRQPPKRKRN
FYYITMLRDPVSRYLSEWKHVQRGATWKTSLHMCDGRSPTQDELPTCYNGDDWSGVTLHDFMDCPSNLANNRQVRMLADL
SLVGCYNLSTMNESERNPILLASAKSNLKNMAFYGLTEFQRKTQYLFERTFHLRFISAFTQINSTRAANVELRDDMRSRI
EQLNMLDMQLYEFAKDLFLQRYQFVRQRERQEERLKRREERRWIRERRVNQS
;
_entity_poly.pdbx_strand_id   A,B
#
loop_
_chem_comp.id
_chem_comp.type
_chem_comp.name
_chem_comp.formula
A3P RNA linking ADENOSINE-3'-5'-DIPHOSPHATE 'C10 H15 N5 O10 P2'
BDP D-saccharide, beta linking 'beta-D-glucopyranuronic acid' 'C6 H10 O7'
CL non-polymer 'CHLORIDE ION' 'Cl -1'
EDO non-polymer 1,2-ETHANEDIOL 'C2 H6 O2'
GLC D-saccharide, alpha linking alpha-D-glucopyranose 'C6 H12 O6'
GNS D-saccharide, alpha linking 2-deoxy-2-(sulfoamino)-alpha-D-glucopyranose 'C6 H13 N O8 S'
NA non-polymer 'SODIUM ION' 'Na 1'
NPO non-polymer P-NITROPHENOL 'C6 H5 N O3'
TLA non-polymer 'L(+)-TARTARIC ACID' 'C4 H6 O6'
#
# COMPACT_ATOMS: atom_id res chain seq x y z
N ILE A 3 2.60 -34.18 -22.43
CA ILE A 3 4.00 -34.13 -22.00
C ILE A 3 4.46 -35.52 -21.59
N GLU A 4 5.49 -36.03 -22.26
CA GLU A 4 5.98 -37.38 -21.98
C GLU A 4 6.86 -37.38 -20.73
N GLU A 5 6.59 -38.31 -19.83
CA GLU A 5 7.45 -38.51 -18.68
C GLU A 5 8.77 -39.14 -19.12
N GLY A 6 9.83 -38.85 -18.36
CA GLY A 6 11.15 -39.35 -18.68
C GLY A 6 11.88 -38.61 -19.77
N LYS A 7 11.30 -37.53 -20.30
CA LYS A 7 11.93 -36.68 -21.29
C LYS A 7 11.84 -35.23 -20.82
N LEU A 8 12.61 -34.35 -21.47
CA LEU A 8 12.53 -32.92 -21.20
C LEU A 8 12.33 -32.18 -22.52
N VAL A 9 11.29 -31.34 -22.56
CA VAL A 9 11.03 -30.45 -23.70
C VAL A 9 11.17 -29.01 -23.21
N ILE A 10 11.99 -28.24 -23.92
CA ILE A 10 12.37 -26.89 -23.53
C ILE A 10 11.95 -25.93 -24.64
N TRP A 11 11.37 -24.79 -24.24
CA TRP A 11 11.04 -23.71 -25.16
C TRP A 11 11.89 -22.50 -24.86
N ILE A 12 12.52 -21.94 -25.90
CA ILE A 12 13.30 -20.73 -25.74
C ILE A 12 13.14 -19.91 -27.01
N ASN A 13 13.28 -18.59 -26.87
CA ASN A 13 12.99 -17.74 -28.01
C ASN A 13 14.04 -17.91 -29.10
N GLY A 14 13.63 -17.59 -30.34
CA GLY A 14 14.46 -17.82 -31.51
C GLY A 14 15.68 -16.92 -31.62
N ASP A 15 15.78 -15.88 -30.81
CA ASP A 15 16.95 -15.02 -30.83
C ASP A 15 17.98 -15.38 -29.77
N LYS A 16 17.75 -16.44 -29.01
CA LYS A 16 18.67 -16.87 -27.96
C LYS A 16 19.51 -18.05 -28.45
N GLY A 17 20.48 -18.44 -27.61
CA GLY A 17 21.40 -19.49 -28.00
C GLY A 17 20.84 -20.89 -27.86
N TYR A 18 19.88 -21.27 -28.71
CA TYR A 18 19.24 -22.56 -28.52
C TYR A 18 20.11 -23.73 -28.97
N ASN A 19 21.09 -23.50 -29.84
CA ASN A 19 22.02 -24.59 -30.17
C ASN A 19 22.96 -24.87 -29.00
N GLY A 20 23.40 -23.82 -28.30
CA GLY A 20 24.19 -24.03 -27.11
C GLY A 20 23.40 -24.68 -25.99
N LEU A 21 22.14 -24.27 -25.81
CA LEU A 21 21.30 -24.95 -24.84
C LEU A 21 21.16 -26.42 -25.18
N ALA A 22 21.00 -26.73 -26.47
CA ALA A 22 20.94 -28.11 -26.91
C ALA A 22 22.19 -28.88 -26.49
N GLU A 23 23.36 -28.23 -26.55
CA GLU A 23 24.60 -28.89 -26.12
C GLU A 23 24.55 -29.25 -24.65
N VAL A 24 24.08 -28.33 -23.80
CA VAL A 24 23.85 -28.66 -22.40
C VAL A 24 22.87 -29.83 -22.31
N GLY A 25 21.85 -29.85 -23.18
CA GLY A 25 20.92 -30.96 -23.19
C GLY A 25 21.58 -32.28 -23.55
N LYS A 26 22.59 -32.26 -24.42
CA LYS A 26 23.25 -33.50 -24.79
C LYS A 26 24.12 -34.04 -23.66
N LYS A 27 24.78 -33.15 -22.91
CA LYS A 27 25.56 -33.61 -21.77
C LYS A 27 24.67 -34.20 -20.70
N PHE A 28 23.55 -33.55 -20.42
CA PHE A 28 22.56 -34.11 -19.50
C PHE A 28 22.13 -35.50 -19.95
N GLU A 29 21.88 -35.67 -21.25
CA GLU A 29 21.47 -36.96 -21.76
C GLU A 29 22.58 -37.99 -21.61
N LYS A 30 23.83 -37.61 -21.88
CA LYS A 30 24.94 -38.52 -21.67
C LYS A 30 24.97 -39.03 -20.23
N ASP A 31 24.82 -38.12 -19.26
CA ASP A 31 24.97 -38.45 -17.85
C ASP A 31 23.75 -39.13 -17.25
N THR A 32 22.62 -39.16 -17.97
CA THR A 32 21.38 -39.63 -17.37
C THR A 32 20.49 -40.46 -18.29
N GLY A 33 20.76 -40.55 -19.59
CA GLY A 33 19.83 -41.20 -20.49
C GLY A 33 18.53 -40.47 -20.72
N ILE A 34 18.34 -39.30 -20.13
CA ILE A 34 17.14 -38.49 -20.35
C ILE A 34 17.37 -37.61 -21.57
N LYS A 35 16.56 -37.79 -22.60
CA LYS A 35 16.66 -36.92 -23.77
C LYS A 35 16.15 -35.53 -23.43
N VAL A 36 16.79 -34.51 -24.01
CA VAL A 36 16.35 -33.12 -23.89
C VAL A 36 16.12 -32.57 -25.28
N THR A 37 14.89 -32.11 -25.54
CA THR A 37 14.54 -31.50 -26.82
C THR A 37 14.34 -30.01 -26.64
N VAL A 38 15.11 -29.21 -27.37
CA VAL A 38 14.98 -27.76 -27.37
C VAL A 38 14.19 -27.35 -28.58
N GLU A 39 13.19 -26.49 -28.39
CA GLU A 39 12.41 -25.92 -29.49
C GLU A 39 12.34 -24.40 -29.33
N HIS A 40 12.14 -23.71 -30.45
CA HIS A 40 11.96 -22.26 -30.47
C HIS A 40 10.76 -21.90 -31.33
N PRO A 41 9.55 -22.25 -30.89
CA PRO A 41 8.37 -21.91 -31.69
C PRO A 41 8.11 -20.42 -31.67
N ASP A 42 7.46 -19.94 -32.72
CA ASP A 42 7.07 -18.54 -32.77
C ASP A 42 6.01 -18.26 -31.72
N LYS A 43 6.03 -17.03 -31.21
CA LYS A 43 5.05 -16.56 -30.24
C LYS A 43 4.92 -17.54 -29.06
N LEU A 44 6.06 -18.13 -28.65
CA LEU A 44 6.01 -19.12 -27.59
C LEU A 44 5.41 -18.55 -26.31
N GLU A 45 5.58 -17.24 -26.09
CA GLU A 45 5.10 -16.60 -24.88
C GLU A 45 3.61 -16.38 -24.88
N GLU A 46 2.96 -16.45 -26.04
CA GLU A 46 1.51 -16.49 -26.10
C GLU A 46 0.97 -17.91 -26.14
N LYS A 47 1.70 -18.81 -26.80
CA LYS A 47 1.27 -20.21 -26.87
C LYS A 47 1.32 -20.88 -25.52
N PHE A 48 2.34 -20.55 -24.71
CA PHE A 48 2.51 -21.27 -23.45
C PHE A 48 1.27 -21.23 -22.57
N PRO A 49 0.66 -20.06 -22.28
CA PRO A 49 -0.54 -20.09 -21.44
C PRO A 49 -1.73 -20.74 -22.11
N GLN A 50 -1.73 -20.88 -23.43
CA GLN A 50 -2.80 -21.59 -24.10
C GLN A 50 -2.65 -23.11 -23.95
N VAL A 51 -1.42 -23.61 -23.95
CA VAL A 51 -1.20 -25.06 -23.98
C VAL A 51 -0.83 -25.62 -22.62
N ALA A 52 -0.14 -24.82 -21.81
CA ALA A 52 0.15 -25.25 -20.44
C ALA A 52 -1.13 -25.51 -19.66
N ALA A 53 -2.17 -24.71 -19.93
CA ALA A 53 -3.43 -24.88 -19.21
C ALA A 53 -4.14 -26.17 -19.58
N THR A 54 -3.80 -26.78 -20.71
CA THR A 54 -4.17 -28.17 -20.96
C THR A 54 -3.05 -29.06 -20.44
N GLY A 55 -2.74 -30.13 -21.16
CA GLY A 55 -1.68 -31.03 -20.73
C GLY A 55 -0.49 -31.05 -21.67
N ASP A 56 -0.42 -30.09 -22.59
CA ASP A 56 0.69 -30.00 -23.52
C ASP A 56 1.69 -28.96 -23.01
N GLY A 57 2.55 -28.48 -23.91
CA GLY A 57 3.52 -27.48 -23.55
C GLY A 57 4.86 -28.08 -23.19
N PRO A 58 5.86 -27.23 -23.04
CA PRO A 58 7.19 -27.71 -22.65
C PRO A 58 7.27 -28.01 -21.16
N ASP A 59 8.31 -28.75 -20.78
CA ASP A 59 8.58 -28.90 -19.36
C ASP A 59 9.15 -27.63 -18.78
N ILE A 60 9.95 -26.90 -19.56
CA ILE A 60 10.62 -25.69 -19.14
C ILE A 60 10.38 -24.63 -20.20
N ILE A 61 10.05 -23.42 -19.77
CA ILE A 61 9.86 -22.30 -20.68
C ILE A 61 10.83 -21.19 -20.31
N PHE A 62 11.56 -20.70 -21.30
CA PHE A 62 12.44 -19.55 -21.15
C PHE A 62 11.80 -18.30 -21.70
N TRP A 63 11.83 -17.22 -20.92
CA TRP A 63 11.47 -15.90 -21.43
C TRP A 63 12.01 -14.87 -20.44
N ALA A 64 11.98 -13.61 -20.84
CA ALA A 64 12.27 -12.56 -19.87
C ALA A 64 11.24 -12.63 -18.74
N HIS A 65 11.65 -12.21 -17.55
CA HIS A 65 10.83 -12.40 -16.36
C HIS A 65 9.50 -11.67 -16.41
N ASP A 66 9.33 -10.71 -17.33
CA ASP A 66 8.11 -9.90 -17.28
C ASP A 66 6.86 -10.69 -17.62
N ARG A 67 7.00 -11.81 -18.34
CA ARG A 67 5.83 -12.63 -18.65
C ARG A 67 5.43 -13.58 -17.53
N PHE A 68 6.27 -13.78 -16.52
CA PHE A 68 6.07 -14.94 -15.64
C PHE A 68 5.04 -14.71 -14.55
N GLY A 69 4.81 -13.47 -14.15
CA GLY A 69 3.76 -13.23 -13.17
C GLY A 69 2.39 -13.60 -13.70
N GLY A 70 2.11 -13.25 -14.96
CA GLY A 70 0.87 -13.70 -15.59
C GLY A 70 0.73 -15.21 -15.58
N TYR A 71 1.80 -15.93 -15.95
CA TYR A 71 1.75 -17.39 -15.91
C TYR A 71 1.51 -17.88 -14.48
N ALA A 72 2.18 -17.27 -13.50
CA ALA A 72 2.06 -17.75 -12.12
C ALA A 72 0.65 -17.52 -11.59
N GLN A 73 0.09 -16.33 -11.86
CA GLN A 73 -1.26 -16.02 -11.41
C GLN A 73 -2.28 -17.00 -11.98
N SER A 74 -2.01 -17.55 -13.16
CA SER A 74 -2.88 -18.54 -13.77
C SER A 74 -2.57 -19.97 -13.31
N GLY A 75 -1.65 -20.14 -12.37
CA GLY A 75 -1.33 -21.48 -11.88
C GLY A 75 -0.56 -22.34 -12.85
N LEU A 76 0.19 -21.75 -13.76
CA LEU A 76 0.83 -22.52 -14.83
C LEU A 76 2.26 -22.94 -14.49
N LEU A 77 2.81 -22.44 -13.39
CA LEU A 77 4.22 -22.65 -13.07
C LEU A 77 4.36 -23.33 -11.72
N ALA A 78 5.27 -24.28 -11.65
CA ALA A 78 5.66 -24.86 -10.38
C ALA A 78 6.50 -23.87 -9.57
N GLU A 79 6.20 -23.75 -8.29
CA GLU A 79 7.12 -23.03 -7.40
C GLU A 79 8.45 -23.75 -7.41
N ILE A 80 9.53 -22.99 -7.46
CA ILE A 80 10.84 -23.60 -7.48
C ILE A 80 11.41 -23.55 -6.07
N THR A 81 12.13 -24.60 -5.71
CA THR A 81 12.55 -24.84 -4.32
C THR A 81 14.05 -25.09 -4.27
N PRO A 82 14.86 -24.06 -4.55
CA PRO A 82 16.31 -24.24 -4.49
C PRO A 82 16.85 -24.08 -3.08
N ALA A 83 17.75 -24.97 -2.70
CA ALA A 83 18.40 -24.87 -1.40
C ALA A 83 19.06 -23.51 -1.27
N ALA A 84 19.15 -23.03 -0.03
CA ALA A 84 19.84 -21.76 0.20
C ALA A 84 21.26 -21.80 -0.33
N ALA A 85 21.87 -22.98 -0.37
CA ALA A 85 23.20 -23.12 -0.95
C ALA A 85 23.19 -22.71 -2.42
N PHE A 86 22.26 -23.25 -3.21
CA PHE A 86 22.20 -22.87 -4.61
C PHE A 86 21.79 -21.40 -4.78
N GLN A 87 20.82 -20.94 -3.98
CA GLN A 87 20.34 -19.57 -4.12
C GLN A 87 21.46 -18.57 -4.00
N ASP A 88 22.42 -18.82 -3.11
CA ASP A 88 23.52 -17.88 -2.93
C ASP A 88 24.50 -17.89 -4.10
N LYS A 89 24.44 -18.91 -4.96
CA LYS A 89 25.29 -18.91 -6.15
C LYS A 89 24.86 -17.87 -7.18
N LEU A 90 23.63 -17.36 -7.08
CA LEU A 90 23.12 -16.36 -8.01
C LEU A 90 22.96 -15.03 -7.31
N TYR A 91 23.02 -13.96 -8.08
CA TYR A 91 22.85 -12.63 -7.51
C TYR A 91 21.43 -12.46 -6.98
N PRO A 92 21.26 -11.92 -5.77
CA PRO A 92 19.91 -11.77 -5.21
C PRO A 92 19.02 -10.86 -6.05
N PHE A 93 19.59 -9.80 -6.61
CA PHE A 93 19.00 -8.94 -7.63
C PHE A 93 18.15 -9.75 -8.63
N THR A 94 18.66 -10.90 -9.07
CA THR A 94 17.98 -11.66 -10.11
C THR A 94 16.93 -12.61 -9.56
N TRP A 95 17.04 -13.05 -8.31
CA TRP A 95 15.93 -13.78 -7.70
C TRP A 95 14.73 -12.87 -7.48
N ASP A 96 14.97 -11.60 -7.15
CA ASP A 96 13.88 -10.64 -7.04
C ASP A 96 13.05 -10.60 -8.31
N ALA A 97 13.70 -10.63 -9.47
CA ALA A 97 13.00 -10.53 -10.74
C ALA A 97 12.00 -11.67 -10.92
N VAL A 98 12.23 -12.81 -10.26
CA VAL A 98 11.43 -13.99 -10.48
C VAL A 98 10.61 -14.35 -9.24
N ARG A 99 10.39 -13.41 -8.33
CA ARG A 99 9.56 -13.65 -7.17
C ARG A 99 8.19 -13.04 -7.40
N TYR A 100 7.14 -13.84 -7.18
CA TYR A 100 5.78 -13.40 -7.42
C TYR A 100 4.91 -13.82 -6.24
N ASN A 101 4.26 -12.84 -5.61
CA ASN A 101 3.46 -13.07 -4.40
C ASN A 101 4.26 -13.89 -3.38
N GLY A 102 5.49 -13.45 -3.13
CA GLY A 102 6.36 -14.08 -2.16
C GLY A 102 7.09 -15.32 -2.62
N LYS A 103 6.66 -15.94 -3.71
CA LYS A 103 7.20 -17.24 -4.12
C LYS A 103 8.10 -17.11 -5.33
N LEU A 104 9.12 -17.96 -5.39
CA LEU A 104 9.98 -18.05 -6.57
C LEU A 104 9.29 -18.92 -7.61
N ILE A 105 9.14 -18.38 -8.82
CA ILE A 105 8.41 -19.05 -9.88
C ILE A 105 9.26 -19.33 -11.12
N ALA A 106 10.56 -19.01 -11.10
CA ALA A 106 11.45 -19.38 -12.18
C ALA A 106 12.89 -19.24 -11.71
N TYR A 107 13.80 -19.86 -12.48
CA TYR A 107 15.24 -19.70 -12.27
C TYR A 107 15.74 -18.53 -13.09
N PRO A 108 16.40 -17.53 -12.51
CA PRO A 108 16.98 -16.47 -13.32
C PRO A 108 18.26 -16.95 -14.01
N ILE A 109 18.48 -16.44 -15.21
CA ILE A 109 19.58 -16.88 -16.07
C ILE A 109 20.56 -15.76 -16.36
N ALA A 110 20.06 -14.63 -16.85
CA ALA A 110 20.96 -13.58 -17.31
C ALA A 110 20.23 -12.25 -17.36
N VAL A 111 20.98 -11.18 -17.14
CA VAL A 111 20.44 -9.83 -17.19
C VAL A 111 20.66 -9.26 -18.58
N GLU A 112 19.58 -8.76 -19.19
CA GLU A 112 19.59 -8.20 -20.53
C GLU A 112 19.23 -6.73 -20.45
N ALA A 113 20.02 -5.90 -21.13
CA ALA A 113 19.62 -4.52 -21.40
C ALA A 113 20.08 -4.15 -22.79
N LEU A 114 19.34 -3.26 -23.43
CA LEU A 114 19.72 -2.73 -24.73
C LEU A 114 20.90 -1.77 -24.59
N SER A 115 21.72 -1.72 -25.63
CA SER A 115 22.84 -0.79 -25.71
C SER A 115 22.89 -0.18 -27.08
N LEU A 116 23.66 0.90 -27.20
CA LEU A 116 23.95 1.50 -28.49
C LEU A 116 25.12 0.77 -29.13
N ILE A 117 24.94 0.31 -30.36
CA ILE A 117 25.95 -0.45 -31.08
C ILE A 117 26.34 0.36 -32.30
N TYR A 118 27.64 0.55 -32.50
CA TYR A 118 28.09 1.44 -33.56
C TYR A 118 29.23 0.79 -34.34
N ASN A 119 29.33 1.18 -35.61
CA ASN A 119 30.35 0.68 -36.52
C ASN A 119 31.56 1.60 -36.43
N LYS A 120 32.65 1.10 -35.85
CA LYS A 120 33.83 1.94 -35.66
C LYS A 120 34.48 2.35 -36.98
N ASP A 121 34.20 1.66 -38.06
CA ASP A 121 34.76 2.05 -39.36
C ASP A 121 33.97 3.18 -40.02
N LEU A 122 32.80 3.52 -39.49
CA LEU A 122 32.06 4.66 -40.01
C LEU A 122 31.96 5.80 -39.01
N LEU A 123 32.19 5.54 -37.75
CA LEU A 123 31.86 6.46 -36.70
C LEU A 123 32.63 6.02 -35.48
N PRO A 124 33.89 6.44 -35.33
CA PRO A 124 34.72 5.95 -34.22
C PRO A 124 34.36 6.55 -32.87
N ASN A 125 33.59 7.63 -32.85
CA ASN A 125 33.07 8.20 -31.61
C ASN A 125 31.56 8.33 -31.71
N PRO A 126 30.79 7.49 -31.03
CA PRO A 126 29.34 7.54 -31.20
C PRO A 126 28.77 8.76 -30.50
N PRO A 127 27.62 9.26 -30.97
CA PRO A 127 27.02 10.43 -30.34
C PRO A 127 26.58 10.14 -28.91
N LYS A 128 26.65 11.17 -28.08
CA LYS A 128 26.21 11.04 -26.69
C LYS A 128 24.74 11.40 -26.50
N THR A 129 24.14 12.12 -27.44
CA THR A 129 22.76 12.59 -27.32
C THR A 129 21.95 12.16 -28.51
N TRP A 130 20.68 11.84 -28.27
CA TRP A 130 19.74 11.69 -29.38
C TRP A 130 19.70 12.95 -30.22
N GLU A 131 19.82 14.12 -29.58
CA GLU A 131 19.61 15.38 -30.27
C GLU A 131 20.58 15.58 -31.44
N GLU A 132 21.80 15.06 -31.34
CA GLU A 132 22.75 15.26 -32.42
C GLU A 132 22.64 14.23 -33.54
N ILE A 133 21.72 13.28 -33.44
CA ILE A 133 21.60 12.23 -34.45
C ILE A 133 21.11 12.78 -35.80
N PRO A 134 20.14 13.70 -35.86
CA PRO A 134 19.76 14.24 -37.18
C PRO A 134 20.92 14.87 -37.93
N ALA A 135 21.75 15.68 -37.27
CA ALA A 135 22.92 16.24 -37.95
C ALA A 135 23.87 15.15 -38.42
N LEU A 136 24.11 14.15 -37.59
CA LEU A 136 24.99 13.06 -37.99
C LEU A 136 24.45 12.33 -39.23
N ASP A 137 23.15 12.10 -39.27
CA ASP A 137 22.55 11.42 -40.40
C ASP A 137 22.72 12.21 -41.69
N LYS A 138 22.62 13.54 -41.60
CA LYS A 138 22.79 14.36 -42.78
C LYS A 138 24.19 14.19 -43.36
N GLU A 139 25.21 14.23 -42.49
CA GLU A 139 26.57 13.94 -42.93
C GLU A 139 26.66 12.56 -43.56
N LEU A 140 26.11 11.55 -42.90
CA LEU A 140 26.25 10.19 -43.39
C LEU A 140 25.47 9.98 -44.68
N LYS A 141 24.31 10.64 -44.84
CA LYS A 141 23.53 10.44 -46.06
C LYS A 141 24.29 10.94 -47.28
N ALA A 142 25.07 12.00 -47.14
CA ALA A 142 25.91 12.46 -48.25
C ALA A 142 27.01 11.47 -48.60
N LYS A 143 27.30 10.51 -47.73
CA LYS A 143 28.23 9.43 -48.03
C LYS A 143 27.52 8.15 -48.42
N GLY A 144 26.21 8.21 -48.63
CA GLY A 144 25.45 7.02 -48.97
C GLY A 144 25.11 6.09 -47.82
N LYS A 145 25.09 6.59 -46.58
CA LYS A 145 24.81 5.74 -45.43
C LYS A 145 23.86 6.47 -44.48
N SER A 146 23.48 5.80 -43.40
CA SER A 146 22.56 6.40 -42.45
C SER A 146 23.15 6.33 -41.04
N ALA A 147 22.64 7.18 -40.16
CA ALA A 147 23.15 7.22 -38.80
C ALA A 147 22.67 6.02 -37.98
N LEU A 148 21.37 5.71 -38.03
CA LEU A 148 20.79 4.81 -37.04
C LEU A 148 19.60 4.06 -37.64
N MET A 149 19.59 2.74 -37.42
CA MET A 149 18.42 1.91 -37.73
C MET A 149 18.25 0.90 -36.60
N PHE A 150 17.03 0.79 -36.11
CA PHE A 150 16.71 -0.20 -35.09
C PHE A 150 15.23 -0.56 -35.20
N ASN A 151 14.87 -1.66 -34.56
CA ASN A 151 13.51 -2.19 -34.63
C ASN A 151 12.50 -1.20 -34.06
N LEU A 152 11.65 -0.64 -34.92
CA LEU A 152 10.57 0.25 -34.49
C LEU A 152 9.24 -0.47 -34.30
N GLN A 153 9.21 -1.78 -34.50
CA GLN A 153 7.97 -2.53 -34.38
C GLN A 153 7.71 -3.07 -32.98
N GLU A 154 8.75 -3.22 -32.17
CA GLU A 154 8.58 -3.77 -30.83
C GLU A 154 8.86 -2.69 -29.80
N PRO A 155 7.91 -2.40 -28.90
CA PRO A 155 8.10 -1.26 -27.99
C PRO A 155 9.27 -1.42 -27.05
N TYR A 156 9.76 -2.65 -26.86
CA TYR A 156 11.00 -2.86 -26.12
C TYR A 156 12.12 -1.94 -26.60
N PHE A 157 12.22 -1.72 -27.92
CA PHE A 157 13.33 -0.98 -28.49
C PHE A 157 13.11 0.54 -28.46
N THR A 158 11.86 1.00 -28.50
CA THR A 158 11.59 2.43 -28.42
C THR A 158 11.29 2.91 -27.00
N TRP A 159 10.96 2.01 -26.10
CA TRP A 159 10.74 2.40 -24.71
C TRP A 159 11.90 3.17 -24.08
N PRO A 160 13.18 2.87 -24.35
CA PRO A 160 14.24 3.62 -23.66
C PRO A 160 14.16 5.11 -23.87
N LEU A 161 13.82 5.55 -25.09
CA LEU A 161 13.66 6.96 -25.38
C LEU A 161 12.36 7.50 -24.81
N ILE A 162 11.29 6.71 -24.86
CA ILE A 162 10.00 7.17 -24.35
C ILE A 162 10.09 7.39 -22.85
N ALA A 163 10.80 6.50 -22.16
CA ALA A 163 10.93 6.59 -20.71
C ALA A 163 11.91 7.68 -20.28
N ALA A 164 12.78 8.14 -21.18
CA ALA A 164 13.93 8.95 -20.77
C ALA A 164 13.50 10.20 -20.00
N ASP A 165 12.54 10.95 -20.54
CA ASP A 165 12.10 12.22 -19.97
C ASP A 165 10.89 12.06 -19.04
N GLY A 166 10.53 10.83 -18.67
CA GLY A 166 9.49 10.67 -17.66
C GLY A 166 8.45 9.58 -17.88
N GLY A 167 8.39 8.98 -19.06
CA GLY A 167 7.43 7.91 -19.27
C GLY A 167 7.68 6.75 -18.32
N TYR A 168 6.59 6.10 -17.88
CA TYR A 168 6.70 4.90 -17.06
C TYR A 168 5.54 3.98 -17.37
N ALA A 169 5.67 2.73 -16.93
CA ALA A 169 4.62 1.75 -17.16
C ALA A 169 3.56 1.85 -16.07
N PHE A 170 3.83 1.28 -14.91
CA PHE A 170 2.95 1.35 -13.75
C PHE A 170 3.73 2.00 -12.60
N LYS A 171 3.11 2.96 -11.93
CA LYS A 171 3.77 3.62 -10.80
C LYS A 171 4.01 2.63 -9.67
N TYR A 172 5.19 2.68 -9.09
CA TYR A 172 5.51 1.88 -7.91
C TYR A 172 5.35 2.74 -6.67
N ALA A 173 4.48 2.33 -5.77
CA ALA A 173 4.23 3.08 -4.54
C ALA A 173 3.62 2.15 -3.51
N ALA A 174 4.01 2.32 -2.25
CA ALA A 174 3.50 1.52 -1.14
C ALA A 174 3.75 0.03 -1.37
N GLY A 175 4.97 -0.29 -1.79
CA GLY A 175 5.41 -1.66 -1.91
C GLY A 175 4.82 -2.45 -3.07
N LYS A 176 4.08 -1.82 -3.98
CA LYS A 176 3.50 -2.57 -5.09
C LYS A 176 3.32 -1.65 -6.29
N TYR A 177 3.05 -2.28 -7.44
CA TYR A 177 2.78 -1.55 -8.68
C TYR A 177 1.30 -1.22 -8.76
N ASP A 178 1.02 0.06 -8.95
CA ASP A 178 -0.35 0.58 -9.01
C ASP A 178 -0.85 0.38 -10.43
N ILE A 179 -1.71 -0.62 -10.65
CA ILE A 179 -2.09 -0.96 -12.03
C ILE A 179 -3.07 0.03 -12.63
N LYS A 180 -3.47 1.06 -11.90
CA LYS A 180 -4.29 2.13 -12.44
C LYS A 180 -3.51 3.38 -12.74
N ASP A 181 -2.30 3.51 -12.20
CA ASP A 181 -1.42 4.67 -12.44
C ASP A 181 -0.45 4.29 -13.56
N VAL A 182 -0.80 4.64 -14.79
CA VAL A 182 0.00 4.34 -15.97
C VAL A 182 0.62 5.62 -16.47
N GLY A 183 1.87 5.55 -16.88
CA GLY A 183 2.58 6.76 -17.28
C GLY A 183 2.99 6.77 -18.74
N VAL A 184 2.12 6.26 -19.63
CA VAL A 184 2.49 6.22 -21.03
C VAL A 184 2.06 7.45 -21.80
N ASP A 185 1.22 8.31 -21.22
CA ASP A 185 0.86 9.53 -21.93
C ASP A 185 1.21 10.80 -21.16
N ASN A 186 2.18 10.73 -20.23
CA ASN A 186 2.59 11.95 -19.56
C ASN A 186 3.51 12.77 -20.46
N ALA A 187 3.88 13.96 -19.98
CA ALA A 187 4.67 14.87 -20.81
C ALA A 187 5.99 14.22 -21.25
N GLY A 188 6.64 13.48 -20.36
CA GLY A 188 7.89 12.84 -20.72
C GLY A 188 7.73 11.82 -21.83
N ALA A 189 6.73 10.95 -21.71
CA ALA A 189 6.49 9.94 -22.73
C ALA A 189 6.18 10.59 -24.07
N LYS A 190 5.35 11.63 -24.06
CA LYS A 190 5.01 12.35 -25.29
C LYS A 190 6.24 12.98 -25.91
N ALA A 191 7.12 13.56 -25.10
CA ALA A 191 8.33 14.17 -25.61
C ALA A 191 9.24 13.12 -26.26
N GLY A 192 9.41 11.99 -25.59
CA GLY A 192 10.23 10.92 -26.17
C GLY A 192 9.69 10.45 -27.50
N LEU A 193 8.40 10.11 -27.56
CA LEU A 193 7.82 9.61 -28.80
C LEU A 193 7.82 10.67 -29.90
N THR A 194 7.63 11.95 -29.53
CA THR A 194 7.66 13.01 -30.53
C THR A 194 9.03 13.08 -31.19
N PHE A 195 10.10 12.94 -30.41
CA PHE A 195 11.43 12.94 -31.01
C PHE A 195 11.57 11.81 -32.02
N LEU A 196 11.12 10.61 -31.66
CA LEU A 196 11.19 9.49 -32.60
C LEU A 196 10.36 9.78 -33.85
N VAL A 197 9.14 10.29 -33.66
CA VAL A 197 8.29 10.57 -34.81
C VAL A 197 8.92 11.63 -35.69
N ASP A 198 9.59 12.63 -35.09
CA ASP A 198 10.24 13.65 -35.89
C ASP A 198 11.41 13.07 -36.69
N LEU A 199 12.17 12.15 -36.09
CA LEU A 199 13.21 11.45 -36.83
C LEU A 199 12.65 10.83 -38.09
N ILE A 200 11.47 10.22 -37.99
CA ILE A 200 10.87 9.57 -39.15
C ILE A 200 10.36 10.62 -40.14
N LYS A 201 9.66 11.65 -39.64
CA LYS A 201 9.16 12.69 -40.52
C LYS A 201 10.29 13.38 -41.29
N ASN A 202 11.40 13.66 -40.60
CA ASN A 202 12.58 14.23 -41.23
C ASN A 202 13.43 13.19 -41.95
N LYS A 203 12.91 11.97 -42.10
CA LYS A 203 13.48 10.94 -42.97
C LYS A 203 14.86 10.46 -42.51
N HIS A 204 15.13 10.55 -41.20
CA HIS A 204 16.34 9.93 -40.67
C HIS A 204 16.13 8.46 -40.29
N MET A 205 14.88 8.03 -40.18
CA MET A 205 14.52 6.64 -39.96
C MET A 205 13.24 6.36 -40.73
N ASN A 206 12.93 5.08 -40.90
CA ASN A 206 11.76 4.65 -41.64
C ASN A 206 10.82 3.90 -40.70
N ALA A 207 9.53 4.26 -40.74
CA ALA A 207 8.56 3.66 -39.84
C ALA A 207 8.44 2.15 -40.02
N ASP A 208 8.81 1.62 -41.18
CA ASP A 208 8.69 0.19 -41.44
C ASP A 208 9.85 -0.64 -40.92
N THR A 209 10.90 0.00 -40.42
CA THR A 209 12.08 -0.76 -39.99
C THR A 209 11.73 -1.69 -38.83
N ASP A 210 12.03 -2.98 -39.01
CA ASP A 210 11.82 -4.00 -37.98
C ASP A 210 13.18 -4.61 -37.59
N TYR A 211 13.12 -5.69 -36.81
CA TYR A 211 14.34 -6.35 -36.36
C TYR A 211 15.23 -6.72 -37.54
N SER A 212 14.66 -7.44 -38.52
CA SER A 212 15.45 -7.96 -39.64
C SER A 212 16.07 -6.86 -40.47
N ILE A 213 15.29 -5.82 -40.78
CA ILE A 213 15.80 -4.78 -41.65
C ILE A 213 16.93 -4.03 -40.98
N ALA A 214 16.79 -3.74 -39.68
CA ALA A 214 17.85 -3.03 -38.96
C ALA A 214 19.12 -3.85 -38.86
N GLU A 215 18.99 -5.12 -38.45
CA GLU A 215 20.15 -6.00 -38.36
C GLU A 215 20.84 -6.13 -39.71
N ALA A 216 20.07 -6.39 -40.77
CA ALA A 216 20.68 -6.56 -42.10
C ALA A 216 21.48 -5.32 -42.48
N ALA A 217 20.92 -4.14 -42.26
CA ALA A 217 21.58 -2.90 -42.64
C ALA A 217 22.85 -2.68 -41.84
N PHE A 218 22.79 -2.83 -40.50
CA PHE A 218 23.97 -2.62 -39.70
C PHE A 218 25.06 -3.62 -40.07
N ASN A 219 24.69 -4.89 -40.20
CA ASN A 219 25.70 -5.92 -40.44
C ASN A 219 26.28 -5.85 -41.84
N LYS A 220 25.64 -5.11 -42.76
CA LYS A 220 26.19 -4.84 -44.08
C LYS A 220 26.88 -3.48 -44.16
N GLY A 221 27.09 -2.82 -43.03
CA GLY A 221 27.77 -1.53 -43.03
C GLY A 221 27.01 -0.38 -43.67
N GLU A 222 25.69 -0.50 -43.80
CA GLU A 222 24.88 0.56 -44.42
C GLU A 222 24.43 1.62 -43.44
N THR A 223 24.39 1.32 -42.14
CA THR A 223 24.01 2.30 -41.13
C THR A 223 25.04 2.26 -40.02
N ALA A 224 25.34 3.43 -39.46
CA ALA A 224 26.45 3.55 -38.51
C ALA A 224 26.12 2.99 -37.13
N MET A 225 24.84 2.87 -36.77
CA MET A 225 24.48 2.48 -35.42
C MET A 225 23.21 1.66 -35.45
N THR A 226 23.05 0.82 -34.43
CA THR A 226 21.78 0.15 -34.17
C THR A 226 21.59 0.10 -32.66
N ILE A 227 20.39 -0.30 -32.24
CA ILE A 227 20.12 -0.52 -30.83
C ILE A 227 19.68 -1.97 -30.68
N ASN A 228 20.37 -2.71 -29.82
CA ASN A 228 20.06 -4.13 -29.71
C ASN A 228 20.66 -4.68 -28.44
N GLY A 229 20.33 -5.93 -28.17
CA GLY A 229 20.77 -6.60 -26.97
C GLY A 229 21.92 -7.55 -27.19
N PRO A 230 22.42 -8.14 -26.11
CA PRO A 230 23.62 -8.99 -26.21
C PRO A 230 23.48 -10.14 -27.20
N TRP A 231 22.27 -10.69 -27.37
CA TRP A 231 22.09 -11.80 -28.30
C TRP A 231 22.49 -11.42 -29.72
N ALA A 232 22.38 -10.14 -30.07
CA ALA A 232 22.67 -9.68 -31.42
C ALA A 232 24.17 -9.67 -31.74
N TRP A 233 25.04 -9.76 -30.73
CA TRP A 233 26.48 -9.64 -30.97
C TRP A 233 27.01 -10.76 -31.84
N SER A 234 26.40 -11.95 -31.76
CA SER A 234 26.93 -13.09 -32.50
C SER A 234 26.89 -12.86 -33.99
N ASN A 235 25.74 -12.45 -34.53
CA ASN A 235 25.63 -12.23 -35.97
C ASN A 235 26.51 -11.08 -36.43
N ILE A 236 26.69 -10.04 -35.61
CA ILE A 236 27.61 -8.98 -35.97
C ILE A 236 29.03 -9.52 -36.13
N ASP A 237 29.46 -10.37 -35.19
CA ASP A 237 30.76 -11.02 -35.33
C ASP A 237 30.80 -11.90 -36.59
N THR A 238 29.71 -12.61 -36.87
CA THR A 238 29.67 -13.44 -38.07
C THR A 238 29.91 -12.61 -39.32
N SER A 239 29.37 -11.39 -39.37
CA SER A 239 29.57 -10.52 -40.51
C SER A 239 30.88 -9.76 -40.48
N ALA A 240 31.73 -9.98 -39.47
CA ALA A 240 33.05 -9.36 -39.34
C ALA A 240 32.97 -7.83 -39.32
N VAL A 241 31.97 -7.29 -38.62
CA VAL A 241 31.89 -5.86 -38.44
C VAL A 241 32.79 -5.45 -37.28
N ASN A 242 33.45 -4.31 -37.43
CA ASN A 242 34.28 -3.73 -36.37
C ASN A 242 33.38 -2.82 -35.54
N TYR A 243 32.91 -3.31 -34.41
CA TYR A 243 31.83 -2.64 -33.71
C TYR A 243 32.15 -2.44 -32.24
N GLY A 244 31.61 -1.35 -31.70
CA GLY A 244 31.62 -1.13 -30.27
C GLY A 244 30.23 -1.15 -29.68
N VAL A 245 30.15 -1.32 -28.37
CA VAL A 245 28.89 -1.35 -27.63
C VAL A 245 29.03 -0.35 -26.48
N THR A 246 28.09 0.60 -26.40
CA THR A 246 28.26 1.73 -25.50
C THR A 246 26.93 2.15 -24.89
N VAL A 247 26.97 3.22 -24.10
CA VAL A 247 25.78 3.72 -23.41
C VAL A 247 24.83 4.34 -24.42
N LEU A 248 23.52 4.13 -24.22
CA LEU A 248 22.53 4.74 -25.09
C LEU A 248 22.63 6.26 -25.00
N PRO A 249 22.24 6.97 -26.05
CA PRO A 249 22.31 8.43 -26.01
C PRO A 249 21.31 8.99 -25.02
N THR A 250 21.60 10.19 -24.54
CA THR A 250 20.73 10.89 -23.63
C THR A 250 19.68 11.67 -24.42
N PHE A 251 18.57 11.96 -23.75
CA PHE A 251 17.51 12.77 -24.32
C PHE A 251 17.13 13.84 -23.32
N LYS A 252 17.18 15.11 -23.75
CA LYS A 252 17.00 16.25 -22.86
C LYS A 252 17.89 16.13 -21.63
N GLY A 253 19.12 15.70 -21.86
CA GLY A 253 20.11 15.56 -20.81
C GLY A 253 19.91 14.39 -19.86
N GLN A 254 18.93 13.54 -20.09
CA GLN A 254 18.73 12.43 -19.17
C GLN A 254 19.02 11.10 -19.87
N PRO A 255 19.45 10.07 -19.14
CA PRO A 255 19.79 8.81 -19.80
C PRO A 255 18.57 8.14 -20.41
N SER A 256 18.78 7.46 -21.53
CA SER A 256 17.78 6.52 -21.99
C SER A 256 17.61 5.45 -20.93
N LYS A 257 16.36 5.00 -20.73
CA LYS A 257 16.00 4.13 -19.61
C LYS A 257 15.43 2.84 -20.17
N PRO A 258 16.28 1.90 -20.57
CA PRO A 258 15.76 0.63 -21.08
C PRO A 258 15.06 -0.13 -19.99
N PHE A 259 13.99 -0.80 -20.36
CA PHE A 259 13.40 -1.81 -19.48
C PHE A 259 14.33 -3.01 -19.44
N VAL A 260 14.70 -3.43 -18.24
CA VAL A 260 15.73 -4.45 -18.05
C VAL A 260 15.06 -5.80 -17.87
N GLY A 261 15.48 -6.76 -18.67
CA GLY A 261 14.91 -8.10 -18.64
C GLY A 261 15.90 -9.08 -18.04
N VAL A 262 15.38 -10.02 -17.27
CA VAL A 262 16.13 -11.17 -16.76
C VAL A 262 15.61 -12.40 -17.49
N LEU A 263 16.38 -12.92 -18.42
CA LEU A 263 16.04 -14.22 -19.01
C LEU A 263 15.89 -15.24 -17.89
N SER A 264 14.76 -15.95 -17.89
CA SER A 264 14.37 -16.80 -16.77
C SER A 264 13.79 -18.09 -17.29
N ALA A 265 13.95 -19.16 -16.51
CA ALA A 265 13.48 -20.48 -16.88
C ALA A 265 12.43 -20.94 -15.88
N GLY A 266 11.20 -21.09 -16.34
CA GLY A 266 10.13 -21.60 -15.52
C GLY A 266 9.82 -23.06 -15.82
N ILE A 267 9.25 -23.74 -14.84
CA ILE A 267 8.88 -25.15 -14.96
C ILE A 267 7.37 -25.26 -14.99
N ASN A 268 6.86 -25.91 -16.02
CA ASN A 268 5.43 -26.10 -16.19
C ASN A 268 4.84 -26.82 -14.98
N ALA A 269 3.75 -26.27 -14.44
CA ALA A 269 3.08 -26.93 -13.32
C ALA A 269 2.50 -28.28 -13.71
N ALA A 270 2.24 -28.50 -14.99
CA ALA A 270 1.72 -29.77 -15.47
C ALA A 270 2.83 -30.72 -15.89
N SER A 271 4.08 -30.39 -15.63
CA SER A 271 5.19 -31.27 -16.00
C SER A 271 5.26 -32.46 -15.06
N PRO A 272 5.26 -33.68 -15.58
CA PRO A 272 5.60 -34.85 -14.77
C PRO A 272 7.09 -35.02 -14.52
N ASN A 273 7.92 -34.04 -14.89
CA ASN A 273 9.36 -34.19 -14.83
C ASN A 273 10.00 -33.08 -14.03
N LYS A 274 9.32 -32.63 -12.97
CA LYS A 274 9.75 -31.42 -12.27
C LYS A 274 11.11 -31.59 -11.60
N GLU A 275 11.39 -32.78 -11.05
CA GLU A 275 12.68 -32.97 -10.41
C GLU A 275 13.80 -33.00 -11.43
N LEU A 276 13.55 -33.61 -12.61
CA LEU A 276 14.54 -33.58 -13.69
C LEU A 276 14.77 -32.17 -14.20
N ALA A 277 13.69 -31.39 -14.32
CA ALA A 277 13.84 -29.99 -14.76
C ALA A 277 14.71 -29.22 -13.77
N LYS A 278 14.49 -29.42 -12.48
CA LYS A 278 15.32 -28.75 -11.47
C LYS A 278 16.76 -29.22 -11.54
N GLU A 279 16.97 -30.52 -11.77
CA GLU A 279 18.32 -31.05 -11.90
C GLU A 279 19.04 -30.41 -13.08
N PHE A 280 18.41 -30.44 -14.25
CA PHE A 280 18.99 -29.83 -15.43
C PHE A 280 19.35 -28.37 -15.18
N LEU A 281 18.41 -27.59 -14.65
CA LEU A 281 18.63 -26.16 -14.51
C LEU A 281 19.70 -25.85 -13.49
N GLU A 282 19.65 -26.51 -12.32
CA GLU A 282 20.58 -26.18 -11.24
C GLU A 282 21.97 -26.75 -11.48
N ASN A 283 22.06 -27.98 -11.97
CA ASN A 283 23.33 -28.70 -11.99
C ASN A 283 23.98 -28.76 -13.36
N TYR A 284 23.26 -28.38 -14.42
CA TYR A 284 23.81 -28.41 -15.77
C TYR A 284 23.83 -27.04 -16.41
N LEU A 285 22.68 -26.36 -16.50
CA LEU A 285 22.64 -25.06 -17.14
C LEU A 285 23.33 -24.01 -16.28
N LEU A 286 22.88 -23.85 -15.03
CA LEU A 286 23.40 -22.80 -14.15
C LEU A 286 24.74 -23.21 -13.55
N THR A 287 25.69 -23.50 -14.44
CA THR A 287 27.08 -23.74 -14.10
C THR A 287 27.95 -22.97 -15.10
N ASP A 288 29.23 -22.79 -14.73
CA ASP A 288 30.15 -22.13 -15.64
C ASP A 288 30.15 -22.80 -17.01
N GLU A 289 30.10 -24.13 -17.04
CA GLU A 289 30.16 -24.85 -18.31
C GLU A 289 28.86 -24.69 -19.09
N GLY A 290 27.73 -24.86 -18.42
CA GLY A 290 26.45 -24.78 -19.11
C GLY A 290 26.21 -23.39 -19.70
N LEU A 291 26.44 -22.35 -18.91
CA LEU A 291 26.23 -21.00 -19.40
C LEU A 291 27.24 -20.63 -20.48
N GLU A 292 28.47 -21.15 -20.39
CA GLU A 292 29.45 -20.92 -21.45
C GLU A 292 28.97 -21.49 -22.78
N ALA A 293 28.38 -22.68 -22.75
CA ALA A 293 27.83 -23.26 -23.97
C ALA A 293 26.78 -22.35 -24.60
N VAL A 294 25.84 -21.86 -23.79
CA VAL A 294 24.81 -20.98 -24.33
C VAL A 294 25.43 -19.67 -24.79
N ASN A 295 26.31 -19.09 -23.97
CA ASN A 295 26.88 -17.79 -24.25
C ASN A 295 27.70 -17.77 -25.54
N LYS A 296 28.37 -18.90 -25.86
CA LYS A 296 29.18 -18.97 -27.07
C LYS A 296 28.32 -19.01 -28.32
N ASP A 297 27.08 -19.48 -28.18
CA ASP A 297 26.11 -19.46 -29.28
C ASP A 297 25.56 -18.05 -29.47
N LYS A 298 24.75 -17.58 -28.51
CA LYS A 298 24.27 -16.20 -28.48
C LYS A 298 24.55 -15.65 -27.09
N PRO A 299 25.28 -14.54 -26.97
CA PRO A 299 25.64 -14.03 -25.65
C PRO A 299 24.42 -13.70 -24.78
N LEU A 300 24.51 -14.05 -23.51
CA LEU A 300 23.41 -13.88 -22.58
C LEU A 300 23.35 -12.49 -21.97
N GLY A 301 24.45 -11.76 -21.98
CA GLY A 301 24.53 -10.51 -21.25
C GLY A 301 25.34 -10.68 -19.96
N ALA A 302 24.81 -10.14 -18.86
CA ALA A 302 25.40 -10.32 -17.53
C ALA A 302 24.68 -11.48 -16.82
N VAL A 303 25.37 -12.61 -16.71
CA VAL A 303 24.67 -13.81 -16.24
C VAL A 303 24.42 -13.72 -14.74
N ALA A 304 23.47 -14.52 -14.28
CA ALA A 304 23.03 -14.45 -12.89
C ALA A 304 23.94 -15.24 -11.97
N LEU A 305 24.65 -16.23 -12.50
CA LEU A 305 25.57 -17.04 -11.72
C LEU A 305 26.83 -16.23 -11.41
N LYS A 306 27.08 -16.03 -10.12
CA LYS A 306 28.17 -15.14 -9.69
C LYS A 306 29.52 -15.56 -10.28
N SER A 307 29.83 -16.86 -10.22
CA SER A 307 31.13 -17.32 -10.68
C SER A 307 31.37 -16.95 -12.14
N TYR A 308 30.43 -17.29 -13.02
CA TYR A 308 30.66 -17.04 -14.43
C TYR A 308 30.53 -15.57 -14.77
N GLU A 309 29.65 -14.83 -14.08
CA GLU A 309 29.57 -13.38 -14.30
C GLU A 309 30.91 -12.71 -14.01
N GLU A 310 31.58 -13.13 -12.94
CA GLU A 310 32.91 -12.59 -12.63
C GLU A 310 33.88 -12.83 -13.78
N GLU A 311 33.84 -14.04 -14.36
CA GLU A 311 34.77 -14.38 -15.43
C GLU A 311 34.59 -13.49 -16.66
N LEU A 312 33.35 -13.15 -17.00
CA LEU A 312 33.06 -12.38 -18.20
C LEU A 312 33.02 -10.88 -17.96
N ALA A 313 33.02 -10.45 -16.69
CA ALA A 313 32.81 -9.04 -16.36
C ALA A 313 33.78 -8.10 -17.05
N LYS A 314 34.95 -8.59 -17.46
CA LYS A 314 35.92 -7.74 -18.13
C LYS A 314 35.50 -7.37 -19.56
N ASP A 315 34.50 -8.03 -20.12
CA ASP A 315 34.08 -7.73 -21.49
C ASP A 315 33.47 -6.35 -21.54
N PRO A 316 34.05 -5.40 -22.28
CA PRO A 316 33.47 -4.05 -22.36
C PRO A 316 32.08 -4.00 -22.97
N ARG A 317 31.69 -5.00 -23.75
CA ARG A 317 30.31 -5.05 -24.23
C ARG A 317 29.36 -5.33 -23.07
N ILE A 318 29.76 -6.21 -22.15
CA ILE A 318 28.94 -6.47 -20.98
C ILE A 318 28.96 -5.26 -20.04
N ALA A 319 30.12 -4.64 -19.88
CA ALA A 319 30.20 -3.42 -19.09
C ALA A 319 29.21 -2.38 -19.58
N ALA A 320 29.16 -2.18 -20.90
CA ALA A 320 28.17 -1.27 -21.48
C ALA A 320 26.75 -1.76 -21.22
N THR A 321 26.54 -3.08 -21.24
CA THR A 321 25.22 -3.62 -20.93
C THR A 321 24.83 -3.32 -19.48
N MET A 322 25.78 -3.46 -18.55
CA MET A 322 25.49 -3.14 -17.16
C MET A 322 25.26 -1.66 -16.95
N GLU A 323 25.94 -0.81 -17.72
CA GLU A 323 25.75 0.62 -17.56
C GLU A 323 24.37 1.05 -18.03
N ASN A 324 23.87 0.47 -19.13
CA ASN A 324 22.53 0.81 -19.57
C ASN A 324 21.47 0.19 -18.65
N ALA A 325 21.73 -1.00 -18.11
CA ALA A 325 20.81 -1.62 -17.17
C ALA A 325 20.67 -0.82 -15.89
N GLN A 326 21.79 -0.33 -15.33
CA GLN A 326 21.69 0.47 -14.12
C GLN A 326 20.95 1.77 -14.38
N LYS A 327 21.06 2.31 -15.59
CA LYS A 327 20.33 3.53 -15.94
C LYS A 327 18.87 3.26 -16.23
N GLY A 328 18.48 2.02 -16.52
CA GLY A 328 17.11 1.67 -16.80
C GLY A 328 16.39 1.15 -15.58
N GLU A 329 15.25 0.51 -15.82
CA GLU A 329 14.40 -0.03 -14.78
C GLU A 329 14.22 -1.53 -14.98
N ILE A 330 14.30 -2.29 -13.88
CA ILE A 330 13.88 -3.68 -13.92
C ILE A 330 12.41 -3.73 -14.32
N MET A 331 12.06 -4.70 -15.17
CA MET A 331 10.68 -4.81 -15.59
C MET A 331 9.83 -5.36 -14.43
N PRO A 332 8.64 -4.82 -14.22
CA PRO A 332 7.70 -5.51 -13.34
C PRO A 332 7.38 -6.87 -13.92
N ASN A 333 7.04 -7.82 -13.07
CA ASN A 333 6.63 -9.13 -13.56
C ASN A 333 5.12 -9.34 -13.44
N ILE A 334 4.36 -8.28 -13.17
CA ILE A 334 2.94 -8.42 -12.86
C ILE A 334 2.16 -8.85 -14.10
N PRO A 335 0.99 -9.48 -13.93
CA PRO A 335 0.22 -9.95 -15.09
C PRO A 335 -0.11 -8.85 -16.09
N GLN A 336 -0.29 -7.62 -15.62
CA GLN A 336 -0.67 -6.50 -16.47
C GLN A 336 0.45 -6.05 -17.41
N MET A 337 1.65 -6.61 -17.30
CA MET A 337 2.72 -6.18 -18.20
C MET A 337 2.37 -6.47 -19.66
N SER A 338 1.73 -7.61 -19.95
CA SER A 338 1.44 -7.91 -21.34
C SER A 338 0.47 -6.89 -21.93
N ALA A 339 -0.50 -6.42 -21.15
CA ALA A 339 -1.42 -5.40 -21.63
C ALA A 339 -0.72 -4.06 -21.85
N PHE A 340 0.23 -3.73 -20.98
CA PHE A 340 1.05 -2.54 -21.21
C PHE A 340 1.78 -2.64 -22.55
N TRP A 341 2.44 -3.76 -22.79
CA TRP A 341 3.26 -3.89 -23.99
C TRP A 341 2.40 -3.84 -25.23
N TYR A 342 1.29 -4.59 -25.25
CA TYR A 342 0.39 -4.57 -26.39
C TYR A 342 -0.09 -3.14 -26.69
N ALA A 343 -0.39 -2.38 -25.64
CA ALA A 343 -0.91 -1.04 -25.83
C ALA A 343 0.15 -0.13 -26.44
N VAL A 344 1.37 -0.16 -25.89
CA VAL A 344 2.43 0.70 -26.40
C VAL A 344 2.84 0.28 -27.81
N ARG A 345 2.85 -1.03 -28.09
CA ARG A 345 3.19 -1.51 -29.41
C ARG A 345 2.33 -0.83 -30.48
N THR A 346 1.01 -0.86 -30.27
CA THR A 346 0.09 -0.25 -31.23
C THR A 346 0.26 1.25 -31.31
N ALA A 347 0.45 1.92 -30.18
CA ALA A 347 0.56 3.37 -30.19
C ALA A 347 1.80 3.84 -30.95
N VAL A 348 2.95 3.22 -30.69
CA VAL A 348 4.17 3.61 -31.39
C VAL A 348 4.02 3.40 -32.89
N ILE A 349 3.43 2.26 -33.29
CA ILE A 349 3.30 1.98 -34.72
C ILE A 349 2.43 3.03 -35.40
N ASN A 350 1.32 3.38 -34.78
CA ASN A 350 0.41 4.34 -35.41
C ASN A 350 0.97 5.77 -35.37
N ALA A 351 1.63 6.16 -34.28
CA ALA A 351 2.26 7.48 -34.25
C ALA A 351 3.41 7.55 -35.24
N ALA A 352 4.28 6.54 -35.24
CA ALA A 352 5.42 6.53 -36.15
C ALA A 352 4.97 6.58 -37.60
N SER A 353 3.86 5.90 -37.92
CA SER A 353 3.34 5.90 -39.27
C SER A 353 2.79 7.26 -39.71
N GLY A 354 2.57 8.18 -38.78
CA GLY A 354 1.91 9.42 -39.09
C GLY A 354 0.40 9.36 -39.17
N ARG A 355 -0.19 8.17 -39.06
CA ARG A 355 -1.64 8.06 -39.18
C ARG A 355 -2.37 8.60 -37.95
N GLN A 356 -1.68 8.76 -36.83
CA GLN A 356 -2.28 9.30 -35.62
C GLN A 356 -1.23 10.16 -34.93
N THR A 357 -1.66 11.23 -34.28
CA THR A 357 -0.67 12.05 -33.59
C THR A 357 -0.18 11.34 -32.35
N VAL A 358 0.93 11.85 -31.81
CA VAL A 358 1.49 11.29 -30.58
C VAL A 358 0.49 11.39 -29.45
N ASP A 359 -0.16 12.56 -29.28
CA ASP A 359 -1.08 12.75 -28.17
C ASP A 359 -2.25 11.77 -28.22
N ALA A 360 -2.83 11.57 -29.41
CA ALA A 360 -3.96 10.65 -29.54
C ALA A 360 -3.53 9.22 -29.36
N ALA A 361 -2.38 8.84 -29.94
CA ALA A 361 -1.92 7.46 -29.83
C ALA A 361 -1.60 7.10 -28.38
N LEU A 362 -0.91 7.99 -27.66
CA LEU A 362 -0.57 7.68 -26.27
C LEU A 362 -1.78 7.76 -25.36
N ALA A 363 -2.76 8.62 -25.68
CA ALA A 363 -4.01 8.59 -24.93
C ALA A 363 -4.71 7.25 -25.08
N ALA A 364 -4.67 6.67 -26.28
CA ALA A 364 -5.26 5.35 -26.46
C ALA A 364 -4.46 4.29 -25.71
N ALA A 365 -3.12 4.37 -25.76
CA ALA A 365 -2.30 3.40 -25.03
C ALA A 365 -2.57 3.48 -23.53
N GLN A 366 -2.72 4.70 -23.00
CA GLN A 366 -3.06 4.89 -21.60
C GLN A 366 -4.34 4.14 -21.23
N THR A 367 -5.38 4.29 -22.05
CA THR A 367 -6.63 3.59 -21.82
C THR A 367 -6.43 2.08 -21.80
N ASN A 368 -5.71 1.56 -22.80
CA ASN A 368 -5.58 0.11 -22.93
C ASN A 368 -4.68 -0.46 -21.86
N ALA A 369 -3.61 0.25 -21.51
CA ALA A 369 -2.69 -0.28 -20.51
C ALA A 369 -3.33 -0.34 -19.13
N ALA A 370 -4.20 0.61 -18.82
CA ALA A 370 -4.93 0.61 -17.55
C ALA A 370 -6.23 -0.17 -17.62
N ALA A 371 -6.49 -0.85 -18.74
CA ALA A 371 -7.64 -1.74 -18.89
C ALA A 371 -8.95 -1.01 -18.63
N LYS A 372 -9.09 0.17 -19.22
CA LYS A 372 -10.24 1.02 -19.01
C LYS A 372 -11.14 1.00 -20.24
N PHE A 373 -12.40 1.35 -20.04
CA PHE A 373 -13.38 1.45 -21.10
C PHE A 373 -13.99 2.84 -21.06
N ASN A 374 -13.96 3.53 -22.21
CA ASN A 374 -14.60 4.83 -22.31
C ASN A 374 -15.93 4.67 -23.05
N PHE A 375 -16.99 5.18 -22.45
CA PHE A 375 -18.32 5.09 -23.04
C PHE A 375 -18.92 6.49 -23.17
N THR A 376 -19.65 6.73 -24.25
CA THR A 376 -20.30 8.01 -24.43
C THR A 376 -21.57 8.09 -23.59
N GLU A 377 -22.06 9.31 -23.39
CA GLU A 377 -23.29 9.50 -22.63
C GLU A 377 -24.41 8.67 -23.24
N ARG A 378 -24.48 8.64 -24.57
CA ARG A 378 -25.46 7.80 -25.26
C ARG A 378 -25.34 6.34 -24.89
N ASP A 379 -24.12 5.87 -24.61
CA ASP A 379 -23.94 4.46 -24.22
C ASP A 379 -24.55 4.18 -22.86
N LEU A 380 -24.52 5.15 -21.96
CA LEU A 380 -24.99 4.98 -20.60
C LEU A 380 -26.46 5.30 -20.45
N THR A 381 -27.07 5.96 -21.43
CA THR A 381 -28.44 6.41 -21.36
C THR A 381 -29.30 5.43 -22.14
N ARG A 382 -30.16 4.70 -21.43
CA ARG A 382 -31.11 3.78 -22.04
C ARG A 382 -32.47 4.14 -21.47
N ASP A 383 -33.20 4.99 -22.20
N ASP A 383 -33.19 4.98 -22.21
CA ASP A 383 -34.49 5.50 -21.76
CA ASP A 383 -34.48 5.50 -21.78
C ASP A 383 -35.54 5.08 -22.80
C ASP A 383 -35.53 5.07 -22.80
N VAL A 384 -36.41 4.16 -22.40
CA VAL A 384 -37.43 3.62 -23.27
C VAL A 384 -38.80 4.02 -22.73
N ASP A 385 -39.48 4.90 -23.46
CA ASP A 385 -40.91 5.13 -23.23
C ASP A 385 -41.64 3.88 -23.69
N PHE A 386 -41.69 2.88 -22.81
CA PHE A 386 -42.25 1.58 -23.19
C PHE A 386 -43.76 1.69 -23.16
N ASN A 387 -44.38 1.59 -24.32
CA ASN A 387 -45.82 1.73 -24.43
C ASN A 387 -46.43 0.35 -24.63
N ILE A 388 -47.00 -0.20 -23.57
CA ILE A 388 -47.56 -1.54 -23.64
C ILE A 388 -48.85 -1.54 -24.45
N LYS A 389 -49.57 -0.42 -24.48
CA LYS A 389 -50.76 -0.30 -25.31
C LYS A 389 -50.42 -0.08 -26.78
N GLY A 390 -49.18 0.28 -27.09
CA GLY A 390 -48.76 0.55 -28.45
C GLY A 390 -48.33 -0.69 -29.19
N ASP A 391 -47.24 -0.57 -29.97
CA ASP A 391 -46.67 -1.68 -30.71
C ASP A 391 -45.29 -2.08 -30.20
N ASP A 392 -44.88 -1.58 -29.03
CA ASP A 392 -43.60 -1.97 -28.46
C ASP A 392 -43.60 -3.42 -27.99
N VAL A 393 -42.50 -4.13 -28.28
CA VAL A 393 -42.32 -5.51 -27.88
C VAL A 393 -40.95 -5.65 -27.24
N ILE A 394 -40.91 -6.29 -26.07
CA ILE A 394 -39.67 -6.65 -25.41
C ILE A 394 -39.30 -8.07 -25.85
N VAL A 395 -38.06 -8.27 -26.25
CA VAL A 395 -37.57 -9.57 -26.72
C VAL A 395 -36.48 -10.02 -25.77
N PHE A 396 -36.72 -11.11 -25.04
CA PHE A 396 -35.74 -11.61 -24.08
C PHE A 396 -34.94 -12.74 -24.74
N LEU A 397 -33.71 -12.41 -25.10
CA LEU A 397 -32.75 -13.37 -25.64
C LEU A 397 -32.12 -14.12 -24.46
N HIS A 398 -32.46 -15.39 -24.30
CA HIS A 398 -32.02 -16.18 -23.15
C HIS A 398 -30.82 -17.04 -23.56
N ILE A 399 -29.66 -16.71 -23.01
CA ILE A 399 -28.44 -17.49 -23.21
C ILE A 399 -28.36 -18.52 -22.08
N GLN A 400 -28.05 -19.77 -22.44
CA GLN A 400 -28.04 -20.86 -21.47
C GLN A 400 -27.17 -20.54 -20.25
N LYS A 401 -27.76 -20.73 -19.08
CA LYS A 401 -27.06 -20.77 -17.78
C LYS A 401 -26.64 -19.40 -17.32
N THR A 402 -27.36 -18.36 -17.72
CA THR A 402 -27.14 -16.99 -17.24
C THR A 402 -28.18 -16.56 -16.23
N GLY A 403 -28.90 -17.52 -15.65
CA GLY A 403 -30.00 -17.19 -14.76
C GLY A 403 -31.22 -16.70 -15.49
N GLY A 404 -31.45 -17.17 -16.72
CA GLY A 404 -32.59 -16.73 -17.51
C GLY A 404 -33.93 -17.27 -17.08
N THR A 405 -33.96 -18.43 -16.42
CA THR A 405 -35.21 -18.90 -15.82
C THR A 405 -35.69 -17.91 -14.75
N THR A 406 -34.81 -17.57 -13.81
CA THR A 406 -35.14 -16.58 -12.79
C THR A 406 -35.55 -15.26 -13.43
N PHE A 407 -34.75 -14.77 -14.39
CA PHE A 407 -35.07 -13.48 -14.98
C PHE A 407 -36.34 -13.55 -15.80
N GLY A 408 -36.51 -14.62 -16.58
CA GLY A 408 -37.73 -14.76 -17.37
C GLY A 408 -38.98 -14.87 -16.50
N ARG A 409 -38.85 -15.51 -15.33
CA ARG A 409 -39.99 -15.61 -14.43
C ARG A 409 -40.36 -14.25 -13.86
N HIS A 410 -39.35 -13.44 -13.54
CA HIS A 410 -39.60 -12.06 -13.11
C HIS A 410 -40.40 -11.30 -14.15
N LEU A 411 -40.10 -11.51 -15.44
CA LEU A 411 -40.78 -10.76 -16.49
C LEU A 411 -42.26 -11.11 -16.57
N VAL A 412 -42.62 -12.36 -16.32
CA VAL A 412 -44.02 -12.77 -16.48
C VAL A 412 -44.78 -12.83 -15.15
N ARG A 413 -44.09 -12.90 -14.01
CA ARG A 413 -44.76 -13.00 -12.72
C ARG A 413 -44.68 -11.74 -11.87
N ASN A 414 -43.67 -10.89 -12.08
CA ASN A 414 -43.26 -9.97 -11.02
C ASN A 414 -43.35 -8.50 -11.41
N ILE A 415 -43.87 -8.16 -12.57
CA ILE A 415 -43.96 -6.76 -12.98
C ILE A 415 -45.34 -6.23 -12.62
N ARG A 416 -45.37 -5.02 -12.07
CA ARG A 416 -46.60 -4.32 -11.73
C ARG A 416 -47.19 -3.74 -13.02
N LEU A 417 -48.31 -4.30 -13.46
CA LEU A 417 -49.01 -3.83 -14.63
C LEU A 417 -50.50 -3.80 -14.33
N GLU A 418 -51.21 -2.87 -15.00
CA GLU A 418 -52.67 -2.86 -14.93
C GLU A 418 -53.23 -4.22 -15.31
N GLN A 419 -52.82 -4.74 -16.47
CA GLN A 419 -53.14 -6.09 -16.90
C GLN A 419 -51.83 -6.85 -16.95
N PRO A 420 -51.44 -7.52 -15.89
CA PRO A 420 -50.19 -8.29 -15.90
C PRO A 420 -50.37 -9.58 -16.69
N CYS A 421 -49.25 -10.26 -16.91
CA CYS A 421 -49.30 -11.57 -17.52
C CYS A 421 -50.21 -12.48 -16.72
N ASP A 422 -50.96 -13.32 -17.43
CA ASP A 422 -51.89 -14.27 -16.84
C ASP A 422 -51.19 -15.62 -16.77
N CYS A 423 -50.72 -15.99 -15.58
CA CYS A 423 -49.95 -17.21 -15.36
C CYS A 423 -50.84 -18.22 -14.63
N LYS A 424 -51.50 -19.08 -15.38
CA LYS A 424 -52.40 -20.04 -14.75
C LYS A 424 -51.61 -21.07 -13.96
N ALA A 425 -52.14 -21.44 -12.80
CA ALA A 425 -51.45 -22.36 -11.91
C ALA A 425 -51.14 -23.67 -12.62
N GLY A 426 -49.98 -24.23 -12.32
CA GLY A 426 -49.57 -25.49 -12.91
C GLY A 426 -49.42 -25.46 -14.42
N GLN A 427 -49.13 -24.30 -14.99
CA GLN A 427 -48.90 -24.15 -16.42
C GLN A 427 -47.57 -23.44 -16.64
N LYS A 428 -46.86 -23.84 -17.69
CA LYS A 428 -45.50 -23.34 -17.89
C LYS A 428 -45.52 -21.89 -18.37
N LYS A 429 -46.29 -21.60 -19.40
CA LYS A 429 -46.27 -20.27 -20.00
C LYS A 429 -47.32 -19.38 -19.38
N CYS A 430 -47.24 -18.10 -19.69
CA CYS A 430 -48.23 -17.11 -19.31
C CYS A 430 -48.71 -16.40 -20.55
N THR A 431 -49.85 -15.75 -20.42
CA THR A 431 -50.42 -14.93 -21.46
C THR A 431 -50.08 -13.48 -21.12
N CYS A 432 -49.21 -12.87 -21.94
CA CYS A 432 -48.74 -11.51 -21.70
C CYS A 432 -49.28 -10.62 -22.81
N HIS A 433 -50.55 -10.23 -22.69
CA HIS A 433 -51.23 -9.49 -23.75
C HIS A 433 -51.36 -8.02 -23.40
N ARG A 434 -51.47 -7.19 -24.44
CA ARG A 434 -51.77 -5.80 -24.25
C ARG A 434 -53.20 -5.64 -23.75
N PRO A 435 -53.51 -4.56 -23.03
CA PRO A 435 -54.88 -4.35 -22.55
C PRO A 435 -55.91 -4.44 -23.68
N GLY A 436 -56.78 -5.43 -23.58
CA GLY A 436 -57.90 -5.56 -24.49
C GLY A 436 -57.58 -6.14 -25.84
N LYS A 437 -56.41 -6.73 -26.03
CA LYS A 437 -56.03 -7.29 -27.32
C LYS A 437 -55.53 -8.71 -27.14
N GLN A 438 -55.37 -9.41 -28.26
CA GLN A 438 -54.79 -10.74 -28.25
C GLN A 438 -53.33 -10.74 -28.68
N GLU A 439 -52.67 -9.58 -28.59
CA GLU A 439 -51.28 -9.42 -29.01
C GLU A 439 -50.37 -9.39 -27.79
N SER A 440 -49.26 -10.12 -27.87
CA SER A 440 -48.28 -10.15 -26.80
C SER A 440 -47.36 -8.93 -26.84
N TRP A 441 -46.97 -8.45 -25.66
CA TRP A 441 -45.96 -7.41 -25.56
C TRP A 441 -44.59 -7.98 -25.22
N LEU A 442 -44.48 -9.30 -24.98
CA LEU A 442 -43.26 -9.94 -24.54
C LEU A 442 -43.00 -11.18 -25.37
N PHE A 443 -41.86 -11.21 -26.06
CA PHE A 443 -41.39 -12.40 -26.75
C PHE A 443 -40.38 -13.08 -25.82
N SER A 444 -40.72 -14.27 -25.34
CA SER A 444 -39.90 -14.95 -24.33
C SER A 444 -40.35 -16.38 -24.16
N ARG A 445 -39.45 -17.19 -23.60
CA ARG A 445 -39.74 -18.59 -23.32
C ARG A 445 -41.04 -18.78 -22.57
N PHE A 446 -41.30 -17.94 -21.57
CA PHE A 446 -42.45 -18.13 -20.69
C PHE A 446 -43.69 -17.40 -21.16
N SER A 447 -43.64 -16.71 -22.31
CA SER A 447 -44.81 -16.06 -22.86
C SER A 447 -45.15 -16.68 -24.21
N THR A 448 -44.38 -16.35 -25.24
CA THR A 448 -44.61 -16.89 -26.57
C THR A 448 -44.04 -18.29 -26.76
N GLY A 449 -43.14 -18.72 -25.88
CA GLY A 449 -42.47 -19.99 -26.09
C GLY A 449 -41.22 -19.83 -26.94
N TRP A 450 -40.69 -20.97 -27.38
CA TRP A 450 -39.52 -21.00 -28.25
C TRP A 450 -39.91 -20.90 -29.73
N SER A 451 -40.70 -19.89 -30.08
CA SER A 451 -41.31 -19.90 -31.40
C SER A 451 -40.32 -19.61 -32.52
N CYS A 452 -39.13 -19.08 -32.22
CA CYS A 452 -38.08 -18.91 -33.20
C CYS A 452 -36.96 -19.92 -33.04
N GLY A 453 -37.19 -20.97 -32.26
CA GLY A 453 -36.16 -21.95 -31.97
C GLY A 453 -35.77 -21.98 -30.51
N LEU A 454 -35.38 -23.16 -30.03
CA LEU A 454 -34.91 -23.33 -28.66
C LEU A 454 -33.66 -22.50 -28.42
N HIS A 455 -33.71 -21.62 -27.43
CA HIS A 455 -32.60 -20.72 -27.11
C HIS A 455 -32.09 -20.01 -28.38
N ALA A 456 -33.05 -19.48 -29.14
CA ALA A 456 -32.73 -18.69 -30.32
C ALA A 456 -31.77 -17.57 -29.96
N ASP A 457 -30.71 -17.43 -30.76
CA ASP A 457 -29.67 -16.42 -30.51
C ASP A 457 -29.98 -15.14 -31.28
N TRP A 458 -29.04 -14.17 -31.23
CA TRP A 458 -29.28 -12.89 -31.90
C TRP A 458 -29.54 -13.09 -33.38
N THR A 459 -28.77 -13.97 -34.02
CA THR A 459 -28.92 -14.22 -35.46
C THR A 459 -30.30 -14.77 -35.78
N GLU A 460 -30.76 -15.75 -34.99
CA GLU A 460 -32.08 -16.33 -35.23
C GLU A 460 -33.18 -15.35 -34.90
N LEU A 461 -33.09 -14.65 -33.77
CA LEU A 461 -34.20 -13.82 -33.34
C LEU A 461 -34.41 -12.63 -34.26
N THR A 462 -33.33 -11.95 -34.66
CA THR A 462 -33.51 -10.76 -35.47
C THR A 462 -34.04 -11.09 -36.86
N ASN A 463 -33.82 -12.30 -37.33
CA ASN A 463 -34.37 -12.75 -38.61
C ASN A 463 -35.77 -13.35 -38.49
N CYS A 464 -36.22 -13.71 -37.30
CA CYS A 464 -37.49 -14.43 -37.16
C CYS A 464 -38.55 -13.65 -36.40
N VAL A 465 -38.17 -12.91 -35.36
CA VAL A 465 -39.16 -12.22 -34.53
C VAL A 465 -40.04 -11.27 -35.32
N PRO A 466 -39.51 -10.39 -36.19
CA PRO A 466 -40.41 -9.46 -36.89
C PRO A 466 -41.43 -10.17 -37.77
N VAL A 467 -41.04 -11.31 -38.34
CA VAL A 467 -41.96 -12.05 -39.21
C VAL A 467 -43.02 -12.77 -38.39
N ILE A 468 -42.59 -13.49 -37.34
CA ILE A 468 -43.51 -14.37 -36.61
C ILE A 468 -44.47 -13.56 -35.75
N MET A 469 -44.35 -12.23 -35.78
CA MET A 469 -45.29 -11.38 -35.06
C MET A 469 -46.10 -10.47 -35.97
N ASP A 470 -45.89 -10.52 -37.29
CA ASP A 470 -46.66 -9.71 -38.21
C ASP A 470 -46.82 -10.41 -39.56
N ARG A 479 -43.18 -2.51 -35.73
CA ARG A 479 -43.08 -2.50 -34.26
C ARG A 479 -41.71 -2.06 -33.77
N ASN A 480 -41.66 -1.58 -32.54
CA ASN A 480 -40.40 -1.35 -31.84
C ASN A 480 -40.06 -2.57 -31.01
N PHE A 481 -38.95 -3.22 -31.35
CA PHE A 481 -38.46 -4.38 -30.60
C PHE A 481 -37.36 -3.92 -29.65
N TYR A 482 -37.52 -4.21 -28.37
CA TYR A 482 -36.52 -3.87 -27.35
C TYR A 482 -35.89 -5.18 -26.87
N TYR A 483 -34.69 -5.48 -27.37
CA TYR A 483 -33.99 -6.69 -27.02
C TYR A 483 -33.30 -6.55 -25.66
N ILE A 484 -33.39 -7.62 -24.85
CA ILE A 484 -32.73 -7.67 -23.55
C ILE A 484 -32.13 -9.05 -23.34
N THR A 485 -31.13 -9.13 -22.47
CA THR A 485 -30.52 -10.42 -22.16
C THR A 485 -29.85 -10.34 -20.78
N MET A 486 -29.29 -11.47 -20.36
CA MET A 486 -28.49 -11.58 -19.15
C MET A 486 -27.15 -12.20 -19.51
N LEU A 487 -26.11 -11.75 -18.82
CA LEU A 487 -24.75 -12.28 -18.96
C LEU A 487 -24.24 -12.71 -17.59
N ARG A 488 -23.29 -13.65 -17.61
CA ARG A 488 -22.72 -14.24 -16.40
C ARG A 488 -21.22 -14.41 -16.63
N ASP A 489 -20.45 -14.29 -15.57
CA ASP A 489 -19.01 -14.45 -15.73
C ASP A 489 -18.72 -15.81 -16.35
N PRO A 490 -17.87 -15.88 -17.37
CA PRO A 490 -17.84 -17.09 -18.21
C PRO A 490 -17.41 -18.36 -17.49
N VAL A 491 -16.49 -18.30 -16.53
CA VAL A 491 -16.06 -19.53 -15.87
C VAL A 491 -17.23 -20.16 -15.11
N SER A 492 -17.98 -19.34 -14.38
CA SER A 492 -19.19 -19.84 -13.71
C SER A 492 -20.22 -20.34 -14.71
N ARG A 493 -20.45 -19.57 -15.80
CA ARG A 493 -21.43 -19.98 -16.79
C ARG A 493 -21.05 -21.29 -17.44
N TYR A 494 -19.77 -21.45 -17.77
CA TYR A 494 -19.29 -22.68 -18.39
C TYR A 494 -19.42 -23.88 -17.44
N LEU A 495 -19.08 -23.69 -16.16
CA LEU A 495 -19.22 -24.77 -15.20
C LEU A 495 -20.68 -25.13 -14.99
N SER A 496 -21.55 -24.13 -14.90
CA SER A 496 -22.98 -24.37 -14.81
C SER A 496 -23.48 -25.19 -16.00
N GLU A 497 -23.03 -24.85 -17.21
CA GLU A 497 -23.45 -25.62 -18.38
C GLU A 497 -22.89 -27.03 -18.33
N TRP A 498 -21.63 -27.19 -17.92
CA TRP A 498 -21.09 -28.52 -17.77
C TRP A 498 -21.97 -29.37 -16.84
N LYS A 499 -22.28 -28.85 -15.64
CA LYS A 499 -23.08 -29.64 -14.70
C LYS A 499 -24.46 -29.96 -15.27
N HIS A 500 -25.08 -29.01 -15.97
CA HIS A 500 -26.40 -29.26 -16.55
C HIS A 500 -26.34 -30.31 -17.65
N VAL A 501 -25.33 -30.24 -18.52
CA VAL A 501 -25.15 -31.28 -19.54
C VAL A 501 -24.86 -32.61 -18.88
N GLN A 502 -24.03 -32.61 -17.85
CA GLN A 502 -23.73 -33.83 -17.09
C GLN A 502 -25.00 -34.46 -16.52
N ARG A 503 -26.06 -33.68 -16.30
CA ARG A 503 -27.33 -34.21 -15.84
C ARG A 503 -28.40 -34.25 -16.93
N GLY A 504 -28.02 -34.27 -18.20
CA GLY A 504 -28.93 -34.64 -19.27
C GLY A 504 -29.28 -33.55 -20.29
N ALA A 505 -28.93 -32.29 -20.05
CA ALA A 505 -29.26 -31.25 -21.02
C ALA A 505 -28.48 -31.45 -22.32
N THR A 506 -29.16 -31.25 -23.45
CA THR A 506 -28.46 -31.26 -24.74
C THR A 506 -28.80 -30.03 -25.57
N TRP A 507 -30.00 -29.50 -25.38
CA TRP A 507 -30.58 -28.51 -26.29
C TRP A 507 -30.47 -28.97 -27.74
N LYS A 508 -30.60 -30.28 -27.97
CA LYS A 508 -30.33 -30.85 -29.29
C LYS A 508 -31.31 -30.36 -30.37
N THR A 509 -32.47 -29.84 -29.97
CA THR A 509 -33.45 -29.39 -30.94
C THR A 509 -33.29 -27.94 -31.33
N SER A 510 -32.25 -27.26 -30.86
CA SER A 510 -32.02 -25.89 -31.30
C SER A 510 -31.79 -25.90 -32.81
N LEU A 511 -32.33 -24.89 -33.48
CA LEU A 511 -32.22 -24.83 -34.94
C LEU A 511 -30.85 -24.32 -35.40
N HIS A 512 -30.23 -23.40 -34.66
CA HIS A 512 -28.97 -22.78 -35.09
C HIS A 512 -29.07 -22.25 -36.51
N MET A 513 -30.21 -21.66 -36.85
CA MET A 513 -30.40 -21.11 -38.18
C MET A 513 -29.51 -19.90 -38.43
N CYS A 514 -28.96 -19.81 -39.63
CA CYS A 514 -28.08 -18.72 -40.04
C CYS A 514 -27.96 -18.79 -41.55
N ASP A 515 -28.12 -17.66 -42.24
CA ASP A 515 -28.18 -17.64 -43.70
C ASP A 515 -29.23 -18.64 -44.20
N GLY A 516 -30.32 -18.74 -43.46
CA GLY A 516 -31.48 -19.51 -43.87
C GLY A 516 -31.40 -21.01 -43.74
N ARG A 517 -30.34 -21.56 -43.14
CA ARG A 517 -30.31 -23.00 -42.92
C ARG A 517 -29.65 -23.32 -41.59
N SER A 518 -29.99 -24.49 -41.06
CA SER A 518 -29.29 -25.08 -39.94
C SER A 518 -27.95 -25.62 -40.42
N PRO A 519 -26.97 -25.73 -39.53
CA PRO A 519 -25.65 -26.23 -39.95
C PRO A 519 -25.69 -27.71 -40.29
N THR A 520 -24.65 -28.15 -41.00
CA THR A 520 -24.48 -29.56 -41.32
C THR A 520 -23.71 -30.24 -40.19
N GLN A 521 -23.77 -31.57 -40.18
CA GLN A 521 -23.03 -32.33 -39.17
C GLN A 521 -21.54 -32.11 -39.31
N ASP A 522 -21.06 -31.94 -40.55
CA ASP A 522 -19.65 -31.59 -40.73
C ASP A 522 -19.36 -30.21 -40.16
N GLU A 523 -20.30 -29.27 -40.34
CA GLU A 523 -20.08 -27.93 -39.79
C GLU A 523 -20.10 -27.92 -38.28
N LEU A 524 -20.99 -28.71 -37.68
CA LEU A 524 -21.23 -28.69 -36.23
C LEU A 524 -21.34 -30.12 -35.73
N PRO A 525 -20.21 -30.77 -35.44
CA PRO A 525 -20.25 -32.16 -34.99
C PRO A 525 -20.77 -32.24 -33.56
N THR A 526 -21.57 -33.27 -33.30
CA THR A 526 -22.02 -33.55 -31.95
C THR A 526 -20.86 -34.01 -31.09
N CYS A 527 -20.88 -33.64 -29.82
CA CYS A 527 -19.81 -34.00 -28.91
C CYS A 527 -19.98 -35.37 -28.27
N TYR A 528 -21.18 -35.95 -28.33
CA TYR A 528 -21.50 -37.15 -27.57
C TYR A 528 -22.07 -38.22 -28.49
N ASN A 529 -21.81 -39.46 -28.13
CA ASN A 529 -22.54 -40.60 -28.66
C ASN A 529 -23.84 -40.80 -27.89
N GLY A 530 -24.82 -41.35 -28.57
CA GLY A 530 -26.07 -41.66 -27.93
C GLY A 530 -26.98 -40.45 -27.83
N ASP A 531 -27.90 -40.53 -26.87
CA ASP A 531 -28.96 -39.54 -26.76
C ASP A 531 -28.55 -38.30 -25.98
N ASP A 532 -27.48 -38.34 -25.21
CA ASP A 532 -27.05 -37.17 -24.46
C ASP A 532 -25.62 -37.39 -23.98
N TRP A 533 -25.13 -36.45 -23.20
CA TRP A 533 -23.77 -36.46 -22.72
C TRP A 533 -23.73 -36.61 -21.21
N SER A 534 -24.76 -37.25 -20.65
CA SER A 534 -24.89 -37.35 -19.20
C SER A 534 -23.69 -38.06 -18.58
N GLY A 535 -23.30 -37.61 -17.39
CA GLY A 535 -22.17 -38.16 -16.69
C GLY A 535 -20.81 -37.66 -17.13
N VAL A 536 -20.74 -36.76 -18.12
CA VAL A 536 -19.46 -36.33 -18.66
C VAL A 536 -18.61 -35.69 -17.58
N THR A 537 -17.33 -36.04 -17.54
CA THR A 537 -16.38 -35.36 -16.67
C THR A 537 -16.04 -33.98 -17.22
N LEU A 538 -15.55 -33.11 -16.33
CA LEU A 538 -15.15 -31.78 -16.80
C LEU A 538 -14.04 -31.88 -17.83
N HIS A 539 -13.13 -32.85 -17.67
CA HIS A 539 -12.05 -32.99 -18.63
C HIS A 539 -12.57 -33.37 -20.01
N ASP A 540 -13.53 -34.30 -20.09
CA ASP A 540 -14.03 -34.69 -21.40
C ASP A 540 -14.95 -33.61 -21.99
N PHE A 541 -15.66 -32.89 -21.13
CA PHE A 541 -16.41 -31.72 -21.59
C PHE A 541 -15.49 -30.72 -22.29
N MET A 542 -14.38 -30.38 -21.63
CA MET A 542 -13.46 -29.39 -22.17
C MET A 542 -12.75 -29.88 -23.42
N ASP A 543 -12.72 -31.20 -23.63
CA ASP A 543 -11.92 -31.77 -24.69
C ASP A 543 -12.59 -31.80 -26.06
N CYS A 544 -13.90 -31.55 -26.13
CA CYS A 544 -14.60 -31.62 -27.42
C CYS A 544 -14.49 -30.28 -28.16
N PRO A 545 -13.87 -30.24 -29.33
CA PRO A 545 -13.66 -28.94 -30.02
C PRO A 545 -14.93 -28.24 -30.46
N SER A 546 -16.01 -28.98 -30.74
CA SER A 546 -17.24 -28.36 -31.22
C SER A 546 -18.23 -28.09 -30.08
N ASN A 547 -17.76 -28.11 -28.83
CA ASN A 547 -18.63 -27.85 -27.68
C ASN A 547 -19.20 -26.44 -27.75
N LEU A 548 -20.52 -26.34 -27.90
CA LEU A 548 -21.21 -25.06 -27.98
C LEU A 548 -21.16 -24.26 -26.69
N ALA A 549 -20.71 -24.84 -25.56
CA ALA A 549 -20.49 -24.05 -24.36
C ALA A 549 -19.36 -23.04 -24.54
N ASN A 550 -18.39 -23.34 -25.41
CA ASN A 550 -17.23 -22.48 -25.59
C ASN A 550 -17.67 -21.14 -26.18
N ASN A 551 -17.42 -20.06 -25.45
CA ASN A 551 -17.73 -18.71 -25.95
C ASN A 551 -19.20 -18.58 -26.32
N ARG A 552 -20.08 -19.24 -25.55
CA ARG A 552 -21.49 -19.24 -25.90
C ARG A 552 -22.08 -17.83 -25.94
N GLN A 553 -21.66 -16.96 -25.03
CA GLN A 553 -22.29 -15.65 -24.97
C GLN A 553 -21.91 -14.80 -26.17
N VAL A 554 -20.65 -14.80 -26.57
CA VAL A 554 -20.25 -14.09 -27.78
C VAL A 554 -20.96 -14.67 -29.00
N ARG A 555 -20.93 -16.00 -29.14
CA ARG A 555 -21.58 -16.63 -30.29
C ARG A 555 -23.06 -16.26 -30.38
N MET A 556 -23.74 -16.22 -29.24
CA MET A 556 -25.18 -16.02 -29.28
C MET A 556 -25.58 -14.56 -29.37
N LEU A 557 -24.65 -13.63 -29.16
CA LEU A 557 -24.90 -12.21 -29.31
C LEU A 557 -24.40 -11.65 -30.64
N ALA A 558 -23.54 -12.37 -31.34
CA ALA A 558 -22.95 -11.91 -32.58
C ALA A 558 -23.85 -12.24 -33.77
N ASP A 559 -23.68 -11.46 -34.84
CA ASP A 559 -24.28 -11.74 -36.14
C ASP A 559 -23.42 -12.80 -36.83
N LEU A 560 -23.85 -14.06 -36.78
CA LEU A 560 -23.01 -15.16 -37.25
C LEU A 560 -22.88 -15.18 -38.77
N SER A 561 -23.73 -14.48 -39.50
CA SER A 561 -23.51 -14.36 -40.94
C SER A 561 -22.16 -13.72 -41.24
N LEU A 562 -21.66 -12.86 -40.35
CA LEU A 562 -20.42 -12.14 -40.59
C LEU A 562 -19.21 -13.07 -40.70
N VAL A 563 -19.33 -14.31 -40.25
CA VAL A 563 -18.18 -15.21 -40.29
C VAL A 563 -18.51 -16.50 -41.07
N GLY A 564 -19.54 -16.46 -41.89
CA GLY A 564 -19.94 -17.66 -42.61
C GLY A 564 -20.70 -18.66 -41.76
N CYS A 565 -21.53 -18.19 -40.84
CA CYS A 565 -22.37 -19.04 -40.00
C CYS A 565 -21.48 -20.05 -39.28
N TYR A 566 -21.76 -21.35 -39.36
CA TYR A 566 -21.05 -22.34 -38.57
C TYR A 566 -19.94 -23.03 -39.35
N ASN A 567 -19.66 -22.57 -40.56
CA ASN A 567 -18.64 -23.18 -41.41
C ASN A 567 -17.28 -22.61 -41.05
N LEU A 568 -16.51 -23.38 -40.28
CA LEU A 568 -15.24 -22.88 -39.77
C LEU A 568 -14.15 -22.77 -40.83
N SER A 569 -14.37 -23.29 -42.04
CA SER A 569 -13.37 -23.21 -43.09
C SER A 569 -13.47 -21.93 -43.91
N THR A 570 -14.50 -21.11 -43.68
CA THR A 570 -14.70 -19.93 -44.50
C THR A 570 -13.66 -18.85 -44.22
N MET A 571 -13.12 -18.81 -43.00
CA MET A 571 -12.04 -17.88 -42.70
C MET A 571 -11.22 -18.47 -41.58
N ASN A 572 -10.09 -17.84 -41.32
CA ASN A 572 -9.22 -18.27 -40.24
C ASN A 572 -9.73 -17.75 -38.89
N GLU A 573 -9.21 -18.35 -37.83
CA GLU A 573 -9.56 -17.93 -36.48
C GLU A 573 -9.09 -16.51 -36.21
N SER A 574 -7.89 -16.15 -36.68
CA SER A 574 -7.39 -14.79 -36.48
C SER A 574 -8.33 -13.75 -37.07
N GLU A 575 -9.16 -14.13 -38.02
CA GLU A 575 -10.15 -13.24 -38.64
C GLU A 575 -11.53 -13.38 -38.03
N ARG A 576 -11.96 -14.61 -37.75
CA ARG A 576 -13.30 -14.82 -37.21
C ARG A 576 -13.44 -14.30 -35.79
N ASN A 577 -12.42 -14.47 -34.96
CA ASN A 577 -12.54 -14.09 -33.55
C ASN A 577 -12.73 -12.60 -33.33
N PRO A 578 -11.95 -11.69 -33.95
CA PRO A 578 -12.22 -10.27 -33.73
C PRO A 578 -13.56 -9.84 -34.29
N ILE A 579 -14.05 -10.47 -35.35
CA ILE A 579 -15.36 -10.13 -35.89
C ILE A 579 -16.46 -10.52 -34.89
N LEU A 580 -16.41 -11.76 -34.38
CA LEU A 580 -17.41 -12.21 -33.41
C LEU A 580 -17.46 -11.30 -32.19
N LEU A 581 -16.30 -10.96 -31.63
CA LEU A 581 -16.25 -10.14 -30.42
C LEU A 581 -16.81 -8.75 -30.67
N ALA A 582 -16.36 -8.08 -31.75
CA ALA A 582 -16.87 -6.75 -32.04
C ALA A 582 -18.37 -6.79 -32.32
N SER A 583 -18.83 -7.82 -33.03
CA SER A 583 -20.25 -7.92 -33.31
C SER A 583 -21.05 -8.14 -32.02
N ALA A 584 -20.55 -9.00 -31.13
CA ALA A 584 -21.26 -9.23 -29.88
C ALA A 584 -21.27 -7.99 -29.01
N LYS A 585 -20.12 -7.31 -28.88
CA LYS A 585 -20.06 -6.05 -28.14
C LYS A 585 -21.05 -5.04 -28.69
N SER A 586 -21.12 -4.92 -30.01
CA SER A 586 -22.01 -3.92 -30.61
C SER A 586 -23.47 -4.27 -30.38
N ASN A 587 -23.83 -5.52 -30.65
CA ASN A 587 -25.23 -5.92 -30.46
C ASN A 587 -25.63 -5.83 -28.99
N LEU A 588 -24.72 -6.18 -28.09
CA LEU A 588 -25.05 -6.07 -26.67
C LEU A 588 -25.23 -4.61 -26.27
N LYS A 589 -24.27 -3.76 -26.64
CA LYS A 589 -24.30 -2.36 -26.27
C LYS A 589 -25.57 -1.68 -26.77
N ASN A 590 -26.04 -2.06 -27.95
CA ASN A 590 -27.14 -1.38 -28.57
C ASN A 590 -28.50 -1.97 -28.20
N MET A 591 -28.51 -3.04 -27.42
CA MET A 591 -29.75 -3.52 -26.81
C MET A 591 -30.37 -2.47 -25.90
N ALA A 592 -31.67 -2.61 -25.67
CA ALA A 592 -32.36 -1.72 -24.75
C ALA A 592 -31.84 -1.90 -23.32
N PHE A 593 -31.52 -3.13 -22.93
CA PHE A 593 -31.11 -3.40 -21.55
C PHE A 593 -30.44 -4.76 -21.48
N TYR A 594 -29.48 -4.91 -20.57
CA TYR A 594 -29.03 -6.23 -20.17
C TYR A 594 -28.64 -6.19 -18.70
N GLY A 595 -28.69 -7.36 -18.06
CA GLY A 595 -28.29 -7.50 -16.68
C GLY A 595 -27.15 -8.50 -16.56
N LEU A 596 -26.63 -8.60 -15.35
CA LEU A 596 -25.58 -9.55 -15.01
C LEU A 596 -26.04 -10.41 -13.86
N THR A 597 -25.78 -11.71 -13.95
CA THR A 597 -26.29 -12.65 -12.95
C THR A 597 -25.77 -12.33 -11.56
N GLU A 598 -24.53 -11.84 -11.46
CA GLU A 598 -23.91 -11.57 -10.16
C GLU A 598 -24.41 -10.28 -9.53
N PHE A 599 -25.23 -9.49 -10.23
CA PHE A 599 -25.73 -8.22 -9.72
C PHE A 599 -27.26 -8.18 -9.84
N GLN A 600 -27.94 -9.03 -9.08
CA GLN A 600 -29.39 -9.13 -9.21
C GLN A 600 -30.09 -7.81 -8.86
N ARG A 601 -29.66 -7.16 -7.76
CA ARG A 601 -30.32 -5.91 -7.37
C ARG A 601 -30.07 -4.79 -8.37
N LYS A 602 -28.85 -4.68 -8.89
CA LYS A 602 -28.60 -3.63 -9.88
C LYS A 602 -29.34 -3.94 -11.18
N THR A 603 -29.41 -5.22 -11.54
CA THR A 603 -30.18 -5.61 -12.71
C THR A 603 -31.63 -5.15 -12.59
N GLN A 604 -32.27 -5.46 -11.46
CA GLN A 604 -33.65 -5.02 -11.25
C GLN A 604 -33.77 -3.51 -11.38
N TYR A 605 -32.91 -2.78 -10.66
CA TYR A 605 -32.98 -1.32 -10.65
C TYR A 605 -32.85 -0.74 -12.05
N LEU A 606 -31.87 -1.21 -12.82
CA LEU A 606 -31.67 -0.68 -14.16
C LEU A 606 -32.81 -1.06 -15.10
N PHE A 607 -33.32 -2.29 -15.02
CA PHE A 607 -34.49 -2.65 -15.83
C PHE A 607 -35.64 -1.70 -15.54
N GLU A 608 -35.93 -1.50 -14.26
CA GLU A 608 -37.01 -0.61 -13.84
C GLU A 608 -36.83 0.79 -14.39
N ARG A 609 -35.63 1.35 -14.23
CA ARG A 609 -35.38 2.71 -14.68
C ARG A 609 -35.26 2.81 -16.19
N THR A 610 -34.91 1.71 -16.86
CA THR A 610 -34.86 1.74 -18.32
C THR A 610 -36.27 1.76 -18.91
N PHE A 611 -37.14 0.88 -18.42
CA PHE A 611 -38.46 0.69 -19.00
C PHE A 611 -39.57 1.40 -18.25
N HIS A 612 -39.25 2.12 -17.17
CA HIS A 612 -40.26 2.83 -16.38
C HIS A 612 -41.32 1.87 -15.88
N LEU A 613 -40.87 0.82 -15.21
CA LEU A 613 -41.69 -0.24 -14.66
C LEU A 613 -41.19 -0.52 -13.25
N ARG A 614 -41.97 -1.26 -12.48
CA ARG A 614 -41.54 -1.68 -11.14
C ARG A 614 -41.94 -3.12 -10.91
N PHE A 615 -41.05 -3.86 -10.26
CA PHE A 615 -41.34 -5.23 -9.90
C PHE A 615 -42.09 -5.28 -8.57
N ILE A 616 -42.85 -6.36 -8.38
CA ILE A 616 -43.60 -6.53 -7.15
C ILE A 616 -42.65 -6.87 -6.00
N SER A 617 -41.85 -7.91 -6.16
CA SER A 617 -40.93 -8.37 -5.13
C SER A 617 -39.49 -8.15 -5.60
N ALA A 618 -38.64 -7.75 -4.67
CA ALA A 618 -37.23 -7.54 -4.95
C ALA A 618 -36.57 -8.80 -5.48
N PHE A 619 -35.70 -8.62 -6.49
CA PHE A 619 -34.76 -9.64 -6.90
C PHE A 619 -33.87 -10.01 -5.73
N THR A 620 -33.32 -11.23 -5.77
CA THR A 620 -32.44 -11.70 -4.71
C THR A 620 -31.20 -12.35 -5.31
N GLN A 621 -30.10 -12.23 -4.58
CA GLN A 621 -28.81 -12.80 -4.99
C GLN A 621 -28.65 -14.19 -4.39
N ILE A 622 -28.46 -15.20 -5.24
CA ILE A 622 -28.22 -16.57 -4.78
C ILE A 622 -26.74 -16.88 -4.99
N ASN A 623 -25.97 -16.92 -3.90
CA ASN A 623 -24.54 -17.15 -4.05
C ASN A 623 -24.19 -18.63 -4.16
N SER A 624 -24.99 -19.50 -3.54
CA SER A 624 -24.64 -20.93 -3.47
C SER A 624 -25.21 -21.66 -4.69
N THR A 625 -24.61 -21.37 -5.83
CA THR A 625 -24.95 -21.99 -7.11
C THR A 625 -24.18 -23.29 -7.28
N ARG A 626 -24.60 -24.09 -8.27
CA ARG A 626 -23.88 -25.32 -8.56
C ARG A 626 -22.46 -25.01 -9.06
N ALA A 627 -22.30 -23.94 -9.84
CA ALA A 627 -20.96 -23.56 -10.27
C ALA A 627 -20.07 -23.20 -9.09
N ALA A 628 -20.59 -22.37 -8.17
CA ALA A 628 -19.80 -21.99 -7.00
C ALA A 628 -19.32 -23.20 -6.21
N ASN A 629 -20.09 -24.30 -6.24
CA ASN A 629 -19.75 -25.49 -5.47
C ASN A 629 -18.63 -26.32 -6.10
N VAL A 630 -18.31 -26.09 -7.38
CA VAL A 630 -17.21 -26.78 -8.02
C VAL A 630 -15.90 -26.28 -7.44
N GLU A 631 -15.07 -27.21 -6.94
CA GLU A 631 -13.74 -26.87 -6.49
C GLU A 631 -12.81 -26.80 -7.70
N LEU A 632 -12.25 -25.62 -7.97
CA LEU A 632 -11.56 -25.34 -9.23
C LEU A 632 -10.11 -24.98 -8.94
N ARG A 633 -9.19 -25.84 -9.36
CA ARG A 633 -7.78 -25.48 -9.32
C ARG A 633 -7.50 -24.32 -10.27
N ASP A 634 -6.45 -23.55 -9.98
CA ASP A 634 -6.16 -22.37 -10.77
C ASP A 634 -5.81 -22.74 -12.21
N ASP A 635 -5.04 -23.80 -12.40
CA ASP A 635 -4.69 -24.19 -13.77
C ASP A 635 -5.95 -24.54 -14.55
N MET A 636 -6.92 -25.17 -13.91
CA MET A 636 -8.15 -25.54 -14.61
C MET A 636 -9.04 -24.34 -14.85
N ARG A 637 -9.10 -23.40 -13.91
CA ARG A 637 -9.78 -22.14 -14.17
C ARG A 637 -9.17 -21.44 -15.38
N SER A 638 -7.85 -21.47 -15.47
CA SER A 638 -7.16 -20.82 -16.59
C SER A 638 -7.52 -21.49 -17.91
N ARG A 639 -7.61 -22.83 -17.93
N ARG A 639 -7.63 -22.82 -17.90
CA ARG A 639 -8.00 -23.47 -19.19
CA ARG A 639 -8.01 -23.56 -19.11
C ARG A 639 -9.44 -23.15 -19.55
C ARG A 639 -9.44 -23.26 -19.53
N ILE A 640 -10.33 -23.02 -18.57
CA ILE A 640 -11.70 -22.64 -18.90
C ILE A 640 -11.73 -21.22 -19.46
N GLU A 641 -10.95 -20.30 -18.85
CA GLU A 641 -10.83 -18.96 -19.41
C GLU A 641 -10.32 -18.99 -20.85
N GLN A 642 -9.32 -19.84 -21.14
CA GLN A 642 -8.78 -19.91 -22.49
C GLN A 642 -9.80 -20.47 -23.47
N LEU A 643 -10.56 -21.49 -23.08
CA LEU A 643 -11.65 -21.98 -23.93
C LEU A 643 -12.73 -20.93 -24.13
N ASN A 644 -12.81 -19.94 -23.25
CA ASN A 644 -13.86 -18.94 -23.31
C ASN A 644 -13.28 -17.53 -23.43
N MET A 645 -12.17 -17.42 -24.17
CA MET A 645 -11.44 -16.15 -24.16
C MET A 645 -12.24 -15.02 -24.79
N LEU A 646 -13.09 -15.32 -25.77
CA LEU A 646 -13.96 -14.27 -26.31
C LEU A 646 -15.01 -13.85 -25.29
N ASP A 647 -15.63 -14.81 -24.60
CA ASP A 647 -16.57 -14.46 -23.54
C ASP A 647 -15.89 -13.68 -22.42
N MET A 648 -14.65 -14.06 -22.08
CA MET A 648 -13.93 -13.33 -21.03
C MET A 648 -13.81 -11.85 -21.40
N GLN A 649 -13.42 -11.57 -22.64
CA GLN A 649 -13.33 -10.18 -23.09
C GLN A 649 -14.70 -9.51 -23.15
N LEU A 650 -15.72 -10.22 -23.64
CA LEU A 650 -17.04 -9.64 -23.69
C LEU A 650 -17.55 -9.28 -22.30
N TYR A 651 -17.34 -10.20 -21.33
CA TYR A 651 -17.85 -9.96 -19.98
C TYR A 651 -17.13 -8.80 -19.30
N GLU A 652 -15.82 -8.68 -19.51
CA GLU A 652 -15.09 -7.55 -18.93
C GLU A 652 -15.66 -6.23 -19.43
N PHE A 653 -15.90 -6.15 -20.75
CA PHE A 653 -16.60 -5.04 -21.39
C PHE A 653 -18.00 -4.82 -20.81
N ALA A 654 -18.80 -5.89 -20.74
CA ALA A 654 -20.19 -5.75 -20.33
C ALA A 654 -20.31 -5.36 -18.85
N LYS A 655 -19.43 -5.92 -18.02
CA LYS A 655 -19.45 -5.60 -16.60
C LYS A 655 -19.17 -4.11 -16.39
N ASP A 656 -18.16 -3.58 -17.09
CA ASP A 656 -17.78 -2.19 -16.90
C ASP A 656 -18.85 -1.25 -17.43
N LEU A 657 -19.42 -1.56 -18.59
CA LEU A 657 -20.54 -0.78 -19.11
C LEU A 657 -21.74 -0.83 -18.16
N PHE A 658 -22.07 -2.04 -17.70
CA PHE A 658 -23.20 -2.22 -16.77
C PHE A 658 -22.99 -1.40 -15.51
N LEU A 659 -21.80 -1.47 -14.92
CA LEU A 659 -21.55 -0.75 -13.68
C LEU A 659 -21.52 0.76 -13.91
N GLN A 660 -20.98 1.20 -15.05
CA GLN A 660 -21.06 2.63 -15.37
C GLN A 660 -22.50 3.06 -15.64
N ARG A 661 -23.32 2.18 -16.22
CA ARG A 661 -24.73 2.53 -16.39
C ARG A 661 -25.43 2.68 -15.03
N TYR A 662 -25.17 1.74 -14.12
CA TYR A 662 -25.80 1.82 -12.80
C TYR A 662 -25.44 3.12 -12.10
N GLN A 663 -24.15 3.46 -12.07
CA GLN A 663 -23.73 4.67 -11.36
C GLN A 663 -24.30 5.93 -12.02
N PHE A 664 -24.35 5.94 -13.35
CA PHE A 664 -24.93 7.06 -14.08
C PHE A 664 -26.40 7.25 -13.72
N VAL A 665 -27.18 6.17 -13.77
CA VAL A 665 -28.62 6.28 -13.52
C VAL A 665 -28.90 6.63 -12.07
N ARG A 666 -28.16 6.02 -11.14
CA ARG A 666 -28.35 6.31 -9.72
C ARG A 666 -28.04 7.78 -9.41
N GLN A 667 -26.93 8.29 -9.95
CA GLN A 667 -26.54 9.66 -9.65
C GLN A 667 -27.52 10.66 -10.25
N ARG A 668 -28.02 10.38 -11.45
CA ARG A 668 -29.04 11.24 -12.03
C ARG A 668 -30.28 11.26 -11.17
N GLU A 669 -30.73 10.09 -10.72
CA GLU A 669 -31.93 9.99 -9.90
C GLU A 669 -31.73 10.66 -8.54
N ARG A 670 -30.54 10.52 -7.95
CA ARG A 670 -30.27 11.20 -6.68
C ARG A 670 -30.25 12.71 -6.84
N GLN A 671 -29.76 13.20 -7.98
CA GLN A 671 -29.77 14.65 -8.21
C GLN A 671 -31.18 15.16 -8.45
N GLU A 672 -32.03 14.37 -9.12
CA GLU A 672 -33.40 14.80 -9.35
C GLU A 672 -34.17 14.91 -8.03
N GLU A 673 -34.02 13.93 -7.14
CA GLU A 673 -34.69 14.00 -5.84
C GLU A 673 -34.28 15.25 -5.08
N ARG A 674 -32.97 15.53 -5.05
CA ARG A 674 -32.47 16.73 -4.37
C ARG A 674 -33.11 18.00 -4.93
N LEU A 675 -33.16 18.12 -6.26
CA LEU A 675 -33.77 19.29 -6.87
C LEU A 675 -35.22 19.46 -6.42
N LYS A 676 -35.97 18.35 -6.38
CA LYS A 676 -37.33 18.41 -5.87
C LYS A 676 -37.35 19.02 -4.47
N ARG A 677 -36.48 18.54 -3.58
CA ARG A 677 -36.39 19.10 -2.24
C ARG A 677 -36.02 20.58 -2.29
N ARG A 678 -34.97 20.93 -3.04
CA ARG A 678 -34.53 22.32 -3.17
C ARG A 678 -35.52 23.22 -3.93
N GLU A 679 -36.74 22.76 -4.20
CA GLU A 679 -37.79 23.59 -4.81
C GLU A 679 -39.07 23.49 -4.00
N GLU A 680 -38.96 23.22 -2.70
CA GLU A 680 -40.12 23.16 -1.82
C GLU A 680 -39.69 23.36 -0.37
N ILE B 3 8.07 26.03 -6.85
CA ILE B 3 6.75 25.94 -7.49
C ILE B 3 6.76 26.75 -8.78
N GLU B 4 5.95 26.33 -9.74
CA GLU B 4 5.90 26.97 -11.06
C GLU B 4 4.71 27.93 -11.11
N GLU B 5 4.98 29.20 -11.41
CA GLU B 5 3.94 30.21 -11.43
C GLU B 5 3.08 30.06 -12.69
N GLY B 6 1.83 30.49 -12.59
CA GLY B 6 0.90 30.43 -13.70
C GLY B 6 0.11 29.15 -13.82
N LYS B 7 0.38 28.17 -12.97
CA LYS B 7 -0.33 26.89 -12.97
C LYS B 7 -0.55 26.45 -11.53
N LEU B 8 -1.45 25.50 -11.34
CA LEU B 8 -1.77 24.99 -10.01
C LEU B 8 -1.40 23.51 -9.91
N VAL B 9 -0.72 23.15 -8.82
CA VAL B 9 -0.34 21.77 -8.54
C VAL B 9 -0.94 21.40 -7.20
N ILE B 10 -1.67 20.28 -7.17
CA ILE B 10 -2.49 19.90 -6.03
C ILE B 10 -2.10 18.50 -5.59
N TRP B 11 -1.91 18.32 -4.27
CA TRP B 11 -1.67 17.02 -3.67
C TRP B 11 -2.85 16.60 -2.82
N ILE B 12 -3.25 15.35 -2.96
CA ILE B 12 -4.39 14.82 -2.21
C ILE B 12 -4.24 13.31 -2.14
N ASN B 13 -4.59 12.74 -0.99
CA ASN B 13 -4.35 11.33 -0.73
C ASN B 13 -5.03 10.46 -1.80
N GLY B 14 -4.51 9.24 -1.94
CA GLY B 14 -5.01 8.33 -2.97
C GLY B 14 -6.36 7.71 -2.68
N ASP B 15 -6.86 7.79 -1.45
CA ASP B 15 -8.16 7.23 -1.14
C ASP B 15 -9.31 8.23 -1.30
N LYS B 16 -9.02 9.45 -1.73
CA LYS B 16 -10.05 10.47 -1.92
C LYS B 16 -10.38 10.61 -3.41
N GLY B 17 -11.42 11.38 -3.68
CA GLY B 17 -11.91 11.53 -5.05
C GLY B 17 -11.07 12.41 -5.96
N TYR B 18 -9.83 12.00 -6.23
CA TYR B 18 -8.95 12.88 -6.99
C TYR B 18 -9.35 13.00 -8.45
N ASN B 19 -10.12 12.06 -8.99
CA ASN B 19 -10.57 12.22 -10.37
C ASN B 19 -11.71 13.23 -10.46
N GLY B 20 -12.63 13.22 -9.50
CA GLY B 20 -13.62 14.28 -9.42
C GLY B 20 -12.96 15.64 -9.27
N LEU B 21 -11.93 15.73 -8.43
CA LEU B 21 -11.23 16.99 -8.23
C LEU B 21 -10.61 17.48 -9.54
N ALA B 22 -9.99 16.58 -10.29
CA ALA B 22 -9.42 16.96 -11.59
C ALA B 22 -10.50 17.50 -12.52
N GLU B 23 -11.71 16.93 -12.44
CA GLU B 23 -12.83 17.49 -13.19
C GLU B 23 -13.08 18.94 -12.81
N VAL B 24 -12.94 19.27 -11.53
CA VAL B 24 -13.06 20.67 -11.12
C VAL B 24 -11.90 21.49 -11.67
N GLY B 25 -10.71 20.90 -11.71
CA GLY B 25 -9.60 21.59 -12.35
C GLY B 25 -9.80 21.77 -13.85
N LYS B 26 -10.46 20.82 -14.49
CA LYS B 26 -10.71 20.91 -15.92
C LYS B 26 -11.65 22.07 -16.24
N LYS B 27 -12.65 22.30 -15.41
CA LYS B 27 -13.55 23.44 -15.63
C LYS B 27 -12.89 24.76 -15.27
N PHE B 28 -11.97 24.75 -14.30
CA PHE B 28 -11.23 25.96 -13.99
C PHE B 28 -10.41 26.42 -15.19
N GLU B 29 -9.62 25.51 -15.76
CA GLU B 29 -8.84 25.80 -16.95
C GLU B 29 -9.74 26.27 -18.09
N LYS B 30 -10.85 25.56 -18.33
CA LYS B 30 -11.79 25.96 -19.37
C LYS B 30 -12.24 27.40 -19.18
N ASP B 31 -12.42 27.82 -17.93
CA ASP B 31 -12.86 29.19 -17.65
C ASP B 31 -11.71 30.18 -17.62
N THR B 32 -10.54 29.78 -17.10
CA THR B 32 -9.46 30.72 -16.83
C THR B 32 -8.18 30.46 -17.62
N GLY B 33 -8.12 29.40 -18.41
CA GLY B 33 -6.89 29.04 -19.09
C GLY B 33 -5.77 28.56 -18.20
N ILE B 34 -6.00 28.47 -16.90
CA ILE B 34 -4.97 28.07 -15.95
C ILE B 34 -5.05 26.56 -15.75
N LYS B 35 -3.91 25.88 -15.92
CA LYS B 35 -3.90 24.43 -15.81
C LYS B 35 -3.88 24.01 -14.35
N VAL B 36 -4.57 22.92 -14.07
CA VAL B 36 -4.55 22.30 -12.75
C VAL B 36 -4.10 20.85 -12.92
N THR B 37 -3.23 20.41 -12.01
CA THR B 37 -2.74 19.04 -12.02
C THR B 37 -2.95 18.44 -10.65
N VAL B 38 -3.76 17.41 -10.57
CA VAL B 38 -3.99 16.69 -9.32
C VAL B 38 -3.04 15.50 -9.28
N GLU B 39 -2.40 15.29 -8.13
CA GLU B 39 -1.52 14.16 -7.95
C GLU B 39 -1.72 13.60 -6.55
N HIS B 40 -1.45 12.31 -6.37
CA HIS B 40 -1.75 11.61 -5.13
C HIS B 40 -0.57 10.78 -4.65
N PRO B 41 0.56 11.43 -4.32
CA PRO B 41 1.76 10.67 -3.97
C PRO B 41 1.59 9.95 -2.64
N ASP B 42 2.35 8.87 -2.49
CA ASP B 42 2.42 8.18 -1.23
C ASP B 42 3.08 9.06 -0.18
N LYS B 43 2.55 9.01 1.05
CA LYS B 43 3.14 9.73 2.19
C LYS B 43 3.26 11.22 1.94
N LEU B 44 2.31 11.80 1.20
CA LEU B 44 2.37 13.24 0.91
C LEU B 44 2.36 14.06 2.18
N GLU B 45 1.74 13.55 3.24
CA GLU B 45 1.70 14.28 4.50
C GLU B 45 3.05 14.27 5.21
N GLU B 46 3.95 13.37 4.82
CA GLU B 46 5.34 13.41 5.26
C GLU B 46 6.22 14.16 4.27
N LYS B 47 5.94 14.03 2.97
CA LYS B 47 6.78 14.67 1.96
C LYS B 47 6.56 16.17 1.91
N PHE B 48 5.35 16.65 2.21
CA PHE B 48 5.10 18.09 2.14
C PHE B 48 6.01 18.90 3.05
N PRO B 49 6.10 18.62 4.36
CA PRO B 49 6.96 19.47 5.20
C PRO B 49 8.42 19.49 4.76
N GLN B 50 8.88 18.40 4.13
N GLN B 50 8.89 18.42 4.13
CA GLN B 50 10.27 18.35 3.69
CA GLN B 50 10.28 18.39 3.69
C GLN B 50 10.49 19.21 2.45
C GLN B 50 10.49 19.23 2.44
N VAL B 51 9.61 19.11 1.45
CA VAL B 51 9.82 19.82 0.19
C VAL B 51 9.32 21.26 0.25
N ALA B 52 8.38 21.56 1.15
CA ALA B 52 7.92 22.94 1.28
C ALA B 52 8.89 23.78 2.11
N ALA B 53 9.65 23.14 3.01
CA ALA B 53 10.63 23.87 3.81
C ALA B 53 11.67 24.54 2.94
N THR B 54 11.91 24.01 1.74
CA THR B 54 12.89 24.56 0.81
C THR B 54 12.27 25.36 -0.31
N GLY B 55 11.00 25.73 -0.19
CA GLY B 55 10.34 26.51 -1.24
C GLY B 55 9.89 25.71 -2.43
N ASP B 56 9.75 24.40 -2.30
CA ASP B 56 9.25 23.54 -3.38
C ASP B 56 7.94 22.90 -2.96
N GLY B 57 7.39 22.08 -3.84
CA GLY B 57 6.18 21.33 -3.54
C GLY B 57 4.97 21.81 -4.32
N PRO B 58 3.79 21.43 -3.85
CA PRO B 58 2.55 21.83 -4.53
C PRO B 58 2.06 23.18 -4.04
N ASP B 59 1.17 23.77 -4.84
CA ASP B 59 0.48 24.97 -4.39
C ASP B 59 -0.50 24.65 -3.27
N ILE B 60 -1.26 23.56 -3.43
CA ILE B 60 -2.34 23.19 -2.53
C ILE B 60 -2.12 21.76 -2.06
N ILE B 61 -2.21 21.55 -0.75
CA ILE B 61 -2.13 20.20 -0.18
C ILE B 61 -3.41 19.92 0.58
N PHE B 62 -4.00 18.75 0.31
CA PHE B 62 -5.17 18.25 1.02
C PHE B 62 -4.75 17.21 2.05
N TRP B 63 -5.31 17.31 3.26
CA TRP B 63 -5.16 16.28 4.28
C TRP B 63 -6.13 16.60 5.39
N ALA B 64 -6.37 15.62 6.26
CA ALA B 64 -7.10 15.93 7.47
C ALA B 64 -6.38 17.06 8.22
N HIS B 65 -7.17 17.89 8.92
CA HIS B 65 -6.63 19.07 9.57
C HIS B 65 -5.55 18.77 10.61
N ASP B 66 -5.52 17.54 11.14
CA ASP B 66 -4.60 17.22 12.24
C ASP B 66 -3.14 17.43 11.87
N ARG B 67 -2.82 17.41 10.56
CA ARG B 67 -1.45 17.64 10.13
C ARG B 67 -1.08 19.11 10.06
N PHE B 68 -2.05 20.02 10.06
CA PHE B 68 -1.77 21.37 9.60
C PHE B 68 -1.16 22.26 10.68
N GLY B 69 -1.47 22.02 11.95
CA GLY B 69 -0.80 22.77 13.00
C GLY B 69 0.70 22.59 12.97
N GLY B 70 1.16 21.35 12.75
CA GLY B 70 2.59 21.13 12.55
C GLY B 70 3.11 21.89 11.34
N TYR B 71 2.37 21.89 10.25
CA TYR B 71 2.80 22.64 9.07
C TYR B 71 2.84 24.14 9.35
N ALA B 72 1.88 24.63 10.15
CA ALA B 72 1.80 26.06 10.41
C ALA B 72 2.91 26.51 11.36
N GLN B 73 3.13 25.75 12.45
N GLN B 73 3.12 25.77 12.46
CA GLN B 73 4.19 26.12 13.39
CA GLN B 73 4.19 26.07 13.39
C GLN B 73 5.55 26.16 12.71
C GLN B 73 5.53 26.18 12.69
N SER B 74 5.72 25.42 11.60
CA SER B 74 6.93 25.48 10.80
C SER B 74 6.86 26.49 9.68
N GLY B 75 5.80 27.29 9.62
CA GLY B 75 5.70 28.37 8.63
C GLY B 75 5.56 27.95 7.18
N LEU B 76 4.83 26.88 6.92
CA LEU B 76 4.73 26.31 5.57
C LEU B 76 3.46 26.70 4.82
N LEU B 77 2.50 27.35 5.48
CA LEU B 77 1.17 27.58 4.91
C LEU B 77 0.88 29.07 4.82
N ALA B 78 0.27 29.48 3.69
CA ALA B 78 -0.29 30.81 3.57
C ALA B 78 -1.47 31.01 4.51
N GLU B 79 -1.58 32.20 5.08
CA GLU B 79 -2.76 32.49 5.89
C GLU B 79 -3.97 32.69 4.98
N ILE B 80 -5.12 32.24 5.46
CA ILE B 80 -6.36 32.35 4.71
C ILE B 80 -7.19 33.43 5.37
N THR B 81 -7.57 34.45 4.59
CA THR B 81 -8.38 35.58 5.06
C THR B 81 -9.52 35.81 4.09
N PRO B 82 -10.57 34.99 4.18
CA PRO B 82 -11.73 35.20 3.30
C PRO B 82 -12.60 36.32 3.82
N ALA B 83 -13.38 36.88 2.90
CA ALA B 83 -14.43 37.81 3.29
C ALA B 83 -15.43 37.12 4.20
N ALA B 84 -16.07 37.90 5.08
CA ALA B 84 -17.04 37.32 6.01
C ALA B 84 -18.16 36.61 5.27
N ALA B 85 -18.58 37.13 4.10
CA ALA B 85 -19.66 36.50 3.37
C ALA B 85 -19.25 35.11 2.88
N PHE B 86 -18.00 34.94 2.45
CA PHE B 86 -17.55 33.59 2.12
C PHE B 86 -17.41 32.74 3.37
N GLN B 87 -16.77 33.27 4.41
CA GLN B 87 -16.60 32.49 5.63
C GLN B 87 -17.93 32.00 6.18
N ASP B 88 -18.99 32.80 6.04
CA ASP B 88 -20.32 32.39 6.48
C ASP B 88 -20.87 31.21 5.68
N LYS B 89 -20.30 30.90 4.51
CA LYS B 89 -20.82 29.81 3.69
C LYS B 89 -20.47 28.42 4.24
N LEU B 90 -19.54 28.34 5.19
CA LEU B 90 -19.05 27.08 5.75
C LEU B 90 -19.32 27.06 7.24
N TYR B 91 -19.50 25.85 7.80
CA TYR B 91 -19.85 25.73 9.20
C TYR B 91 -18.72 26.27 10.08
N PRO B 92 -19.04 26.99 11.17
CA PRO B 92 -17.99 27.50 12.05
C PRO B 92 -17.09 26.42 12.63
N PHE B 93 -17.64 25.25 12.97
CA PHE B 93 -16.79 24.22 13.54
C PHE B 93 -15.79 23.68 12.54
N THR B 94 -16.04 23.79 11.24
CA THR B 94 -15.03 23.35 10.31
C THR B 94 -13.92 24.38 10.20
N TRP B 95 -14.27 25.67 10.26
CA TRP B 95 -13.25 26.70 10.36
C TRP B 95 -12.45 26.52 11.64
N ASP B 96 -13.10 26.15 12.75
CA ASP B 96 -12.38 25.93 13.99
C ASP B 96 -11.31 24.85 13.81
N ALA B 97 -11.59 23.84 12.99
CA ALA B 97 -10.62 22.78 12.76
C ALA B 97 -9.34 23.27 12.10
N VAL B 98 -9.39 24.38 11.37
CA VAL B 98 -8.23 24.87 10.64
C VAL B 98 -7.71 26.19 11.21
N ARG B 99 -8.00 26.49 12.47
CA ARG B 99 -7.47 27.67 13.13
C ARG B 99 -6.28 27.25 13.99
N TYR B 100 -5.10 27.81 13.69
CA TYR B 100 -3.89 27.60 14.49
C TYR B 100 -3.31 28.95 14.88
N ASN B 101 -3.25 29.21 16.18
CA ASN B 101 -2.73 30.48 16.71
C ASN B 101 -3.51 31.67 16.16
N GLY B 102 -4.84 31.56 16.24
CA GLY B 102 -5.70 32.65 15.80
C GLY B 102 -5.88 32.80 14.31
N LYS B 103 -4.90 32.37 13.52
CA LYS B 103 -4.95 32.51 12.07
C LYS B 103 -5.59 31.30 11.40
N LEU B 104 -6.30 31.55 10.31
CA LEU B 104 -6.81 30.47 9.47
C LEU B 104 -5.72 30.04 8.50
N ILE B 105 -5.39 28.75 8.50
CA ILE B 105 -4.28 28.22 7.70
C ILE B 105 -4.74 27.35 6.54
N ALA B 106 -6.01 26.96 6.49
CA ALA B 106 -6.50 26.14 5.39
C ALA B 106 -7.97 26.42 5.15
N TYR B 107 -8.48 25.93 4.00
CA TYR B 107 -9.93 25.89 3.77
C TYR B 107 -10.49 24.55 4.21
N PRO B 108 -11.52 24.53 5.06
CA PRO B 108 -12.15 23.25 5.39
C PRO B 108 -13.06 22.79 4.27
N ILE B 109 -13.09 21.48 4.04
CA ILE B 109 -13.81 20.90 2.91
C ILE B 109 -14.92 19.97 3.38
N ALA B 110 -14.59 19.01 4.24
CA ALA B 110 -15.57 17.98 4.62
C ALA B 110 -15.15 17.31 5.92
N VAL B 111 -16.16 16.88 6.67
CA VAL B 111 -15.99 16.25 7.98
C VAL B 111 -16.06 14.74 7.82
N GLU B 112 -15.03 14.05 8.30
CA GLU B 112 -14.92 12.61 8.19
C GLU B 112 -14.96 11.94 9.56
N ALA B 113 -15.59 10.77 9.62
CA ALA B 113 -15.56 9.92 10.79
C ALA B 113 -15.82 8.49 10.35
N LEU B 114 -15.21 7.54 11.06
CA LEU B 114 -15.40 6.13 10.80
C LEU B 114 -16.74 5.65 11.31
N SER B 115 -17.36 4.73 10.57
CA SER B 115 -18.58 4.09 11.00
C SER B 115 -18.43 2.57 10.87
N LEU B 116 -19.36 1.84 11.47
CA LEU B 116 -19.44 0.40 11.25
C LEU B 116 -20.19 0.16 9.94
N ILE B 117 -19.53 -0.44 8.97
CA ILE B 117 -20.17 -0.87 7.72
C ILE B 117 -20.43 -2.37 7.80
N TYR B 118 -21.66 -2.80 7.51
CA TYR B 118 -22.04 -4.19 7.67
C TYR B 118 -22.82 -4.69 6.47
N ASN B 119 -22.68 -5.99 6.19
CA ASN B 119 -23.34 -6.67 5.07
C ASN B 119 -24.72 -7.14 5.52
N LYS B 120 -25.77 -6.46 5.05
CA LYS B 120 -27.12 -6.69 5.55
C LYS B 120 -27.61 -8.11 5.25
N ASP B 121 -27.08 -8.74 4.20
CA ASP B 121 -27.53 -10.10 3.89
C ASP B 121 -26.89 -11.12 4.82
N LEU B 122 -25.62 -10.92 5.17
CA LEU B 122 -25.00 -11.78 6.17
C LEU B 122 -25.45 -11.45 7.58
N LEU B 123 -25.91 -10.23 7.82
CA LEU B 123 -26.03 -9.74 9.19
C LEU B 123 -27.07 -8.62 9.26
N PRO B 124 -28.36 -8.94 9.25
CA PRO B 124 -29.37 -7.88 9.23
C PRO B 124 -29.44 -7.09 10.52
N ASN B 125 -28.93 -7.63 11.62
CA ASN B 125 -28.93 -6.95 12.92
C ASN B 125 -27.51 -6.93 13.42
N PRO B 126 -26.76 -5.87 13.09
CA PRO B 126 -25.35 -5.81 13.47
C PRO B 126 -25.19 -5.67 14.98
N PRO B 127 -24.02 -6.03 15.51
CA PRO B 127 -23.83 -5.99 16.96
C PRO B 127 -23.80 -4.58 17.52
N LYS B 128 -24.51 -4.40 18.65
CA LYS B 128 -24.45 -3.14 19.38
C LYS B 128 -23.19 -3.02 20.23
N THR B 129 -22.52 -4.14 20.52
CA THR B 129 -21.37 -4.15 21.42
C THR B 129 -20.21 -4.86 20.76
N TRP B 130 -19.00 -4.37 21.02
CA TRP B 130 -17.80 -5.13 20.70
C TRP B 130 -17.84 -6.51 21.34
N GLU B 131 -18.38 -6.58 22.56
CA GLU B 131 -18.27 -7.79 23.36
C GLU B 131 -18.93 -8.99 22.68
N GLU B 132 -19.99 -8.75 21.93
CA GLU B 132 -20.74 -9.84 21.30
C GLU B 132 -20.17 -10.24 19.95
N ILE B 133 -19.02 -9.69 19.55
CA ILE B 133 -18.41 -10.02 18.26
C ILE B 133 -17.82 -11.43 18.29
N PRO B 134 -17.00 -11.81 19.29
CA PRO B 134 -16.46 -13.19 19.30
C PRO B 134 -17.48 -14.29 19.04
N ALA B 135 -18.62 -14.28 19.75
CA ALA B 135 -19.66 -15.26 19.48
C ALA B 135 -20.12 -15.19 18.03
N LEU B 136 -20.41 -13.98 17.54
CA LEU B 136 -20.86 -13.82 16.17
C LEU B 136 -19.85 -14.38 15.18
N ASP B 137 -18.55 -14.15 15.42
CA ASP B 137 -17.55 -14.73 14.54
C ASP B 137 -17.64 -16.26 14.53
N LYS B 138 -17.96 -16.86 15.68
CA LYS B 138 -18.11 -18.31 15.73
C LYS B 138 -19.27 -18.79 14.86
N GLU B 139 -20.42 -18.13 14.98
CA GLU B 139 -21.55 -18.48 14.13
C GLU B 139 -21.18 -18.35 12.65
N LEU B 140 -20.46 -17.29 12.29
CA LEU B 140 -20.18 -17.00 10.88
C LEU B 140 -19.09 -17.90 10.33
N LYS B 141 -18.05 -18.19 11.11
CA LYS B 141 -16.97 -19.04 10.60
C LYS B 141 -17.46 -20.43 10.25
N ALA B 142 -18.56 -20.87 10.86
CA ALA B 142 -19.19 -22.13 10.45
C ALA B 142 -19.75 -22.05 9.03
N LYS B 143 -20.11 -20.84 8.57
CA LYS B 143 -20.67 -20.63 7.26
C LYS B 143 -19.62 -20.20 6.23
N GLY B 144 -18.35 -20.39 6.54
CA GLY B 144 -17.29 -19.96 5.65
C GLY B 144 -16.97 -18.47 5.67
N LYS B 145 -17.54 -17.73 6.61
CA LYS B 145 -17.40 -16.27 6.65
C LYS B 145 -16.65 -15.84 7.91
N SER B 146 -16.50 -14.52 8.08
CA SER B 146 -15.98 -13.97 9.32
C SER B 146 -16.82 -12.76 9.73
N ALA B 147 -16.66 -12.35 10.98
CA ALA B 147 -17.50 -11.29 11.51
C ALA B 147 -17.00 -9.92 11.09
N LEU B 148 -15.72 -9.65 11.30
CA LEU B 148 -15.22 -8.30 11.16
C LEU B 148 -13.81 -8.31 10.60
N MET B 149 -13.58 -7.49 9.58
CA MET B 149 -12.23 -7.21 9.10
C MET B 149 -12.12 -5.72 8.81
N PHE B 150 -11.12 -5.08 9.42
CA PHE B 150 -10.82 -3.69 9.14
C PHE B 150 -9.32 -3.49 9.24
N ASN B 151 -8.85 -2.38 8.71
CA ASN B 151 -7.41 -2.11 8.69
C ASN B 151 -6.87 -2.07 10.12
N LEU B 152 -5.89 -2.92 10.39
CA LEU B 152 -5.24 -2.98 11.70
C LEU B 152 -3.85 -2.37 11.66
N GLN B 153 -3.40 -1.86 10.52
CA GLN B 153 -2.08 -1.27 10.39
C GLN B 153 -2.07 0.22 10.69
N GLU B 154 -3.22 0.89 10.66
CA GLU B 154 -3.27 2.32 10.92
C GLU B 154 -4.05 2.60 12.19
N PRO B 155 -3.46 3.38 13.12
CA PRO B 155 -4.11 3.57 14.43
C PRO B 155 -5.44 4.31 14.35
N TYR B 156 -5.63 5.14 13.32
CA TYR B 156 -6.91 5.77 13.04
C TYR B 156 -8.07 4.80 13.19
N PHE B 157 -7.92 3.59 12.64
CA PHE B 157 -9.01 2.63 12.64
C PHE B 157 -9.16 1.93 13.99
N THR B 158 -8.09 1.84 14.79
CA THR B 158 -8.19 1.17 16.09
C THR B 158 -8.41 2.13 17.26
N TRP B 159 -8.09 3.41 17.10
CA TRP B 159 -8.34 4.37 18.17
C TRP B 159 -9.76 4.39 18.71
N PRO B 160 -10.83 4.27 17.90
CA PRO B 160 -12.18 4.33 18.49
C PRO B 160 -12.45 3.33 19.62
N LEU B 161 -11.86 2.13 19.54
CA LEU B 161 -12.05 1.17 20.63
C LEU B 161 -11.16 1.52 21.83
N ILE B 162 -9.90 1.89 21.56
CA ILE B 162 -8.99 2.35 22.61
C ILE B 162 -9.65 3.41 23.48
N ALA B 163 -10.28 4.40 22.84
CA ALA B 163 -10.82 5.55 23.56
C ALA B 163 -12.15 5.25 24.26
N ALA B 164 -12.79 4.11 23.96
CA ALA B 164 -14.15 3.87 24.46
C ALA B 164 -14.22 3.90 25.98
N ASP B 165 -13.24 3.31 26.66
CA ASP B 165 -13.28 3.21 28.13
C ASP B 165 -12.41 4.24 28.83
N GLY B 166 -11.62 5.03 28.10
CA GLY B 166 -10.85 6.07 28.77
C GLY B 166 -9.62 6.59 28.06
N GLY B 167 -9.14 5.89 27.03
CA GLY B 167 -7.98 6.37 26.31
C GLY B 167 -8.23 7.76 25.74
N TYR B 168 -7.18 8.57 25.73
CA TYR B 168 -7.25 9.88 25.10
C TYR B 168 -5.85 10.24 24.60
N ALA B 169 -5.80 11.19 23.68
CA ALA B 169 -4.51 11.66 23.24
C ALA B 169 -4.00 12.65 24.28
N PHE B 170 -4.28 13.93 24.07
CA PHE B 170 -3.90 15.00 24.99
C PHE B 170 -5.12 15.50 25.74
N LYS B 171 -4.95 15.74 27.05
CA LYS B 171 -6.03 16.28 27.84
C LYS B 171 -6.27 17.74 27.48
N TYR B 172 -7.54 18.15 27.50
CA TYR B 172 -7.88 19.54 27.25
C TYR B 172 -8.14 20.20 28.59
N ALA B 173 -7.23 21.07 29.01
CA ALA B 173 -7.35 21.74 30.29
C ALA B 173 -6.96 23.20 30.14
N ALA B 174 -7.83 24.09 30.64
CA ALA B 174 -7.56 25.53 30.72
C ALA B 174 -7.37 26.12 29.33
N GLY B 175 -8.32 25.84 28.43
CA GLY B 175 -8.29 26.40 27.10
C GLY B 175 -7.10 25.99 26.25
N LYS B 176 -6.47 24.86 26.55
CA LYS B 176 -5.36 24.37 25.73
C LYS B 176 -5.31 22.85 25.83
N TYR B 177 -4.65 22.25 24.84
CA TYR B 177 -4.37 20.81 24.85
C TYR B 177 -3.07 20.60 25.61
N ASP B 178 -3.17 20.04 26.82
CA ASP B 178 -2.03 19.82 27.72
C ASP B 178 -1.14 18.72 27.14
N ILE B 179 -0.03 19.10 26.48
CA ILE B 179 0.77 18.09 25.78
C ILE B 179 1.61 17.31 26.79
N LYS B 180 1.51 17.66 28.06
CA LYS B 180 2.17 16.86 29.09
C LYS B 180 1.23 15.86 29.74
N ASP B 181 -0.06 15.87 29.39
CA ASP B 181 -1.04 14.95 29.95
C ASP B 181 -1.55 14.06 28.81
N VAL B 182 -0.93 12.89 28.65
CA VAL B 182 -1.27 11.95 27.59
C VAL B 182 -1.97 10.75 28.21
N GLY B 183 -3.02 10.28 27.54
CA GLY B 183 -3.85 9.20 28.05
C GLY B 183 -3.73 7.90 27.28
N VAL B 184 -2.53 7.64 26.76
CA VAL B 184 -2.30 6.44 25.95
C VAL B 184 -2.25 5.18 26.81
N ASP B 185 -1.78 5.28 28.05
CA ASP B 185 -1.52 4.08 28.83
C ASP B 185 -2.38 4.01 30.08
N ASN B 186 -3.61 4.52 30.02
CA ASN B 186 -4.48 4.45 31.18
C ASN B 186 -5.35 3.20 31.11
N ALA B 187 -6.15 3.00 32.17
CA ALA B 187 -7.06 1.85 32.26
C ALA B 187 -7.96 1.76 31.04
N GLY B 188 -8.54 2.88 30.61
CA GLY B 188 -9.41 2.86 29.45
C GLY B 188 -8.68 2.37 28.21
N ALA B 189 -7.52 2.97 27.91
CA ALA B 189 -6.78 2.58 26.72
C ALA B 189 -6.35 1.12 26.79
N LYS B 190 -5.93 0.65 27.98
CA LYS B 190 -5.50 -0.73 28.11
C LYS B 190 -6.65 -1.69 27.87
N ALA B 191 -7.83 -1.41 28.43
CA ALA B 191 -8.95 -2.33 28.28
C ALA B 191 -9.40 -2.44 26.82
N GLY B 192 -9.39 -1.32 26.09
CA GLY B 192 -9.80 -1.36 24.70
C GLY B 192 -8.85 -2.17 23.84
N LEU B 193 -7.54 -1.84 23.90
CA LEU B 193 -6.58 -2.58 23.10
C LEU B 193 -6.47 -4.04 23.54
N THR B 194 -6.71 -4.32 24.82
CA THR B 194 -6.72 -5.70 25.28
C THR B 194 -7.82 -6.49 24.58
N PHE B 195 -9.03 -5.94 24.54
CA PHE B 195 -10.11 -6.59 23.78
C PHE B 195 -9.71 -6.81 22.33
N LEU B 196 -8.91 -5.91 21.77
CA LEU B 196 -8.45 -6.07 20.40
C LEU B 196 -7.55 -7.30 20.27
N VAL B 197 -6.45 -7.30 21.02
CA VAL B 197 -5.48 -8.39 20.92
C VAL B 197 -6.14 -9.72 21.28
N ASP B 198 -7.09 -9.70 22.23
CA ASP B 198 -7.89 -10.89 22.52
C ASP B 198 -8.64 -11.37 21.28
N LEU B 199 -9.18 -10.44 20.48
CA LEU B 199 -9.83 -10.84 19.24
C LEU B 199 -8.84 -11.53 18.30
N ILE B 200 -7.62 -11.00 18.20
CA ILE B 200 -6.61 -11.63 17.36
C ILE B 200 -6.11 -12.93 17.97
N LYS B 201 -5.94 -12.95 19.31
CA LYS B 201 -5.52 -14.18 19.97
C LYS B 201 -6.52 -15.30 19.74
N ASN B 202 -7.81 -15.01 19.86
CA ASN B 202 -8.83 -16.01 19.59
C ASN B 202 -9.12 -16.20 18.11
N LYS B 203 -8.20 -15.77 17.23
CA LYS B 203 -8.29 -15.98 15.79
C LYS B 203 -9.55 -15.35 15.18
N HIS B 204 -10.19 -14.41 15.89
CA HIS B 204 -11.32 -13.68 15.31
C HIS B 204 -10.86 -12.61 14.33
N MET B 205 -9.60 -12.22 14.37
CA MET B 205 -9.03 -11.29 13.40
C MET B 205 -7.58 -11.68 13.16
N ASN B 206 -7.06 -11.18 12.05
CA ASN B 206 -5.69 -11.43 11.63
C ASN B 206 -4.90 -10.14 11.75
N ALA B 207 -3.78 -10.17 12.48
CA ALA B 207 -3.00 -8.96 12.70
C ALA B 207 -2.33 -8.44 11.44
N ASP B 208 -2.32 -9.22 10.36
CA ASP B 208 -1.80 -8.74 9.09
C ASP B 208 -2.85 -8.04 8.24
N THR B 209 -4.11 -8.07 8.65
CA THR B 209 -5.17 -7.43 7.87
C THR B 209 -4.89 -5.93 7.74
N ASP B 210 -4.83 -5.44 6.50
CA ASP B 210 -4.63 -4.03 6.24
C ASP B 210 -5.84 -3.46 5.47
N TYR B 211 -5.67 -2.26 4.90
CA TYR B 211 -6.78 -1.60 4.23
C TYR B 211 -7.28 -2.41 3.03
N SER B 212 -6.37 -2.78 2.13
CA SER B 212 -6.76 -3.47 0.92
C SER B 212 -7.38 -4.83 1.24
N ILE B 213 -6.76 -5.59 2.12
CA ILE B 213 -7.28 -6.92 2.46
C ILE B 213 -8.67 -6.80 3.06
N ALA B 214 -8.85 -5.88 4.00
CA ALA B 214 -10.17 -5.75 4.63
C ALA B 214 -11.20 -5.30 3.60
N GLU B 215 -10.80 -4.41 2.69
CA GLU B 215 -11.74 -3.89 1.69
C GLU B 215 -12.19 -4.98 0.74
N ALA B 216 -11.24 -5.75 0.18
CA ALA B 216 -11.60 -6.83 -0.72
C ALA B 216 -12.48 -7.86 -0.03
N ALA B 217 -12.14 -8.20 1.21
CA ALA B 217 -12.93 -9.18 1.96
C ALA B 217 -14.38 -8.72 2.11
N PHE B 218 -14.59 -7.45 2.51
CA PHE B 218 -15.96 -7.00 2.70
C PHE B 218 -16.69 -6.84 1.37
N ASN B 219 -16.01 -6.31 0.35
CA ASN B 219 -16.69 -6.03 -0.90
C ASN B 219 -16.95 -7.30 -1.72
N LYS B 220 -16.26 -8.39 -1.43
CA LYS B 220 -16.56 -9.70 -2.02
C LYS B 220 -17.53 -10.51 -1.18
N GLY B 221 -18.06 -9.95 -0.10
CA GLY B 221 -18.99 -10.69 0.74
C GLY B 221 -18.36 -11.72 1.64
N GLU B 222 -17.05 -11.61 1.90
CA GLU B 222 -16.37 -12.62 2.70
C GLU B 222 -16.43 -12.33 4.19
N THR B 223 -16.60 -11.08 4.59
CA THR B 223 -16.73 -10.71 5.99
C THR B 223 -17.97 -9.86 6.17
N ALA B 224 -18.63 -9.99 7.33
CA ALA B 224 -19.92 -9.35 7.55
C ALA B 224 -19.82 -7.90 7.99
N MET B 225 -18.67 -7.47 8.48
CA MET B 225 -18.53 -6.10 8.97
C MET B 225 -17.17 -5.56 8.61
N THR B 226 -17.09 -4.24 8.52
CA THR B 226 -15.82 -3.56 8.38
C THR B 226 -15.96 -2.17 9.00
N ILE B 227 -14.82 -1.49 9.13
CA ILE B 227 -14.77 -0.17 9.74
C ILE B 227 -14.08 0.73 8.73
N ASN B 228 -14.74 1.81 8.33
CA ASN B 228 -14.18 2.66 7.29
C ASN B 228 -14.94 3.98 7.25
N GLY B 229 -14.45 4.89 6.40
CA GLY B 229 -15.03 6.21 6.29
C GLY B 229 -15.78 6.43 4.99
N PRO B 230 -16.28 7.65 4.80
CA PRO B 230 -17.10 7.95 3.61
C PRO B 230 -16.44 7.65 2.28
N TRP B 231 -15.13 7.82 2.18
CA TRP B 231 -14.44 7.59 0.90
C TRP B 231 -14.59 6.16 0.40
N ALA B 232 -14.88 5.21 1.29
CA ALA B 232 -14.94 3.79 0.93
C ALA B 232 -16.27 3.37 0.33
N TRP B 233 -17.30 4.20 0.44
CA TRP B 233 -18.64 3.79 0.02
C TRP B 233 -18.71 3.53 -1.47
N SER B 234 -17.96 4.29 -2.27
CA SER B 234 -18.05 4.19 -3.72
C SER B 234 -17.71 2.79 -4.21
N ASN B 235 -16.65 2.19 -3.67
CA ASN B 235 -16.27 0.85 -4.09
C ASN B 235 -17.30 -0.19 -3.66
N ILE B 236 -17.94 -0.02 -2.49
CA ILE B 236 -18.97 -0.97 -2.08
C ILE B 236 -20.19 -0.84 -2.97
N ASP B 237 -20.47 0.37 -3.46
CA ASP B 237 -21.61 0.60 -4.34
C ASP B 237 -21.46 -0.15 -5.65
N THR B 238 -20.24 -0.43 -6.09
CA THR B 238 -20.03 -1.17 -7.34
C THR B 238 -19.91 -2.67 -7.11
N SER B 239 -20.07 -3.14 -5.88
CA SER B 239 -20.12 -4.56 -5.59
C SER B 239 -21.57 -5.00 -5.42
N ALA B 240 -21.75 -6.31 -5.26
CA ALA B 240 -23.07 -6.86 -4.99
C ALA B 240 -23.46 -6.82 -3.53
N VAL B 241 -22.61 -6.27 -2.66
CA VAL B 241 -22.93 -6.24 -1.24
C VAL B 241 -24.06 -5.26 -0.99
N ASN B 242 -25.08 -5.71 -0.29
CA ASN B 242 -26.13 -4.84 0.22
C ASN B 242 -25.70 -4.41 1.62
N TYR B 243 -25.22 -3.16 1.74
CA TYR B 243 -24.54 -2.76 2.96
C TYR B 243 -25.28 -1.66 3.69
N GLY B 244 -24.98 -1.56 4.99
CA GLY B 244 -25.45 -0.46 5.81
C GLY B 244 -24.28 0.23 6.49
N VAL B 245 -24.53 1.42 7.02
CA VAL B 245 -23.54 2.23 7.73
C VAL B 245 -24.18 2.65 9.04
N THR B 246 -23.53 2.35 10.16
CA THR B 246 -24.20 2.53 11.45
C THR B 246 -23.21 2.86 12.56
N VAL B 247 -23.75 3.03 13.77
CA VAL B 247 -22.95 3.37 14.93
C VAL B 247 -21.93 2.28 15.22
N LEU B 248 -20.70 2.68 15.49
CA LEU B 248 -19.68 1.76 15.94
C LEU B 248 -20.13 1.04 17.22
N PRO B 249 -19.64 -0.16 17.46
CA PRO B 249 -20.07 -0.89 18.66
C PRO B 249 -19.54 -0.25 19.92
N THR B 250 -20.29 -0.42 21.00
CA THR B 250 -19.89 0.10 22.29
C THR B 250 -18.98 -0.89 23.01
N PHE B 251 -18.06 -0.36 23.80
CA PHE B 251 -17.15 -1.16 24.60
C PHE B 251 -17.36 -0.82 26.06
N LYS B 252 -17.44 -1.84 26.91
CA LYS B 252 -17.73 -1.66 28.33
C LYS B 252 -18.90 -0.69 28.52
N GLY B 253 -19.96 -0.88 27.72
CA GLY B 253 -21.12 -0.02 27.77
C GLY B 253 -20.90 1.38 27.24
N GLN B 254 -19.69 1.74 26.84
CA GLN B 254 -19.41 3.08 26.39
C GLN B 254 -19.21 3.12 24.87
N PRO B 255 -19.62 4.21 24.22
CA PRO B 255 -19.52 4.28 22.76
C PRO B 255 -18.07 4.38 22.30
N SER B 256 -17.77 3.71 21.19
CA SER B 256 -16.48 3.90 20.55
C SER B 256 -16.39 5.35 20.10
N LYS B 257 -15.17 5.89 20.10
CA LYS B 257 -14.95 7.34 19.99
C LYS B 257 -13.89 7.62 18.94
N PRO B 258 -14.30 7.72 17.67
CA PRO B 258 -13.32 7.93 16.61
C PRO B 258 -12.79 9.35 16.61
N PHE B 259 -11.59 9.51 16.08
CA PHE B 259 -11.00 10.82 15.89
C PHE B 259 -11.54 11.43 14.60
N VAL B 260 -12.25 12.54 14.73
CA VAL B 260 -12.93 13.15 13.59
C VAL B 260 -11.94 14.00 12.82
N GLY B 261 -11.90 13.82 11.49
CA GLY B 261 -11.01 14.55 10.63
C GLY B 261 -11.78 15.51 9.75
N VAL B 262 -11.17 16.66 9.48
CA VAL B 262 -11.73 17.61 8.52
C VAL B 262 -10.78 17.66 7.34
N LEU B 263 -11.18 17.04 6.24
CA LEU B 263 -10.44 17.20 5.01
C LEU B 263 -10.29 18.69 4.73
N SER B 264 -9.04 19.15 4.63
CA SER B 264 -8.75 20.57 4.52
C SER B 264 -7.76 20.81 3.40
N ALA B 265 -7.79 22.02 2.85
CA ALA B 265 -6.90 22.41 1.76
C ALA B 265 -6.10 23.62 2.20
N GLY B 266 -4.80 23.45 2.36
CA GLY B 266 -3.90 24.53 2.67
C GLY B 266 -3.16 24.98 1.43
N ILE B 267 -2.70 26.23 1.45
CA ILE B 267 -1.95 26.83 0.36
C ILE B 267 -0.50 26.97 0.78
N ASN B 268 0.41 26.53 -0.08
CA ASN B 268 1.83 26.55 0.24
C ASN B 268 2.33 27.96 0.43
N ALA B 269 2.84 28.26 1.63
CA ALA B 269 3.41 29.59 1.90
C ALA B 269 4.37 30.02 0.80
N ALA B 270 5.04 29.06 0.17
CA ALA B 270 6.00 29.36 -0.88
C ALA B 270 5.36 29.54 -2.26
N SER B 271 4.04 29.46 -2.37
CA SER B 271 3.42 29.45 -3.70
C SER B 271 3.39 30.86 -4.28
N PRO B 272 3.63 30.99 -5.59
CA PRO B 272 3.43 32.28 -6.27
C PRO B 272 2.02 32.49 -6.80
N ASN B 273 1.15 31.48 -6.74
CA ASN B 273 -0.18 31.54 -7.32
C ASN B 273 -1.26 31.58 -6.23
N LYS B 274 -0.97 32.25 -5.11
CA LYS B 274 -1.89 32.23 -3.99
C LYS B 274 -3.27 32.74 -4.38
N GLU B 275 -3.34 33.77 -5.24
CA GLU B 275 -4.64 34.31 -5.60
C GLU B 275 -5.41 33.34 -6.50
N LEU B 276 -4.71 32.67 -7.43
CA LEU B 276 -5.37 31.66 -8.23
C LEU B 276 -5.86 30.50 -7.36
N ALA B 277 -5.03 30.07 -6.40
CA ALA B 277 -5.44 28.98 -5.51
C ALA B 277 -6.69 29.36 -4.73
N LYS B 278 -6.73 30.59 -4.19
CA LYS B 278 -7.91 31.02 -3.45
C LYS B 278 -9.13 31.06 -4.36
N GLU B 279 -8.93 31.46 -5.62
CA GLU B 279 -10.03 31.48 -6.59
C GLU B 279 -10.56 30.07 -6.85
N PHE B 280 -9.66 29.15 -7.20
CA PHE B 280 -10.07 27.76 -7.41
C PHE B 280 -10.80 27.20 -6.19
N LEU B 281 -10.21 27.37 -5.01
CA LEU B 281 -10.79 26.77 -3.82
C LEU B 281 -12.11 27.43 -3.45
N GLU B 282 -12.19 28.76 -3.49
CA GLU B 282 -13.43 29.42 -3.07
C GLU B 282 -14.53 29.34 -4.12
N ASN B 283 -14.20 29.57 -5.39
CA ASN B 283 -15.22 29.74 -6.41
C ASN B 283 -15.39 28.53 -7.32
N TYR B 284 -14.58 27.49 -7.15
CA TYR B 284 -14.75 26.29 -7.96
C TYR B 284 -14.91 25.04 -7.12
N LEU B 285 -14.01 24.77 -6.17
CA LEU B 285 -14.19 23.58 -5.35
C LEU B 285 -15.36 23.75 -4.39
N LEU B 286 -15.35 24.80 -3.59
CA LEU B 286 -16.32 24.97 -2.51
C LEU B 286 -17.62 25.59 -3.01
N THR B 287 -18.20 24.93 -4.02
CA THR B 287 -19.52 25.25 -4.53
C THR B 287 -20.33 23.96 -4.58
N ASP B 288 -21.64 24.10 -4.72
CA ASP B 288 -22.50 22.92 -4.87
C ASP B 288 -21.99 22.01 -5.99
N GLU B 289 -21.62 22.61 -7.12
CA GLU B 289 -21.20 21.82 -8.28
C GLU B 289 -19.79 21.28 -8.11
N GLY B 290 -18.90 22.06 -7.48
CA GLY B 290 -17.56 21.58 -7.23
C GLY B 290 -17.53 20.38 -6.30
N LEU B 291 -18.28 20.46 -5.20
CA LEU B 291 -18.28 19.38 -4.22
C LEU B 291 -19.00 18.15 -4.75
N GLU B 292 -20.06 18.34 -5.55
CA GLU B 292 -20.75 17.21 -6.15
C GLU B 292 -19.81 16.41 -7.04
N ALA B 293 -18.97 17.09 -7.82
CA ALA B 293 -18.08 16.39 -8.72
C ALA B 293 -17.06 15.53 -7.97
N VAL B 294 -16.55 16.04 -6.85
CA VAL B 294 -15.65 15.24 -6.04
C VAL B 294 -16.42 14.14 -5.33
N ASN B 295 -17.56 14.50 -4.75
CA ASN B 295 -18.35 13.57 -3.96
C ASN B 295 -18.82 12.39 -4.78
N LYS B 296 -19.17 12.63 -6.06
CA LYS B 296 -19.60 11.54 -6.94
C LYS B 296 -18.47 10.56 -7.21
N ASP B 297 -17.23 11.03 -7.10
CA ASP B 297 -16.08 10.15 -7.29
C ASP B 297 -15.88 9.28 -6.05
N LYS B 298 -15.56 9.92 -4.94
CA LYS B 298 -15.48 9.27 -3.63
C LYS B 298 -16.21 10.16 -2.63
N PRO B 299 -17.20 9.65 -1.90
CA PRO B 299 -17.95 10.49 -0.97
C PRO B 299 -17.04 11.19 0.03
N LEU B 300 -17.32 12.47 0.25
CA LEU B 300 -16.51 13.31 1.13
C LEU B 300 -16.90 13.19 2.59
N GLY B 301 -18.12 12.73 2.88
CA GLY B 301 -18.65 12.84 4.22
C GLY B 301 -19.64 13.98 4.33
N ALA B 302 -19.57 14.73 5.44
CA ALA B 302 -20.47 15.86 5.70
C ALA B 302 -19.71 17.12 5.30
N VAL B 303 -20.04 17.67 4.13
CA VAL B 303 -19.21 18.72 3.57
C VAL B 303 -19.34 19.99 4.43
N ALA B 304 -18.32 20.83 4.35
CA ALA B 304 -18.27 22.04 5.16
C ALA B 304 -19.19 23.14 4.60
N LEU B 305 -19.44 23.13 3.29
CA LEU B 305 -20.31 24.11 2.65
C LEU B 305 -21.76 23.86 3.07
N LYS B 306 -22.35 24.84 3.75
CA LYS B 306 -23.69 24.66 4.32
C LYS B 306 -24.72 24.27 3.27
N SER B 307 -24.68 24.91 2.11
CA SER B 307 -25.77 24.71 1.13
C SER B 307 -25.79 23.28 0.61
N TYR B 308 -24.64 22.74 0.25
CA TYR B 308 -24.61 21.38 -0.27
C TYR B 308 -24.73 20.35 0.84
N GLU B 309 -24.28 20.69 2.05
CA GLU B 309 -24.42 19.78 3.18
C GLU B 309 -25.89 19.53 3.49
N GLU B 310 -26.72 20.56 3.39
CA GLU B 310 -28.15 20.38 3.62
C GLU B 310 -28.79 19.53 2.54
N GLU B 311 -28.28 19.61 1.30
CA GLU B 311 -28.84 18.79 0.24
C GLU B 311 -28.48 17.32 0.42
N LEU B 312 -27.33 17.01 1.01
CA LEU B 312 -26.93 15.63 1.23
C LEU B 312 -27.33 15.08 2.58
N ALA B 313 -27.87 15.92 3.47
CA ALA B 313 -28.06 15.52 4.86
C ALA B 313 -29.05 14.38 5.03
N LYS B 314 -29.91 14.15 4.04
CA LYS B 314 -30.89 13.09 4.17
C LYS B 314 -30.26 11.70 4.05
N ASP B 315 -29.01 11.60 3.64
CA ASP B 315 -28.38 10.29 3.41
C ASP B 315 -28.17 9.57 4.74
N PRO B 316 -28.72 8.37 4.92
CA PRO B 316 -28.51 7.64 6.17
C PRO B 316 -27.05 7.34 6.45
N ARG B 317 -26.23 7.19 5.41
CA ARG B 317 -24.80 6.94 5.62
C ARG B 317 -24.08 8.16 6.17
N ILE B 318 -24.53 9.36 5.77
CA ILE B 318 -23.95 10.58 6.32
C ILE B 318 -24.45 10.81 7.73
N ALA B 319 -25.72 10.51 7.99
CA ALA B 319 -26.24 10.68 9.34
C ALA B 319 -25.56 9.72 10.31
N ALA B 320 -25.26 8.49 9.87
CA ALA B 320 -24.47 7.59 10.70
C ALA B 320 -23.07 8.16 10.91
N THR B 321 -22.47 8.71 9.86
CA THR B 321 -21.14 9.31 9.97
C THR B 321 -21.13 10.42 11.02
N MET B 322 -22.19 11.22 11.09
CA MET B 322 -22.24 12.32 12.05
C MET B 322 -22.56 11.83 13.45
N GLU B 323 -23.41 10.80 13.57
CA GLU B 323 -23.64 10.20 14.89
C GLU B 323 -22.34 9.67 15.46
N ASN B 324 -21.48 9.10 14.62
CA ASN B 324 -20.18 8.64 15.07
C ASN B 324 -19.24 9.81 15.36
N ALA B 325 -19.33 10.89 14.58
CA ALA B 325 -18.55 12.09 14.88
C ALA B 325 -18.92 12.67 16.24
N GLN B 326 -20.21 12.68 16.57
CA GLN B 326 -20.62 13.27 17.85
C GLN B 326 -20.21 12.41 19.03
N LYS B 327 -20.19 11.08 18.87
CA LYS B 327 -19.72 10.19 19.91
C LYS B 327 -18.21 10.31 20.12
N GLY B 328 -17.48 10.72 19.10
CA GLY B 328 -16.05 10.81 19.12
C GLY B 328 -15.55 12.19 19.46
N GLU B 329 -14.35 12.50 18.99
CA GLU B 329 -13.65 13.73 19.35
C GLU B 329 -13.05 14.34 18.09
N ILE B 330 -13.24 15.65 17.91
CA ILE B 330 -12.49 16.36 16.89
C ILE B 330 -11.01 16.18 17.22
N MET B 331 -10.21 16.03 16.18
CA MET B 331 -8.78 15.89 16.41
C MET B 331 -8.20 17.24 16.80
N PRO B 332 -7.19 17.27 17.67
CA PRO B 332 -6.35 18.46 17.77
C PRO B 332 -5.60 18.62 16.47
N ASN B 333 -5.29 19.88 16.13
CA ASN B 333 -4.40 20.17 15.03
C ASN B 333 -2.99 20.52 15.47
N ILE B 334 -2.71 20.45 16.77
CA ILE B 334 -1.41 20.86 17.35
C ILE B 334 -0.27 20.03 16.78
N PRO B 335 0.91 20.61 16.60
CA PRO B 335 2.06 19.86 16.04
C PRO B 335 2.33 18.50 16.64
N GLN B 336 1.99 18.27 17.92
CA GLN B 336 2.32 17.00 18.55
C GLN B 336 1.30 15.87 18.26
N MET B 337 0.34 16.07 17.36
CA MET B 337 -0.58 14.99 17.01
C MET B 337 0.14 13.88 16.24
N SER B 338 0.96 14.25 15.26
CA SER B 338 1.65 13.26 14.46
C SER B 338 2.51 12.35 15.34
N ALA B 339 3.27 12.94 16.27
CA ALA B 339 4.00 12.16 17.26
C ALA B 339 3.07 11.21 18.01
N PHE B 340 1.85 11.67 18.31
CA PHE B 340 0.88 10.79 18.96
C PHE B 340 0.49 9.63 18.04
N TRP B 341 0.32 9.90 16.75
CA TRP B 341 -0.13 8.86 15.84
C TRP B 341 0.94 7.78 15.64
N TYR B 342 2.19 8.20 15.41
CA TYR B 342 3.29 7.23 15.29
C TYR B 342 3.41 6.38 16.53
N ALA B 343 3.27 6.99 17.71
CA ALA B 343 3.36 6.24 18.96
C ALA B 343 2.29 5.17 19.04
N VAL B 344 1.04 5.56 18.81
CA VAL B 344 -0.04 4.58 18.89
C VAL B 344 0.08 3.57 17.73
N ARG B 345 0.63 4.01 16.59
CA ARG B 345 0.82 3.09 15.48
C ARG B 345 1.70 1.91 15.88
N THR B 346 2.84 2.21 16.49
CA THR B 346 3.75 1.16 16.93
C THR B 346 3.09 0.29 17.99
N ALA B 347 2.49 0.92 18.99
CA ALA B 347 1.87 0.17 20.08
C ALA B 347 0.85 -0.86 19.57
N VAL B 348 0.03 -0.48 18.59
CA VAL B 348 -1.00 -1.39 18.11
C VAL B 348 -0.38 -2.53 17.31
N ILE B 349 0.57 -2.20 16.42
CA ILE B 349 1.20 -3.22 15.60
C ILE B 349 1.95 -4.23 16.45
N ASN B 350 2.78 -3.74 17.38
CA ASN B 350 3.57 -4.65 18.20
C ASN B 350 2.69 -5.49 19.11
N ALA B 351 1.65 -4.90 19.68
CA ALA B 351 0.75 -5.67 20.54
C ALA B 351 -0.07 -6.67 19.73
N ALA B 352 -0.44 -6.31 18.50
CA ALA B 352 -1.20 -7.24 17.68
C ALA B 352 -0.32 -8.37 17.16
N SER B 353 0.91 -8.04 16.74
CA SER B 353 1.81 -9.07 16.23
C SER B 353 2.34 -9.94 17.36
N GLY B 354 3.05 -9.33 18.31
CA GLY B 354 3.49 -10.06 19.47
C GLY B 354 4.80 -9.57 20.05
N ARG B 355 5.37 -8.51 19.45
CA ARG B 355 6.62 -7.96 19.94
C ARG B 355 6.51 -7.33 21.33
N GLN B 356 5.31 -7.21 21.88
CA GLN B 356 5.08 -6.63 23.20
C GLN B 356 3.73 -7.10 23.73
N THR B 357 3.53 -6.89 25.02
CA THR B 357 2.19 -7.02 25.60
C THR B 357 1.45 -5.69 25.49
N VAL B 358 0.17 -5.71 25.85
CA VAL B 358 -0.65 -4.50 25.80
C VAL B 358 -0.07 -3.45 26.76
N ASP B 359 0.07 -3.82 28.04
CA ASP B 359 0.66 -2.90 29.01
C ASP B 359 2.06 -2.46 28.59
N ALA B 360 2.86 -3.39 28.04
CA ALA B 360 4.18 -3.02 27.57
C ALA B 360 4.12 -2.04 26.41
N ALA B 361 3.26 -2.33 25.42
CA ALA B 361 3.23 -1.51 24.20
C ALA B 361 2.72 -0.11 24.49
N LEU B 362 1.66 0.01 25.29
CA LEU B 362 1.06 1.30 25.58
C LEU B 362 1.93 2.13 26.54
N ALA B 363 2.64 1.46 27.45
CA ALA B 363 3.60 2.18 28.28
C ALA B 363 4.66 2.85 27.41
N ALA B 364 5.14 2.15 26.38
CA ALA B 364 6.16 2.70 25.51
C ALA B 364 5.61 3.80 24.62
N ALA B 365 4.34 3.70 24.22
CA ALA B 365 3.75 4.74 23.37
C ALA B 365 3.50 6.01 24.16
N GLN B 366 2.99 5.89 25.39
CA GLN B 366 2.84 7.04 26.28
C GLN B 366 4.13 7.84 26.33
N THR B 367 5.25 7.14 26.48
CA THR B 367 6.55 7.78 26.43
C THR B 367 6.86 8.33 25.04
N ASN B 368 6.48 7.58 24.00
CA ASN B 368 6.81 7.96 22.63
C ASN B 368 6.04 9.18 22.16
N ALA B 369 4.96 9.54 22.84
CA ALA B 369 4.16 10.68 22.39
C ALA B 369 4.77 12.01 22.79
N ALA B 370 5.45 12.07 23.94
CA ALA B 370 5.95 13.32 24.48
C ALA B 370 6.82 14.06 23.48
N ALA B 371 6.82 15.39 23.59
CA ALA B 371 7.68 16.22 22.75
C ALA B 371 9.14 15.93 23.08
N LYS B 372 9.99 15.97 22.06
CA LYS B 372 11.41 15.73 22.20
C LYS B 372 12.13 17.05 22.01
N PHE B 373 12.86 17.50 23.03
CA PHE B 373 13.61 18.73 22.92
C PHE B 373 14.73 18.54 21.88
N ASN B 374 15.18 19.66 21.32
CA ASN B 374 16.18 19.60 20.25
C ASN B 374 17.56 19.76 20.86
N PHE B 375 18.16 18.63 21.24
CA PHE B 375 19.51 18.63 21.78
C PHE B 375 20.54 18.61 20.64
N THR B 376 21.70 19.20 20.91
CA THR B 376 22.80 19.15 19.98
C THR B 376 23.51 17.80 20.04
N GLU B 377 24.21 17.46 18.95
CA GLU B 377 24.96 16.22 18.92
C GLU B 377 25.96 16.17 20.07
N ARG B 378 26.56 17.31 20.40
CA ARG B 378 27.45 17.36 21.56
C ARG B 378 26.71 16.96 22.84
N ASP B 379 25.41 17.27 22.94
CA ASP B 379 24.63 16.87 24.11
C ASP B 379 24.42 15.36 24.15
N LEU B 380 24.28 14.71 22.99
CA LEU B 380 23.96 13.30 22.89
C LEU B 380 25.19 12.41 22.93
N THR B 381 26.36 12.98 22.64
CA THR B 381 27.62 12.25 22.52
C THR B 381 28.36 12.35 23.84
N ARG B 382 28.65 11.21 24.45
CA ARG B 382 29.50 11.15 25.65
C ARG B 382 30.50 10.04 25.42
N ASP B 383 31.60 10.37 24.75
CA ASP B 383 32.63 9.40 24.38
C ASP B 383 33.83 9.63 25.29
N VAL B 384 33.91 8.87 26.36
CA VAL B 384 34.95 9.02 27.36
C VAL B 384 36.01 7.96 27.10
N ASP B 385 37.23 8.41 26.79
CA ASP B 385 38.39 7.53 26.76
C ASP B 385 38.82 7.35 28.21
N PHE B 386 38.23 6.36 28.86
CA PHE B 386 38.43 6.16 30.29
C PHE B 386 39.62 5.25 30.50
N ASN B 387 40.71 5.81 31.03
CA ASN B 387 41.93 5.07 31.24
C ASN B 387 42.03 4.73 32.73
N ILE B 388 41.56 3.53 33.08
CA ILE B 388 41.62 3.08 34.46
C ILE B 388 43.06 2.96 34.94
N LYS B 389 44.01 2.78 34.02
CA LYS B 389 45.43 2.77 34.36
C LYS B 389 46.01 4.16 34.47
N GLY B 390 45.25 5.19 34.10
CA GLY B 390 45.76 6.55 34.12
C GLY B 390 45.34 7.31 35.35
N ASP B 391 44.79 8.50 35.17
CA ASP B 391 44.38 9.35 36.28
C ASP B 391 42.88 9.62 36.31
N ASP B 392 42.10 8.88 35.53
CA ASP B 392 40.66 9.07 35.46
C ASP B 392 39.97 8.46 36.66
N VAL B 393 38.96 9.17 37.19
CA VAL B 393 38.18 8.75 38.34
C VAL B 393 36.70 8.92 38.03
N ILE B 394 35.92 7.87 38.21
CA ILE B 394 34.46 7.98 38.11
C ILE B 394 33.91 8.37 39.48
N VAL B 395 33.01 9.35 39.50
CA VAL B 395 32.44 9.84 40.75
C VAL B 395 30.94 9.58 40.68
N PHE B 396 30.45 8.65 41.51
CA PHE B 396 29.03 8.32 41.55
C PHE B 396 28.36 9.17 42.63
N LEU B 397 27.55 10.13 42.19
CA LEU B 397 26.70 10.91 43.07
C LEU B 397 25.42 10.10 43.32
N HIS B 398 25.24 9.61 44.54
CA HIS B 398 24.07 8.78 44.88
C HIS B 398 23.01 9.68 45.49
N ILE B 399 21.89 9.86 44.78
CA ILE B 399 20.71 10.55 45.32
C ILE B 399 19.82 9.49 45.97
N GLN B 400 19.33 9.76 47.18
CA GLN B 400 18.56 8.78 47.92
C GLN B 400 17.39 8.25 47.10
N LYS B 401 17.26 6.91 47.08
CA LYS B 401 16.06 6.22 46.60
C LYS B 401 15.94 6.26 45.08
N THR B 402 17.06 6.37 44.39
CA THR B 402 17.08 6.31 42.93
C THR B 402 17.58 4.97 42.41
N GLY B 403 17.62 3.95 43.27
CA GLY B 403 18.26 2.71 42.88
C GLY B 403 19.77 2.78 42.88
N GLY B 404 20.37 3.62 43.74
CA GLY B 404 21.81 3.73 43.81
C GLY B 404 22.52 2.57 44.51
N THR B 405 21.82 1.83 45.38
CA THR B 405 22.44 0.64 45.97
C THR B 405 22.71 -0.40 44.88
N THR B 406 21.69 -0.72 44.08
CA THR B 406 21.86 -1.64 42.97
C THR B 406 22.90 -1.13 41.98
N PHE B 407 22.76 0.12 41.53
CA PHE B 407 23.71 0.64 40.55
C PHE B 407 25.12 0.67 41.12
N GLY B 408 25.27 1.13 42.36
CA GLY B 408 26.59 1.15 42.97
C GLY B 408 27.20 -0.23 43.12
N ARG B 409 26.37 -1.23 43.43
CA ARG B 409 26.88 -2.60 43.50
C ARG B 409 27.36 -3.05 42.13
N HIS B 410 26.61 -2.71 41.07
CA HIS B 410 27.07 -3.00 39.71
C HIS B 410 28.46 -2.46 39.47
N LEU B 411 28.73 -1.24 39.97
CA LEU B 411 30.00 -0.61 39.68
C LEU B 411 31.18 -1.34 40.33
N VAL B 412 30.97 -1.93 41.51
CA VAL B 412 32.07 -2.58 42.22
C VAL B 412 32.10 -4.10 42.05
N ARG B 413 30.98 -4.73 41.69
CA ARG B 413 30.94 -6.18 41.55
C ARG B 413 30.74 -6.68 40.13
N ASN B 414 30.32 -5.84 39.18
CA ASN B 414 29.80 -6.38 37.93
C ASN B 414 30.45 -5.83 36.66
N ILE B 415 31.56 -5.09 36.76
CA ILE B 415 32.30 -4.64 35.59
C ILE B 415 33.43 -5.62 35.31
N ARG B 416 33.56 -6.04 34.06
CA ARG B 416 34.66 -6.91 33.67
C ARG B 416 35.96 -6.10 33.68
N LEU B 417 36.85 -6.42 34.61
CA LEU B 417 38.03 -5.61 34.87
C LEU B 417 39.27 -6.49 34.91
N GLU B 418 40.38 -5.94 34.39
CA GLU B 418 41.67 -6.60 34.52
C GLU B 418 42.01 -6.84 35.99
N GLN B 419 41.83 -5.83 36.84
CA GLN B 419 41.95 -6.00 38.29
C GLN B 419 40.62 -5.64 38.95
N PRO B 420 39.79 -6.62 39.29
CA PRO B 420 38.50 -6.34 39.91
C PRO B 420 38.65 -5.65 41.26
N CYS B 421 37.54 -5.06 41.72
CA CYS B 421 37.48 -4.56 43.08
C CYS B 421 37.57 -5.72 44.06
N ASP B 422 38.28 -5.51 45.16
CA ASP B 422 38.36 -6.50 46.25
C ASP B 422 37.24 -6.20 47.24
N CYS B 423 36.24 -7.10 47.28
CA CYS B 423 35.07 -6.94 48.13
C CYS B 423 35.07 -8.05 49.19
N LYS B 424 35.62 -7.76 50.35
CA LYS B 424 35.66 -8.72 51.44
C LYS B 424 34.27 -8.81 52.08
N ALA B 425 33.65 -9.99 51.98
CA ALA B 425 32.30 -10.24 52.47
C ALA B 425 32.12 -9.87 53.95
N LYS B 428 31.34 -3.35 54.24
CA LYS B 428 30.47 -2.83 53.20
C LYS B 428 31.30 -2.30 52.02
N LYS B 429 32.45 -1.73 52.33
CA LYS B 429 33.29 -1.08 51.34
C LYS B 429 34.10 -2.10 50.54
N CYS B 430 34.27 -1.83 49.26
CA CYS B 430 35.25 -2.54 48.47
C CYS B 430 36.46 -1.64 48.23
N THR B 431 37.56 -2.27 47.85
CA THR B 431 38.73 -1.54 47.41
C THR B 431 38.81 -1.64 45.89
N CYS B 432 38.66 -0.51 45.20
CA CYS B 432 38.61 -0.49 43.74
C CYS B 432 39.86 0.22 43.23
N HIS B 433 40.94 -0.54 43.12
CA HIS B 433 42.25 0.02 42.84
C HIS B 433 42.62 -0.15 41.38
N ARG B 434 43.40 0.82 40.88
CA ARG B 434 43.99 0.68 39.56
C ARG B 434 44.93 -0.52 39.56
N PRO B 435 45.12 -1.18 38.41
CA PRO B 435 45.95 -2.39 38.39
C PRO B 435 47.32 -2.15 38.99
N GLY B 436 47.63 -2.88 40.06
CA GLY B 436 48.94 -2.81 40.66
C GLY B 436 49.28 -1.53 41.38
N LYS B 437 48.28 -0.75 41.81
CA LYS B 437 48.51 0.48 42.54
C LYS B 437 47.57 0.53 43.74
N GLN B 438 47.79 1.53 44.59
CA GLN B 438 46.89 1.83 45.70
C GLN B 438 46.02 3.06 45.42
N GLU B 439 45.79 3.38 44.14
CA GLU B 439 44.94 4.49 43.73
C GLU B 439 43.56 3.97 43.37
N SER B 440 42.53 4.70 43.80
CA SER B 440 41.16 4.33 43.49
C SER B 440 40.71 4.98 42.18
N TRP B 441 40.05 4.18 41.33
CA TRP B 441 39.49 4.70 40.10
C TRP B 441 38.01 5.06 40.23
N LEU B 442 37.40 4.77 41.37
CA LEU B 442 35.97 4.97 41.59
C LEU B 442 35.80 5.65 42.95
N PHE B 443 35.16 6.81 42.95
CA PHE B 443 34.75 7.48 44.18
C PHE B 443 33.26 7.20 44.37
N SER B 444 32.93 6.46 45.42
CA SER B 444 31.55 6.06 45.65
C SER B 444 31.41 5.48 47.05
N ARG B 445 30.16 5.45 47.51
CA ARG B 445 29.82 4.81 48.77
C ARG B 445 30.49 3.44 48.96
N PHE B 446 30.42 2.56 47.96
CA PHE B 446 30.96 1.21 48.09
C PHE B 446 32.44 1.10 47.73
N SER B 447 33.09 2.18 47.32
CA SER B 447 34.51 2.12 46.99
C SER B 447 35.36 3.02 47.88
N THR B 448 34.84 4.17 48.29
CA THR B 448 35.57 5.10 49.13
C THR B 448 34.74 5.55 50.33
N GLY B 449 33.57 4.97 50.56
CA GLY B 449 32.76 5.36 51.69
C GLY B 449 32.02 6.67 51.44
N TRP B 450 31.73 7.38 52.52
CA TRP B 450 31.12 8.70 52.43
C TRP B 450 32.15 9.77 52.80
N SER B 451 33.31 9.74 52.14
CA SER B 451 34.41 10.59 52.58
C SER B 451 34.18 12.07 52.28
N CYS B 452 33.19 12.43 51.49
CA CYS B 452 32.80 13.83 51.32
C CYS B 452 31.45 14.13 51.96
N GLY B 453 30.93 13.23 52.79
CA GLY B 453 29.68 13.43 53.46
C GLY B 453 28.65 12.40 53.02
N LEU B 454 27.76 12.03 53.94
CA LEU B 454 26.68 11.09 53.64
C LEU B 454 25.84 11.62 52.49
N HIS B 455 25.73 10.83 51.41
CA HIS B 455 25.00 11.22 50.21
C HIS B 455 25.40 12.63 49.75
N ALA B 456 26.71 12.86 49.66
CA ALA B 456 27.21 14.15 49.19
C ALA B 456 26.57 14.52 47.85
N ASP B 457 26.08 15.75 47.75
CA ASP B 457 25.39 16.21 46.55
C ASP B 457 26.38 16.87 45.57
N TRP B 458 25.87 17.42 44.48
CA TRP B 458 26.75 18.03 43.47
C TRP B 458 27.62 19.12 44.10
N THR B 459 27.01 19.99 44.89
CA THR B 459 27.76 21.06 45.53
C THR B 459 28.87 20.52 46.42
N GLU B 460 28.55 19.50 47.22
CA GLU B 460 29.54 18.95 48.14
C GLU B 460 30.66 18.23 47.41
N LEU B 461 30.31 17.40 46.42
CA LEU B 461 31.33 16.62 45.72
C LEU B 461 32.25 17.50 44.88
N THR B 462 31.70 18.49 44.17
CA THR B 462 32.58 19.29 43.32
C THR B 462 33.54 20.13 44.15
N ASN B 463 33.24 20.34 45.42
CA ASN B 463 34.10 21.12 46.30
C ASN B 463 35.01 20.28 47.16
N CYS B 464 34.85 18.96 47.17
CA CYS B 464 35.56 18.12 48.11
C CYS B 464 36.36 17.04 47.43
N VAL B 465 35.83 16.42 46.38
CA VAL B 465 36.49 15.29 45.75
C VAL B 465 37.90 15.61 45.27
N PRO B 466 38.15 16.72 44.56
CA PRO B 466 39.54 16.96 44.09
C PRO B 466 40.54 17.09 45.22
N VAL B 467 40.15 17.72 46.33
CA VAL B 467 41.03 17.81 47.49
C VAL B 467 41.27 16.42 48.08
N ILE B 468 40.19 15.63 48.22
CA ILE B 468 40.26 14.34 48.90
C ILE B 468 41.15 13.36 48.14
N MET B 469 41.00 13.30 46.82
CA MET B 469 41.82 12.37 46.04
C MET B 469 43.30 12.77 46.07
N ASP B 470 43.58 14.05 45.81
CA ASP B 470 44.95 14.56 45.85
C ASP B 470 45.18 15.46 47.06
N ARG B 479 44.17 15.35 36.63
CA ARG B 479 43.23 14.30 37.00
C ARG B 479 41.82 14.56 36.47
N ASN B 480 41.21 13.54 35.87
CA ASN B 480 39.94 13.67 35.18
C ASN B 480 38.84 13.02 36.01
N PHE B 481 37.86 13.81 36.43
CA PHE B 481 36.71 13.32 37.20
C PHE B 481 35.51 13.20 36.29
N TYR B 482 34.93 12.01 36.23
CA TYR B 482 33.75 11.76 35.42
C TYR B 482 32.58 11.52 36.37
N TYR B 483 31.72 12.52 36.51
CA TYR B 483 30.58 12.44 37.42
C TYR B 483 29.44 11.67 36.78
N ILE B 484 28.79 10.81 37.58
CA ILE B 484 27.65 10.03 37.10
C ILE B 484 26.58 9.99 38.18
N THR B 485 25.34 9.70 37.76
CA THR B 485 24.25 9.60 38.73
C THR B 485 23.12 8.78 38.15
N MET B 486 22.11 8.52 39.00
CA MET B 486 20.86 7.90 38.62
C MET B 486 19.72 8.82 39.05
N LEU B 487 18.65 8.86 38.24
CA LEU B 487 17.44 9.59 38.55
C LEU B 487 16.24 8.65 38.47
N ARG B 488 15.17 9.01 39.17
CA ARG B 488 13.95 8.21 39.22
C ARG B 488 12.75 9.14 39.07
N ASP B 489 11.67 8.65 38.44
CA ASP B 489 10.51 9.52 38.30
C ASP B 489 10.09 10.03 39.67
N PRO B 490 9.76 11.31 39.81
CA PRO B 490 9.74 11.89 41.16
C PRO B 490 8.69 11.31 42.09
N VAL B 491 7.51 10.93 41.60
CA VAL B 491 6.48 10.44 42.52
C VAL B 491 6.92 9.11 43.13
N SER B 492 7.42 8.20 42.31
CA SER B 492 7.96 6.94 42.83
C SER B 492 9.10 7.17 43.81
N ARG B 493 10.04 8.05 43.44
CA ARG B 493 11.19 8.32 44.30
C ARG B 493 10.73 8.90 45.63
N TYR B 494 9.79 9.84 45.57
CA TYR B 494 9.24 10.42 46.80
C TYR B 494 8.57 9.36 47.68
N LEU B 495 7.73 8.52 47.08
CA LEU B 495 7.05 7.48 47.85
C LEU B 495 8.06 6.52 48.46
N SER B 496 9.09 6.20 47.69
CA SER B 496 10.18 5.35 48.15
C SER B 496 10.88 5.96 49.35
N GLU B 497 11.10 7.27 49.32
CA GLU B 497 11.75 7.92 50.46
C GLU B 497 10.81 7.96 51.66
N TRP B 498 9.53 8.24 51.42
CA TRP B 498 8.55 8.17 52.51
C TRP B 498 8.61 6.81 53.21
N LYS B 499 8.56 5.72 52.44
CA LYS B 499 8.54 4.38 53.02
C LYS B 499 9.83 4.09 53.79
N HIS B 500 10.96 4.58 53.31
CA HIS B 500 12.22 4.29 53.98
C HIS B 500 12.35 5.11 55.27
N VAL B 501 11.92 6.37 55.22
CA VAL B 501 11.88 7.19 56.42
C VAL B 501 10.91 6.59 57.43
N GLN B 502 9.80 6.03 56.94
CA GLN B 502 8.80 5.43 57.82
C GLN B 502 9.37 4.22 58.55
N ARG B 503 10.28 3.47 57.93
CA ARG B 503 10.96 2.39 58.62
C ARG B 503 12.31 2.82 59.23
N GLY B 504 12.57 4.12 59.39
CA GLY B 504 13.64 4.60 60.26
C GLY B 504 14.76 5.39 59.60
N ALA B 505 14.82 5.54 58.27
CA ALA B 505 15.89 6.31 57.66
C ALA B 505 15.77 7.78 58.02
N THR B 506 16.90 8.43 58.31
CA THR B 506 16.94 9.88 58.49
C THR B 506 18.05 10.58 57.72
N TRP B 507 19.14 9.89 57.36
CA TRP B 507 20.34 10.51 56.80
C TRP B 507 20.76 11.74 57.60
N LYS B 508 20.58 11.68 58.92
CA LYS B 508 20.78 12.85 59.76
C LYS B 508 22.23 13.28 59.86
N THR B 509 23.19 12.44 59.51
CA THR B 509 24.59 12.86 59.61
C THR B 509 25.10 13.51 58.32
N SER B 510 24.24 13.71 57.33
CA SER B 510 24.63 14.43 56.14
C SER B 510 25.16 15.81 56.53
N LEU B 511 26.20 16.25 55.82
CA LEU B 511 26.84 17.53 56.11
C LEU B 511 26.15 18.72 55.45
N HIS B 512 25.63 18.54 54.23
CA HIS B 512 24.99 19.63 53.49
C HIS B 512 25.93 20.83 53.37
N MET B 513 27.21 20.56 53.11
CA MET B 513 28.21 21.62 53.03
C MET B 513 27.92 22.51 51.82
N CYS B 514 27.95 23.83 52.04
CA CYS B 514 27.79 24.79 50.96
C CYS B 514 28.47 26.09 51.39
N ASP B 515 29.25 26.69 50.48
CA ASP B 515 30.05 27.87 50.77
C ASP B 515 30.91 27.67 52.02
N GLY B 516 31.46 26.46 52.14
CA GLY B 516 32.39 26.14 53.20
C GLY B 516 31.81 25.87 54.57
N ARG B 517 30.49 25.85 54.74
CA ARG B 517 29.95 25.53 56.04
C ARG B 517 28.69 24.67 55.93
N SER B 518 28.32 24.00 57.09
CA SER B 518 27.08 23.26 57.21
C SER B 518 25.98 24.17 57.75
N PRO B 519 24.75 23.99 57.30
CA PRO B 519 23.65 24.78 57.86
C PRO B 519 23.29 24.28 59.24
N THR B 520 22.87 25.22 60.10
CA THR B 520 22.34 24.87 61.40
C THR B 520 20.87 24.50 61.29
N GLN B 521 20.30 24.02 62.41
CA GLN B 521 18.88 23.74 62.48
C GLN B 521 18.05 25.00 62.25
N ASP B 522 18.65 26.18 62.41
CA ASP B 522 17.96 27.43 62.11
C ASP B 522 17.74 27.60 60.61
N GLU B 523 18.70 27.15 59.79
CA GLU B 523 18.52 27.18 58.35
C GLU B 523 17.81 25.95 57.83
N LEU B 524 17.92 24.83 58.55
CA LEU B 524 17.35 23.56 58.14
C LEU B 524 16.64 22.90 59.32
N PRO B 525 15.38 23.25 59.55
CA PRO B 525 14.65 22.63 60.65
C PRO B 525 14.36 21.17 60.37
N THR B 526 14.38 20.37 61.43
CA THR B 526 14.04 18.96 61.34
C THR B 526 12.54 18.77 61.31
N CYS B 527 12.10 17.75 60.58
CA CYS B 527 10.68 17.45 60.49
C CYS B 527 10.16 16.61 61.65
N TYR B 528 11.03 16.09 62.51
CA TYR B 528 10.63 15.11 63.49
C TYR B 528 11.20 15.45 64.86
N ASN B 529 10.50 15.01 65.90
CA ASN B 529 11.02 15.01 67.26
C ASN B 529 11.69 13.67 67.56
N GLY B 530 12.67 13.70 68.46
CA GLY B 530 13.33 12.48 68.85
C GLY B 530 14.38 12.05 67.85
N ASP B 531 14.66 10.75 67.81
CA ASP B 531 15.79 10.24 67.04
C ASP B 531 15.48 10.04 65.57
N ASP B 532 14.22 9.90 65.19
CA ASP B 532 13.89 9.62 63.80
C ASP B 532 12.42 9.97 63.56
N TRP B 533 11.97 9.70 62.34
CA TRP B 533 10.61 9.95 61.92
C TRP B 533 9.85 8.65 61.67
N SER B 534 10.25 7.58 62.37
N SER B 534 10.27 7.57 62.33
CA SER B 534 9.65 6.25 62.16
CA SER B 534 9.69 6.26 62.05
C SER B 534 8.15 6.30 62.33
C SER B 534 8.20 6.24 62.34
N GLY B 535 7.46 5.48 61.54
CA GLY B 535 6.02 5.41 61.64
C GLY B 535 5.25 6.49 60.92
N VAL B 536 5.94 7.49 60.33
CA VAL B 536 5.25 8.64 59.76
C VAL B 536 4.30 8.18 58.66
N THR B 537 3.11 8.78 58.61
CA THR B 537 2.19 8.49 57.53
C THR B 537 2.53 9.35 56.31
N LEU B 538 2.02 8.92 55.15
CA LEU B 538 2.24 9.72 53.93
C LEU B 538 1.73 11.14 54.12
N HIS B 539 0.56 11.31 54.70
CA HIS B 539 0.01 12.64 54.90
C HIS B 539 0.92 13.49 55.79
N ASP B 540 1.42 12.93 56.89
CA ASP B 540 2.29 13.72 57.76
C ASP B 540 3.65 13.97 57.10
N PHE B 541 4.16 13.00 56.34
CA PHE B 541 5.36 13.21 55.54
C PHE B 541 5.20 14.41 54.61
N MET B 542 4.10 14.44 53.85
CA MET B 542 3.85 15.51 52.90
C MET B 542 3.59 16.85 53.59
N ASP B 543 3.30 16.85 54.87
CA ASP B 543 2.85 18.05 55.55
C ASP B 543 3.99 18.87 56.14
N CYS B 544 5.18 18.31 56.29
CA CYS B 544 6.31 19.07 56.81
C CYS B 544 6.87 19.99 55.73
N PRO B 545 6.89 21.30 55.93
CA PRO B 545 7.43 22.21 54.89
C PRO B 545 8.92 22.07 54.66
N SER B 546 9.71 21.63 55.65
CA SER B 546 11.15 21.52 55.48
C SER B 546 11.63 20.13 55.08
N ASN B 547 10.71 19.27 54.63
CA ASN B 547 11.07 17.93 54.20
C ASN B 547 12.06 17.97 53.04
N LEU B 548 13.26 17.44 53.27
CA LEU B 548 14.28 17.36 52.24
C LEU B 548 13.93 16.41 51.10
N ALA B 549 12.89 15.57 51.25
CA ALA B 549 12.46 14.75 50.12
C ALA B 549 11.96 15.62 48.96
N ASN B 550 11.39 16.77 49.25
CA ASN B 550 10.79 17.64 48.24
C ASN B 550 11.87 18.15 47.28
N ASN B 551 11.73 17.82 46.00
CA ASN B 551 12.65 18.31 44.97
C ASN B 551 14.08 17.89 45.28
N ARG B 552 14.24 16.69 45.85
CA ARG B 552 15.58 16.26 46.25
C ARG B 552 16.53 16.19 45.06
N GLN B 553 16.06 15.72 43.90
CA GLN B 553 16.96 15.53 42.78
C GLN B 553 17.49 16.87 42.24
N VAL B 554 16.62 17.87 42.15
CA VAL B 554 17.07 19.20 41.75
C VAL B 554 18.02 19.79 42.79
N ARG B 555 17.64 19.74 44.07
CA ARG B 555 18.51 20.30 45.11
C ARG B 555 19.90 19.64 45.09
N MET B 556 19.97 18.34 44.86
CA MET B 556 21.23 17.63 44.94
C MET B 556 22.03 17.68 43.65
N LEU B 557 21.43 18.11 42.55
CA LEU B 557 22.14 18.29 41.30
C LEU B 557 22.52 19.75 41.03
N ALA B 558 21.90 20.70 41.71
CA ALA B 558 22.17 22.10 41.48
C ALA B 558 23.40 22.56 42.26
N ASP B 559 24.00 23.65 41.78
CA ASP B 559 25.03 24.39 42.53
C ASP B 559 24.30 25.28 43.53
N LEU B 560 24.23 24.84 44.79
CA LEU B 560 23.39 25.56 45.73
C LEU B 560 23.96 26.93 46.10
N SER B 561 25.27 27.14 45.88
N SER B 561 25.27 27.16 45.85
CA SER B 561 25.83 28.47 46.11
CA SER B 561 25.82 28.48 46.12
C SER B 561 25.11 29.53 45.29
C SER B 561 25.14 29.55 45.27
N LEU B 562 24.56 29.15 44.13
CA LEU B 562 23.85 30.10 43.29
C LEU B 562 22.63 30.70 43.94
N VAL B 563 22.03 30.05 44.95
CA VAL B 563 20.85 30.62 45.57
C VAL B 563 21.10 31.00 47.03
N GLY B 564 22.36 31.16 47.43
CA GLY B 564 22.64 31.44 48.83
C GLY B 564 22.61 30.21 49.71
N CYS B 565 22.90 29.03 49.16
CA CYS B 565 22.99 27.78 49.90
C CYS B 565 21.63 27.49 50.52
N TYR B 566 21.51 27.35 51.82
CA TYR B 566 20.26 26.98 52.46
C TYR B 566 19.55 28.18 53.09
N ASN B 567 20.04 29.39 52.86
CA ASN B 567 19.38 30.58 53.38
C ASN B 567 18.26 30.95 52.43
N LEU B 568 17.05 30.50 52.76
CA LEU B 568 15.90 30.71 51.90
C LEU B 568 15.55 32.17 51.74
N SER B 569 15.93 33.03 52.69
CA SER B 569 15.50 34.42 52.66
C SER B 569 16.45 35.34 51.91
N THR B 570 17.48 34.80 51.24
CA THR B 570 18.32 35.65 50.41
C THR B 570 17.59 36.21 49.20
N MET B 571 16.54 35.53 48.73
CA MET B 571 15.86 35.93 47.51
C MET B 571 14.46 35.32 47.51
N ASN B 572 13.61 35.82 46.61
CA ASN B 572 12.28 35.27 46.43
C ASN B 572 12.36 33.85 45.87
N GLU B 573 11.36 33.04 46.25
CA GLU B 573 11.21 31.72 45.66
C GLU B 573 11.06 31.80 44.14
N SER B 574 10.44 32.87 43.64
CA SER B 574 10.28 33.02 42.19
C SER B 574 11.60 33.29 41.48
N GLU B 575 12.62 33.72 42.21
CA GLU B 575 13.97 33.77 41.65
C GLU B 575 14.76 32.49 41.92
N ARG B 576 14.59 31.90 43.11
CA ARG B 576 15.37 30.72 43.47
C ARG B 576 15.00 29.51 42.61
N ASN B 577 13.70 29.33 42.32
CA ASN B 577 13.29 28.11 41.61
C ASN B 577 13.84 28.01 40.20
N PRO B 578 13.77 29.05 39.35
CA PRO B 578 14.38 28.90 38.02
C PRO B 578 15.90 28.74 38.08
N ILE B 579 16.54 29.29 39.09
CA ILE B 579 17.99 29.09 39.21
C ILE B 579 18.31 27.63 39.51
N LEU B 580 17.61 27.04 40.49
CA LEU B 580 17.84 25.65 40.84
C LEU B 580 17.61 24.71 39.66
N LEU B 581 16.48 24.88 38.95
CA LEU B 581 16.14 23.98 37.86
C LEU B 581 17.15 24.08 36.72
N ALA B 582 17.51 25.31 36.34
CA ALA B 582 18.48 25.47 35.26
C ALA B 582 19.84 24.91 35.65
N SER B 583 20.24 25.13 36.92
CA SER B 583 21.53 24.63 37.36
C SER B 583 21.55 23.11 37.37
N ALA B 584 20.50 22.48 37.92
CA ALA B 584 20.45 21.02 37.92
C ALA B 584 20.47 20.46 36.50
N LYS B 585 19.67 21.05 35.60
CA LYS B 585 19.64 20.56 34.22
C LYS B 585 21.02 20.61 33.60
N SER B 586 21.71 21.74 33.79
CA SER B 586 23.02 21.94 33.18
C SER B 586 24.06 21.01 33.78
N ASN B 587 24.14 20.98 35.11
CA ASN B 587 25.08 20.05 35.76
C ASN B 587 24.80 18.61 35.35
N LEU B 588 23.52 18.23 35.24
CA LEU B 588 23.19 16.85 34.84
C LEU B 588 23.61 16.58 33.39
N LYS B 589 23.25 17.49 32.49
CA LYS B 589 23.58 17.31 31.08
C LYS B 589 25.10 17.23 30.88
N ASN B 590 25.86 17.97 31.67
CA ASN B 590 27.30 18.03 31.47
C ASN B 590 28.06 16.90 32.15
N MET B 591 27.39 16.08 32.96
CA MET B 591 28.01 14.88 33.48
C MET B 591 28.43 13.96 32.35
N ALA B 592 29.39 13.06 32.67
CA ALA B 592 29.79 12.06 31.70
C ALA B 592 28.64 11.11 31.37
N PHE B 593 27.83 10.76 32.36
CA PHE B 593 26.75 9.81 32.13
C PHE B 593 25.74 9.89 33.27
N TYR B 594 24.48 9.56 32.98
CA TYR B 594 23.51 9.27 34.03
C TYR B 594 22.50 8.24 33.52
N GLY B 595 21.93 7.47 34.44
CA GLY B 595 20.91 6.50 34.10
C GLY B 595 19.58 6.83 34.74
N LEU B 596 18.58 6.03 34.39
CA LEU B 596 17.23 6.15 34.94
C LEU B 596 16.82 4.79 35.51
N THR B 597 16.25 4.82 36.72
CA THR B 597 15.90 3.59 37.42
C THR B 597 14.95 2.73 36.58
N GLU B 598 14.01 3.34 35.88
CA GLU B 598 13.01 2.61 35.13
C GLU B 598 13.54 1.98 33.84
N PHE B 599 14.79 2.28 33.44
CA PHE B 599 15.38 1.75 32.20
C PHE B 599 16.72 1.10 32.54
N GLN B 600 16.67 -0.02 33.27
CA GLN B 600 17.91 -0.66 33.73
C GLN B 600 18.81 -1.10 32.57
N ARG B 601 18.24 -1.71 31.53
CA ARG B 601 19.11 -2.21 30.45
C ARG B 601 19.60 -1.08 29.55
N LYS B 602 18.79 -0.07 29.29
CA LYS B 602 19.29 1.09 28.53
C LYS B 602 20.38 1.82 29.32
N THR B 603 20.20 1.93 30.64
CA THR B 603 21.22 2.47 31.53
C THR B 603 22.53 1.69 31.39
N GLN B 604 22.45 0.36 31.53
CA GLN B 604 23.61 -0.49 31.32
C GLN B 604 24.26 -0.16 29.99
N TYR B 605 23.46 -0.14 28.93
CA TYR B 605 23.99 0.04 27.58
C TYR B 605 24.71 1.37 27.46
N LEU B 606 24.11 2.46 27.94
CA LEU B 606 24.74 3.77 27.76
C LEU B 606 25.98 3.91 28.62
N PHE B 607 25.99 3.32 29.82
CA PHE B 607 27.20 3.34 30.63
C PHE B 607 28.34 2.63 29.91
N GLU B 608 28.06 1.43 29.39
CA GLU B 608 29.07 0.66 28.69
C GLU B 608 29.66 1.45 27.53
N ARG B 609 28.81 2.05 26.71
CA ARG B 609 29.31 2.73 25.53
C ARG B 609 29.95 4.06 25.88
N THR B 610 29.51 4.71 26.97
CA THR B 610 30.15 5.95 27.38
C THR B 610 31.59 5.70 27.81
N PHE B 611 31.82 4.67 28.62
CA PHE B 611 33.15 4.46 29.17
C PHE B 611 33.94 3.35 28.48
N HIS B 612 33.36 2.69 27.47
CA HIS B 612 33.96 1.51 26.85
C HIS B 612 34.33 0.47 27.91
N LEU B 613 33.32 0.10 28.70
CA LEU B 613 33.41 -0.99 29.66
C LEU B 613 32.26 -1.94 29.39
N ARG B 614 32.32 -3.13 29.97
CA ARG B 614 31.22 -4.07 29.79
C ARG B 614 30.91 -4.74 31.12
N PHE B 615 29.62 -4.89 31.40
CA PHE B 615 29.21 -5.57 32.62
C PHE B 615 29.18 -7.09 32.38
N ILE B 616 29.37 -7.83 33.47
CA ILE B 616 29.44 -9.29 33.40
C ILE B 616 28.05 -9.90 33.32
N SER B 617 27.16 -9.54 34.23
CA SER B 617 25.78 -10.02 34.21
C SER B 617 24.86 -8.86 33.82
N ALA B 618 23.81 -9.19 33.07
CA ALA B 618 22.90 -8.15 32.59
C ALA B 618 22.20 -7.47 33.76
N PHE B 619 22.01 -6.15 33.64
CA PHE B 619 21.11 -5.45 34.55
C PHE B 619 19.71 -6.04 34.43
N THR B 620 18.93 -5.95 35.50
CA THR B 620 17.57 -6.45 35.46
C THR B 620 16.60 -5.38 35.91
N GLN B 621 15.44 -5.35 35.28
CA GLN B 621 14.32 -4.49 35.69
C GLN B 621 13.51 -5.19 36.78
N ILE B 622 13.32 -4.51 37.90
CA ILE B 622 12.60 -5.08 39.03
C ILE B 622 11.51 -4.09 39.42
N ASN B 623 10.37 -4.11 38.76
N ASN B 623 10.36 -4.21 38.75
CA ASN B 623 9.42 -3.03 38.99
CA ASN B 623 9.25 -3.28 38.78
C ASN B 623 8.34 -3.37 40.02
C ASN B 623 8.42 -3.35 40.05
N SER B 624 8.48 -4.47 40.76
CA SER B 624 7.66 -4.68 41.95
C SER B 624 8.35 -4.03 43.15
N THR B 625 8.42 -2.70 43.09
CA THR B 625 9.06 -1.89 44.11
C THR B 625 8.07 -1.57 45.23
N ARG B 626 8.59 -1.08 46.36
CA ARG B 626 7.73 -0.59 47.42
C ARG B 626 6.85 0.57 46.94
N ALA B 627 7.43 1.50 46.18
CA ALA B 627 6.64 2.62 45.69
C ALA B 627 5.53 2.15 44.75
N ALA B 628 5.84 1.19 43.86
CA ALA B 628 4.81 0.70 42.96
C ALA B 628 3.67 0.03 43.71
N ASN B 629 3.93 -0.44 44.92
CA ASN B 629 2.95 -1.12 45.76
C ASN B 629 2.05 -0.17 46.52
N VAL B 630 2.40 1.12 46.59
CA VAL B 630 1.52 2.11 47.22
C VAL B 630 0.30 2.32 46.33
N GLU B 631 -0.88 2.24 46.93
CA GLU B 631 -2.12 2.53 46.22
C GLU B 631 -2.34 4.04 46.29
N LEU B 632 -2.22 4.70 45.15
CA LEU B 632 -2.14 6.15 45.08
C LEU B 632 -3.32 6.68 44.26
N ARG B 633 -4.26 7.33 44.95
CA ARG B 633 -5.31 8.06 44.26
C ARG B 633 -4.70 9.14 43.37
N ASP B 634 -5.40 9.49 42.29
CA ASP B 634 -4.87 10.49 41.38
C ASP B 634 -4.73 11.85 42.06
N ASP B 635 -5.58 12.16 43.04
CA ASP B 635 -5.46 13.43 43.74
C ASP B 635 -4.21 13.47 44.60
N MET B 636 -3.83 12.34 45.19
CA MET B 636 -2.60 12.28 45.97
C MET B 636 -1.38 12.36 45.06
N ARG B 637 -1.45 11.69 43.90
CA ARG B 637 -0.39 11.83 42.92
C ARG B 637 -0.17 13.29 42.53
N SER B 638 -1.26 14.04 42.31
CA SER B 638 -1.12 15.45 41.93
C SER B 638 -0.47 16.27 43.03
N ARG B 639 -0.85 16.02 44.29
CA ARG B 639 -0.25 16.76 45.38
C ARG B 639 1.23 16.43 45.51
N ILE B 640 1.62 15.18 45.28
CA ILE B 640 3.04 14.82 45.35
C ILE B 640 3.80 15.47 44.21
N GLU B 641 3.20 15.52 43.01
CA GLU B 641 3.83 16.20 41.89
C GLU B 641 4.05 17.68 42.18
N GLN B 642 3.10 18.31 42.88
CA GLN B 642 3.23 19.73 43.16
C GLN B 642 4.30 20.02 44.19
N LEU B 643 4.45 19.13 45.19
CA LEU B 643 5.55 19.23 46.13
C LEU B 643 6.90 19.01 45.45
N ASN B 644 6.92 18.34 44.30
CA ASN B 644 8.16 18.01 43.61
C ASN B 644 8.18 18.62 42.22
N MET B 645 7.62 19.82 42.06
N MET B 645 7.67 19.85 42.12
CA MET B 645 7.43 20.33 40.70
CA MET B 645 7.41 20.48 40.83
C MET B 645 8.75 20.63 40.01
C MET B 645 8.70 20.74 40.05
N LEU B 646 9.79 21.03 40.74
CA LEU B 646 11.08 21.19 40.07
C LEU B 646 11.61 19.84 39.60
N ASP B 647 11.53 18.82 40.46
CA ASP B 647 11.94 17.48 40.04
C ASP B 647 11.11 16.98 38.88
N MET B 648 9.81 17.31 38.85
CA MET B 648 9.00 16.85 37.73
C MET B 648 9.55 17.39 36.41
N GLN B 649 9.94 18.67 36.38
CA GLN B 649 10.51 19.25 35.18
C GLN B 649 11.90 18.70 34.90
N LEU B 650 12.72 18.53 35.93
CA LEU B 650 14.05 17.95 35.71
C LEU B 650 13.95 16.57 35.08
N TYR B 651 13.07 15.72 35.62
CA TYR B 651 12.95 14.34 35.14
C TYR B 651 12.40 14.30 33.71
N GLU B 652 11.42 15.14 33.40
CA GLU B 652 10.94 15.20 32.02
C GLU B 652 12.08 15.55 31.08
N PHE B 653 12.91 16.52 31.47
CA PHE B 653 14.12 16.87 30.74
C PHE B 653 15.08 15.68 30.66
N ALA B 654 15.36 15.04 31.81
CA ALA B 654 16.36 13.99 31.84
C ALA B 654 15.92 12.76 31.07
N LYS B 655 14.63 12.43 31.14
CA LYS B 655 14.12 11.26 30.43
C LYS B 655 14.21 11.44 28.93
N ASP B 656 13.91 12.65 28.45
CA ASP B 656 13.99 12.96 27.04
C ASP B 656 15.44 12.88 26.56
N LEU B 657 16.34 13.57 27.28
CA LEU B 657 17.75 13.51 26.93
C LEU B 657 18.28 12.08 26.99
N PHE B 658 17.88 11.32 28.01
CA PHE B 658 18.38 9.95 28.16
C PHE B 658 17.97 9.09 26.97
N LEU B 659 16.70 9.13 26.61
CA LEU B 659 16.22 8.27 25.53
C LEU B 659 16.78 8.70 24.18
N GLN B 660 17.01 10.00 23.97
CA GLN B 660 17.64 10.44 22.73
C GLN B 660 19.09 9.99 22.68
N ARG B 661 19.80 10.06 23.80
CA ARG B 661 21.15 9.52 23.85
C ARG B 661 21.16 8.05 23.50
N TYR B 662 20.24 7.27 24.08
CA TYR B 662 20.16 5.86 23.75
C TYR B 662 19.93 5.64 22.26
N GLN B 663 18.93 6.31 21.69
CA GLN B 663 18.66 6.16 20.26
C GLN B 663 19.86 6.57 19.43
N PHE B 664 20.54 7.66 19.82
CA PHE B 664 21.66 8.16 19.05
C PHE B 664 22.83 7.18 19.05
N VAL B 665 23.20 6.67 20.22
CA VAL B 665 24.33 5.75 20.32
C VAL B 665 24.00 4.44 19.64
N ARG B 666 22.77 3.96 19.82
CA ARG B 666 22.37 2.67 19.25
C ARG B 666 22.41 2.71 17.73
N GLN B 667 21.86 3.77 17.14
CA GLN B 667 21.86 3.84 15.67
C GLN B 667 23.25 4.12 15.13
N ARG B 668 24.09 4.83 15.89
CA ARG B 668 25.48 4.95 15.49
C ARG B 668 26.17 3.60 15.48
N GLU B 669 25.83 2.74 16.43
CA GLU B 669 26.51 1.45 16.52
C GLU B 669 25.99 0.46 15.48
N ARG B 670 24.72 0.53 15.13
CA ARG B 670 24.09 -0.42 14.21
C ARG B 670 24.45 -0.05 12.77
N GLN B 671 25.55 -0.61 12.28
CA GLN B 671 26.11 -0.28 10.98
C GLN B 671 25.92 -1.39 9.95
N GLU B 672 25.13 -2.41 10.25
CA GLU B 672 25.09 -3.59 9.40
C GLU B 672 24.59 -3.26 8.00
N GLU B 673 23.45 -2.57 7.91
CA GLU B 673 22.85 -2.29 6.60
C GLU B 673 23.71 -1.31 5.80
N ARG B 674 24.29 -0.32 6.48
CA ARG B 674 25.20 0.61 5.81
C ARG B 674 26.34 -0.15 5.13
N LEU B 675 26.83 -1.21 5.77
CA LEU B 675 27.94 -1.98 5.19
C LEU B 675 27.48 -2.82 4.01
N LYS B 676 26.28 -3.41 4.10
CA LYS B 676 25.71 -4.09 2.94
C LYS B 676 25.53 -3.12 1.77
N ARG B 677 24.93 -1.96 2.04
CA ARG B 677 24.80 -0.94 1.01
C ARG B 677 26.15 -0.58 0.41
N ARG B 678 27.22 -0.61 1.22
CA ARG B 678 28.53 -0.22 0.72
C ARG B 678 29.15 -1.27 -0.19
N GLU B 679 28.89 -2.56 0.09
CA GLU B 679 29.46 -3.60 -0.76
C GLU B 679 28.76 -3.69 -2.11
N GLU B 680 27.48 -3.32 -2.16
CA GLU B 680 26.77 -3.31 -3.44
C GLU B 680 27.21 -2.14 -4.31
N ARG B 681 27.49 -1.00 -3.69
CA ARG B 681 28.00 0.14 -4.45
C ARG B 681 29.35 -0.19 -5.09
N ARG B 682 30.25 -0.82 -4.32
CA ARG B 682 31.55 -1.20 -4.86
C ARG B 682 31.42 -2.30 -5.91
N TRP B 683 30.50 -3.25 -5.69
CA TRP B 683 30.28 -4.30 -6.68
C TRP B 683 29.73 -3.71 -7.98
N ILE B 684 28.79 -2.77 -7.89
CA ILE B 684 28.23 -2.15 -9.09
C ILE B 684 29.29 -1.35 -9.84
N ARG B 685 30.26 -0.80 -9.11
CA ARG B 685 31.26 0.06 -9.75
C ARG B 685 32.25 -0.77 -10.58
N GLU B 686 32.76 -1.87 -10.01
CA GLU B 686 33.73 -2.71 -10.72
C GLU B 686 33.19 -3.13 -12.09
N ARG B 687 31.97 -3.64 -12.13
CA ARG B 687 31.32 -3.99 -13.39
C ARG B 687 30.99 -2.73 -14.18
C1 BDP C . -52.59 -36.87 -32.24
C2 BDP C . -51.34 -37.73 -32.04
C3 BDP C . -50.16 -36.98 -31.45
C4 BDP C . -49.98 -35.58 -32.02
C5 BDP C . -51.33 -34.89 -32.15
C6 BDP C . -51.26 -33.57 -32.91
O2 BDP C . -51.68 -38.80 -31.17
O3 BDP C . -48.97 -37.69 -31.70
O4 BDP C . -49.12 -34.91 -31.12
O5 BDP C . -52.21 -35.68 -32.89
O6A BDP C . -50.79 -33.62 -34.08
O6B BDP C . -51.68 -32.54 -32.36
C1 GNS C . -48.16 -34.11 -31.84
C2 GNS C . -46.77 -34.21 -31.22
N2 GNS C . -46.32 -35.62 -31.25
S1 GNS C . -45.40 -36.16 -32.45
O1S GNS C . -44.09 -35.63 -32.35
O2S GNS C . -45.34 -37.58 -32.38
O3S GNS C . -45.96 -35.78 -33.69
C3 GNS C . -46.76 -33.68 -29.80
O3 GNS C . -45.43 -33.52 -29.38
C4 GNS C . -47.52 -32.35 -29.65
C5 GNS C . -48.79 -32.31 -30.50
O5 GNS C . -48.51 -32.76 -31.82
C6 GNS C . -49.31 -30.89 -30.61
O6 GNS C . -48.30 -30.10 -31.18
O4 GNS C . -47.84 -32.13 -28.29
C1 BDP C . -47.21 -30.90 -27.85
C2 BDP C . -47.87 -30.36 -26.59
C3 BDP C . -47.15 -29.10 -26.12
C4 BDP C . -45.66 -29.40 -25.92
C5 BDP C . -45.14 -29.91 -27.27
C6 BDP C . -43.64 -30.19 -27.27
O2 BDP C . -49.22 -30.03 -26.81
O3 BDP C . -47.75 -28.62 -24.94
O4 BDP C . -44.97 -28.23 -25.55
O5 BDP C . -45.82 -31.08 -27.64
O6A BDP C . -43.23 -31.27 -26.80
O6B BDP C . -42.88 -29.33 -27.74
C1 GNS C . -44.64 -28.21 -24.14
C2 GNS C . -44.18 -26.81 -23.78
N2 GNS C . -45.14 -25.85 -24.33
S1 GNS C . -46.52 -25.52 -23.57
O1S GNS C . -46.28 -25.06 -22.26
O2S GNS C . -47.33 -26.68 -23.54
O3S GNS C . -47.16 -24.49 -24.31
C3 GNS C . -42.80 -26.53 -24.40
O3 GNS C . -42.34 -25.27 -23.99
C4 GNS C . -41.78 -27.60 -24.06
C5 GNS C . -42.38 -28.98 -24.35
O5 GNS C . -43.65 -29.13 -23.72
C6 GNS C . -41.53 -30.14 -23.86
O6 GNS C . -41.29 -29.94 -22.49
O4 GNS C . -40.62 -27.34 -24.83
C1 BDP C . -39.43 -27.55 -24.04
C2 BDP C . -38.27 -27.90 -24.97
C3 BDP C . -37.03 -28.18 -24.14
C4 BDP C . -36.73 -27.08 -23.12
C5 BDP C . -38.01 -26.74 -22.35
C6 BDP C . -37.88 -25.55 -21.41
O2 BDP C . -38.62 -29.05 -25.69
O3 BDP C . -35.93 -28.40 -25.01
O4 BDP C . -35.80 -27.60 -22.19
O5 BDP C . -39.09 -26.46 -23.23
O6A BDP C . -38.05 -24.39 -21.84
O6B BDP C . -37.65 -25.78 -20.21
C1 GNS C . -34.42 -27.28 -22.46
C2 GNS C . -33.54 -28.27 -21.71
N2 GNS C . -33.88 -29.65 -22.06
S1 GNS C . -33.18 -30.32 -23.32
O1S GNS C . -31.77 -30.28 -23.17
O2S GNS C . -33.58 -31.66 -23.46
O3S GNS C . -33.60 -29.60 -24.46
C3 GNS C . -33.75 -28.08 -20.21
O3 GNS C . -32.91 -28.96 -19.49
C4 GNS C . -33.42 -26.65 -19.84
C5 GNS C . -34.25 -25.68 -20.67
O5 GNS C . -34.05 -25.97 -22.04
C6 GNS C . -33.84 -24.26 -20.37
O6 GNS C . -32.51 -24.07 -20.81
O4 GNS C . -33.69 -26.44 -18.48
C1 GLC D . 14.44 -9.98 -26.81
C2 GLC D . 14.44 -9.83 -25.29
C3 GLC D . 13.02 -9.72 -24.75
C4 GLC D . 12.23 -8.67 -25.50
C5 GLC D . 12.32 -8.89 -27.01
C6 GLC D . 11.63 -7.77 -27.79
O1 GLC D . 13.89 -11.25 -27.11
O2 GLC D . 15.05 -10.96 -24.71
O3 GLC D . 13.09 -9.41 -23.37
O4 GLC D . 10.88 -8.76 -25.12
O5 GLC D . 13.67 -8.97 -27.43
O6 GLC D . 11.38 -8.21 -29.10
C1 GLC D . 10.51 -7.71 -24.22
C2 GLC D . 9.66 -8.31 -23.13
C3 GLC D . 8.46 -8.94 -23.80
C4 GLC D . 7.64 -7.91 -24.58
C5 GLC D . 8.60 -7.16 -25.52
C6 GLC D . 7.91 -5.95 -26.15
O2 GLC D . 10.39 -9.29 -22.43
O3 GLC D . 7.66 -9.62 -22.86
O4 GLC D . 6.69 -8.62 -25.36
O5 GLC D . 9.76 -6.71 -24.85
O6 GLC D . 8.58 -5.50 -27.31
C1 GLC D . 5.32 -8.30 -25.02
C2 GLC D . 4.49 -9.57 -24.93
C3 GLC D . 4.49 -10.27 -26.29
C4 GLC D . 4.05 -9.35 -27.42
C5 GLC D . 4.73 -7.99 -27.30
C6 GLC D . 4.13 -6.98 -28.26
O2 GLC D . 4.98 -10.41 -23.91
O3 GLC D . 3.65 -11.39 -26.24
O4 GLC D . 4.40 -9.88 -28.68
O5 GLC D . 4.66 -7.50 -25.97
O6 GLC D . 5.04 -5.93 -28.46
C1 GLC D . 3.32 -10.66 -29.27
C2 GLC D . 3.87 -11.64 -30.30
C3 GLC D . 4.24 -10.91 -31.58
C4 GLC D . 3.02 -10.16 -32.10
C5 GLC D . 2.54 -9.18 -31.01
C6 GLC D . 1.32 -8.38 -31.47
O2 GLC D . 4.99 -12.35 -29.84
O3 GLC D . 4.72 -11.82 -32.53
O4 GLC D . 3.36 -9.47 -33.27
O5 GLC D . 2.25 -9.89 -29.82
O6 GLC D . 0.18 -9.20 -31.53
C1 BDP E . 43.74 9.37 63.54
C2 BDP E . 43.06 10.73 63.73
C3 BDP E . 41.53 10.66 63.78
C4 BDP E . 41.04 9.79 62.63
C5 BDP E . 41.77 8.47 62.75
C6 BDP E . 41.14 7.41 61.84
O2 BDP E . 43.56 11.30 64.92
O3 BDP E . 41.00 11.97 63.68
O4 BDP E . 39.66 9.51 62.73
O5 BDP E . 43.14 8.66 62.49
O6A BDP E . 41.67 7.16 60.75
O6B BDP E . 40.09 6.86 62.27
C1 GNS E . 38.84 10.40 61.94
C2 GNS E . 37.43 10.24 62.47
N2 GNS E . 37.49 10.37 63.93
S1 GNS E . 37.06 11.76 64.61
O1S GNS E . 37.20 11.66 66.02
O2S GNS E . 35.71 12.05 64.27
O3S GNS E . 37.90 12.79 64.13
C3 GNS E . 36.96 8.82 62.17
O3 GNS E . 35.65 8.63 62.66
C4 GNS E . 37.02 8.50 60.67
C5 GNS E . 38.34 8.94 60.04
O5 GNS E . 38.85 10.18 60.54
C6 GNS E . 38.22 9.08 58.52
O6 GNS E . 38.99 8.09 57.89
O4 GNS E . 36.88 7.10 60.58
C1 BDP E . 35.92 6.68 59.59
C2 BDP E . 36.26 5.26 59.18
C3 BDP E . 35.26 4.70 58.17
C4 BDP E . 33.83 4.95 58.64
C5 BDP E . 33.74 6.45 58.93
C6 BDP E . 32.32 6.93 59.11
O2 BDP E . 37.54 5.27 58.59
O3 BDP E . 35.49 3.32 58.00
O4 BDP E . 32.90 4.69 57.60
O5 BDP E . 34.58 6.74 60.03
O6A BDP E . 31.72 7.35 58.10
O6B BDP E . 31.81 6.86 60.24
C1 GNS E . 32.31 3.38 57.65
C1 GNS E . 31.99 2.68 58.08
C2 GNS E . 31.66 3.17 56.30
C2 GNS E . 31.01 1.87 57.24
N2 GNS E . 32.56 3.68 55.26
N2 GNS E . 31.76 1.23 56.14
S1 GNS E . 33.65 2.68 54.66
S1 GNS E . 32.45 -0.19 56.37
O1S GNS E . 34.50 2.24 55.71
O1S GNS E . 31.44 -1.18 56.42
O2S GNS E . 34.43 3.36 53.69
O2S GNS E . 33.16 -0.18 57.59
O3S GNS E . 32.96 1.60 54.10
O3S GNS E . 33.35 -0.49 55.31
C3 GNS E . 30.40 4.02 56.15
C3 GNS E . 29.90 2.77 56.67
O3 GNS E . 29.75 3.76 54.91
O3 GNS E . 28.90 1.95 56.11
C4 GNS E . 29.47 3.85 57.34
C4 GNS E . 29.32 3.70 57.74
C5 GNS E . 30.31 4.16 58.56
C5 GNS E . 30.44 4.33 58.56
O5 GNS E . 31.36 3.23 58.70
O5 GNS E . 31.27 3.34 59.10
C6 GNS E . 29.48 4.27 59.83
C6 GNS E . 29.88 5.22 59.67
O6 GNS E . 28.66 3.14 59.91
O6 GNS E . 28.78 4.59 60.26
O4 GNS E . 28.54 4.89 57.22
O4 GNS E . 28.59 4.75 57.14
C1 BDP E . 27.18 4.47 57.09
C2 BDP E . 26.40 5.73 57.40
C3 BDP E . 24.89 5.52 57.26
C4 BDP E . 24.54 4.92 55.91
C5 BDP E . 25.44 3.72 55.68
C6 BDP E . 25.21 3.09 54.30
O2 BDP E . 26.71 6.12 58.71
O3 BDP E . 24.28 6.77 57.43
O4 BDP E . 23.20 4.47 55.94
O5 BDP E . 26.81 4.04 55.79
O6A BDP E . 24.41 2.14 54.20
O6B BDP E . 25.85 3.58 53.35
C1 GNS E . 22.25 5.44 55.46
C2 GNS E . 20.85 5.09 55.99
N2 GNS E . 20.81 5.03 57.45
S1 GNS E . 20.60 6.37 58.28
O1S GNS E . 20.63 6.13 59.66
O2S GNS E . 19.36 6.98 57.97
O3S GNS E . 21.64 7.28 57.99
C3 GNS E . 20.42 3.75 55.41
O3 GNS E . 19.10 3.43 55.84
C4 GNS E . 20.45 3.83 53.90
C5 GNS E . 21.82 4.29 53.39
O5 GNS E . 22.22 5.48 54.04
C6 GNS E . 21.76 4.54 51.88
O6 GNS E . 20.83 5.57 51.63
O4 GNS E . 20.13 2.57 53.37
C1 GLC F . -8.21 8.46 5.69
C2 GLC F . -8.57 9.76 6.43
C3 GLC F . -7.38 10.31 7.21
C4 GLC F . -6.71 9.22 8.06
C5 GLC F . -6.47 7.97 7.21
C6 GLC F . -5.89 6.82 8.03
O1 GLC F . -7.25 8.73 4.69
O2 GLC F . -9.02 10.73 5.49
O3 GLC F . -7.81 11.36 8.04
O4 GLC F . -5.49 9.66 8.61
O5 GLC F . -7.67 7.52 6.60
O6 GLC F . -5.13 6.01 7.16
C1 GLC F . -5.61 9.92 10.03
C2 GLC F . -4.95 11.25 10.32
C3 GLC F . -3.46 11.14 10.01
C4 GLC F . -2.83 9.93 10.71
C5 GLC F . -3.66 8.66 10.54
C6 GLC F . -3.09 7.52 11.41
O2 GLC F . -5.51 12.26 9.51
O3 GLC F . -2.82 12.34 10.36
O4 GLC F . -1.57 9.70 10.12
O5 GLC F . -5.01 8.93 10.84
O6 GLC F . -3.82 6.32 11.32
C1 GLC F . -0.52 9.97 11.07
C2 GLC F . 0.53 10.80 10.38
C3 GLC F . 1.05 10.02 9.17
C4 GLC F . 1.53 8.62 9.58
C5 GLC F . 0.51 7.93 10.48
C6 GLC F . 1.08 6.62 11.04
O2 GLC F . -0.05 12.02 9.97
O3 GLC F . 2.09 10.74 8.57
O4 GLC F . 1.69 7.78 8.46
O5 GLC F . 0.10 8.79 11.54
O6 GLC F . 0.08 5.90 11.74
C1 GLC F . 3.06 7.70 8.00
C2 GLC F . 3.06 7.33 6.51
C3 GLC F . 2.93 5.83 6.27
C4 GLC F . 3.96 5.08 7.11
C5 GLC F . 3.82 5.45 8.57
C6 GLC F . 4.89 4.72 9.37
O2 GLC F . 1.97 7.96 5.88
O3 GLC F . 3.09 5.53 4.90
O4 GLC F . 3.80 3.69 6.95
O5 GLC F . 3.92 6.86 8.76
O6 GLC F . 4.69 4.90 10.75
P1 A3P G . -25.83 -23.00 -11.46
O1P A3P G . -26.08 -24.15 -12.40
O2P A3P G . -26.48 -23.28 -10.12
O3P A3P G . -24.36 -22.79 -11.28
P2 A3P G . -30.59 -20.67 -16.51
O4P A3P G . -30.46 -22.10 -16.90
O5P A3P G . -30.37 -19.76 -17.70
O6P A3P G . -31.94 -20.43 -15.93
O5' A3P G . -29.46 -20.33 -15.42
C5' A3P G . -29.42 -21.04 -14.17
C4' A3P G . -28.19 -20.63 -13.40
O4' A3P G . -28.36 -19.27 -12.90
C3' A3P G . -27.90 -21.50 -12.17
O3' A3P G . -26.49 -21.65 -12.02
C2' A3P G . -28.48 -20.67 -11.04
O2' A3P G . -27.93 -21.02 -9.78
C1' A3P G . -28.15 -19.25 -11.51
N9 A3P G . -29.04 -18.25 -10.92
C8 A3P G . -30.40 -18.15 -11.09
N7 A3P G . -30.96 -17.20 -10.38
C5 A3P G . -29.89 -16.64 -9.69
C6 A3P G . -29.82 -15.59 -8.76
N6 A3P G . -30.88 -14.87 -8.37
N1 A3P G . -28.61 -15.27 -8.26
C2 A3P G . -27.55 -15.99 -8.65
N3 A3P G . -27.49 -17.00 -9.50
C4 A3P G . -28.71 -17.28 -10.01
C1 NPO H . -57.42 -36.16 -33.32
C2 NPO H . -56.55 -35.58 -32.39
C3 NPO H . -55.25 -36.06 -32.27
C4 NPO H . -54.81 -37.11 -33.09
C5 NPO H . -55.69 -37.66 -34.02
C6 NPO H . -56.99 -37.20 -34.13
OH NPO H . -53.51 -37.64 -33.04
N1 NPO H . -58.80 -35.69 -33.46
O2 NPO H . -59.48 -36.24 -34.32
O3 NPO H . -59.18 -34.78 -32.75
C1 EDO I . 17.73 -31.62 -29.28
O1 EDO I . 17.78 -30.30 -28.71
C2 EDO I . 16.85 -31.51 -30.51
O2 EDO I . 15.98 -30.39 -30.30
C1 EDO J . -6.68 7.25 -42.60
O1 EDO J . -5.50 6.93 -41.86
C2 EDO J . -7.90 7.08 -41.70
O2 EDO J . -7.89 5.77 -41.13
C1 EDO K . -43.06 -19.89 -15.03
O1 EDO K . -43.63 -21.05 -15.62
C2 EDO K . -43.96 -18.69 -15.34
O2 EDO K . -45.00 -18.63 -14.37
C1 EDO L . -22.44 -17.40 -9.16
O1 EDO L . -22.19 -18.72 -9.65
C2 EDO L . -23.28 -16.59 -10.14
O2 EDO L . -22.54 -16.50 -11.37
C1 EDO M . -20.12 -20.41 -34.77
O1 EDO M . -19.33 -21.11 -33.83
C2 EDO M . -19.37 -19.14 -35.17
O2 EDO M . -18.03 -19.48 -35.54
C1 EDO N . 20.68 -19.74 -34.16
O1 EDO N . 21.50 -18.89 -34.96
C2 EDO N . 21.38 -20.06 -32.84
O2 EDO N . 22.67 -20.62 -33.09
C1 EDO O . 8.61 -7.74 -9.64
O1 EDO O . 7.79 -6.83 -10.39
C2 EDO O . 9.87 -8.05 -10.46
O2 EDO O . 10.53 -6.83 -10.81
C1 EDO P . -30.04 -23.67 -9.67
O1 EDO P . -29.01 -24.65 -9.95
C2 EDO P . -31.29 -23.88 -10.53
O2 EDO P . -31.02 -23.62 -11.91
C1 EDO Q . -10.11 -11.59 -30.57
O1 EDO Q . -9.77 -11.96 -29.23
C2 EDO Q . -10.13 -10.07 -30.65
O2 EDO Q . -9.05 -9.57 -29.84
C1 EDO R . -8.64 -3.02 -23.72
O1 EDO R . -9.87 -3.74 -23.91
C2 EDO R . -8.84 -1.94 -22.66
O2 EDO R . -9.73 -2.45 -21.66
C1 EDO S . -16.60 -19.69 -32.04
O1 EDO S . -16.15 -20.28 -33.27
C2 EDO S . -15.42 -19.29 -31.18
O2 EDO S . -15.25 -20.19 -30.06
CL CL T . -26.29 -5.91 -7.20
CL CL U . -42.36 -23.55 -26.56
CL CL V . -38.42 5.02 -13.64
NA NA W . -23.59 -40.39 -24.28
NA NA X . -31.98 -25.50 -14.57
NA NA Y . -37.57 -28.23 -19.00
NA NA Z . -15.80 -22.67 -5.67
O1 TLA AA . -32.20 -29.93 -14.20
O11 TLA AA . -31.96 -27.74 -13.98
C1 TLA AA . -32.65 -28.76 -14.22
C2 TLA AA . -34.10 -28.58 -14.60
O2 TLA AA . -34.79 -29.83 -14.43
C3 TLA AA . -34.14 -28.17 -16.06
O3 TLA AA . -33.44 -29.14 -16.84
C4 TLA AA . -35.57 -28.01 -16.55
O4 TLA AA . -36.04 -28.83 -17.37
O41 TLA AA . -36.24 -27.05 -16.11
O1 TLA BA . 9.39 -35.61 -11.27
O11 TLA BA . 9.20 -34.21 -9.58
C1 TLA BA . 8.72 -35.05 -10.37
C2 TLA BA . 7.24 -35.41 -10.27
O2 TLA BA . 6.95 -36.42 -11.23
C3 TLA BA . 6.43 -34.14 -10.52
O3 TLA BA . 6.69 -33.71 -11.87
C4 TLA BA . 4.92 -34.34 -10.36
O4 TLA BA . 4.21 -34.23 -11.38
O41 TLA BA . 4.48 -34.62 -9.23
P1 A3P CA . 11.47 1.14 46.57
O1P A3P CA . 11.36 -0.35 46.51
O2P A3P CA . 10.22 1.76 46.03
O3P A3P CA . 11.78 1.64 47.96
P2 A3P CA . 18.43 3.37 46.81
O4P A3P CA . 19.35 2.19 46.68
O5P A3P CA . 18.04 3.56 48.25
O6P A3P CA . 19.08 4.62 46.25
O5' A3P CA . 17.12 3.08 45.92
C5' A3P CA . 16.23 2.00 46.28
C4' A3P CA . 15.02 1.99 45.37
O4' A3P CA . 15.42 1.65 44.01
C3' A3P CA . 13.95 0.97 45.76
O3' A3P CA . 12.65 1.52 45.57
C2' A3P CA . 14.21 -0.17 44.79
O2' A3P CA . 13.12 -1.05 44.62
C1' A3P CA . 14.59 0.61 43.53
N9 A3P CA . 15.36 -0.22 42.60
C8 A3P CA . 16.62 -0.75 42.81
N7 A3P CA . 17.04 -1.51 41.83
C5 A3P CA . 15.97 -1.51 40.92
C6 A3P CA . 15.80 -2.12 39.67
N6 A3P CA . 16.71 -2.91 39.10
N1 A3P CA . 14.64 -1.91 39.03
C2 A3P CA . 13.71 -1.13 39.61
N3 A3P CA . 13.76 -0.50 40.78
C4 A3P CA . 14.94 -0.72 41.38
C1 NPO DA . 47.74 6.41 63.04
C2 NPO DA . 46.55 6.24 63.76
C3 NPO DA . 45.65 7.30 63.85
C4 NPO DA . 45.95 8.52 63.23
C5 NPO DA . 47.15 8.66 62.53
C6 NPO DA . 48.04 7.61 62.43
OH NPO DA . 45.12 9.65 63.28
N1 NPO DA . 48.71 5.33 62.91
O2 NPO DA . 49.71 5.59 62.26
O3 NPO DA . 48.46 4.26 63.45
C1 EDO EA . 9.50 1.67 39.93
O1 EDO EA . 9.09 2.11 41.24
C2 EDO EA . 10.94 2.09 39.61
O2 EDO EA . 11.02 3.52 39.66
C1 EDO FA . -7.88 22.63 16.97
O1 EDO FA . -6.88 21.86 17.65
C2 EDO FA . -8.78 21.68 16.18
O2 EDO FA . -9.33 20.77 17.12
C1 EDO GA . 18.09 25.19 48.17
O1 EDO GA . 16.97 26.07 48.34
C2 EDO GA . 18.29 24.43 49.48
O2 EDO GA . 17.07 23.78 49.81
C1 EDO HA . 19.71 22.67 27.86
O1 EDO HA . 20.88 23.36 27.42
C2 EDO HA . 19.39 23.12 29.29
O2 EDO HA . 20.61 23.11 30.06
C1 EDO IA . 11.02 27.22 38.03
O1 EDO IA . 11.40 27.53 36.69
C2 EDO IA . 9.77 26.34 38.00
O2 EDO IA . 9.36 26.19 36.64
CL CL JA . 9.37 33.87 48.58
CL CL KA . 15.70 -0.36 29.74
NA NA LA . 10.25 10.62 66.27
NA NA MA . 19.22 0.03 57.61
O1 TLA NA . 20.82 -0.92 53.84
O11 TLA NA . 20.75 0.17 55.74
C1 TLA NA . 20.21 -0.25 54.70
C2 TLA NA . 18.72 0.05 54.47
O2 TLA NA . 18.26 0.88 55.54
C3 TLA NA . 17.91 -1.23 54.49
O3 TLA NA . 17.87 -1.74 55.83
C4 TLA NA . 16.48 -0.91 54.05
O4 TLA NA . 16.27 -0.61 52.86
O41 TLA NA . 15.58 -0.97 54.91
O1 TLA OA . 20.00 -3.00 45.65
O11 TLA OA . 20.00 -4.05 47.59
C1 TLA OA . 19.43 -3.35 46.71
C2 TLA OA . 17.97 -2.92 46.89
O2 TLA OA . 17.63 -2.02 45.84
C3 TLA OA . 17.70 -2.19 48.21
O3 TLA OA . 18.55 -1.05 48.34
C4 TLA OA . 16.24 -1.75 48.18
O4 TLA OA . 15.41 -2.48 47.61
O41 TLA OA . 15.92 -0.66 48.71
#